data_2MJN
#
_entry.id   2MJN
#
_entity_poly.entity_id   1
_entity_poly.type   'polypeptide(L)'
_entity_poly.pdbx_seq_one_letter_code
;GAMANHFHVFVGDLSPEITTEDIKAAFAPFGRISDARVVKDMATGKSKGYGFVSFFNKWDAENAIQQMGGQWLGGRQIRT
NWATRKPPAPKSTYESNTKQLSYDEVVNQSSPSNCTVYCGGVTSGLTEQLMRQTFSPFGQIMEIRVFPDKGYSFVRFNSH
ESAAHAIVSVNGTTIEGHVVKCYWGK
;
_entity_poly.pdbx_strand_id   A
#
# COMPACT_ATOMS: atom_id res chain seq x y z
N GLY A 1 32.18 3.34 -0.17
CA GLY A 1 31.52 2.66 0.96
C GLY A 1 30.29 2.00 0.45
N ALA A 2 29.30 1.82 1.29
CA ALA A 2 28.06 1.20 0.87
C ALA A 2 27.22 2.22 0.13
N MET A 3 26.84 1.88 -1.10
CA MET A 3 26.06 2.76 -2.00
C MET A 3 24.76 3.26 -1.35
N ALA A 4 24.28 2.51 -0.38
CA ALA A 4 23.08 2.86 0.35
C ALA A 4 23.27 4.16 1.13
N ASN A 5 24.48 4.39 1.61
CA ASN A 5 24.78 5.56 2.44
C ASN A 5 25.43 6.67 1.59
N HIS A 6 25.58 6.40 0.31
CA HIS A 6 26.15 7.39 -0.58
C HIS A 6 25.03 8.19 -1.17
N PHE A 7 25.21 9.46 -1.21
CA PHE A 7 24.16 10.35 -1.58
C PHE A 7 24.67 11.34 -2.64
N HIS A 8 23.86 11.59 -3.63
CA HIS A 8 24.14 12.56 -4.67
C HIS A 8 23.26 13.77 -4.51
N VAL A 9 23.89 14.90 -4.44
CA VAL A 9 23.19 16.16 -4.35
C VAL A 9 23.31 16.87 -5.67
N PHE A 10 22.25 17.48 -6.11
CA PHE A 10 22.22 18.23 -7.33
C PHE A 10 22.43 19.69 -6.99
N VAL A 11 23.41 20.26 -7.59
CA VAL A 11 23.75 21.61 -7.31
C VAL A 11 23.37 22.46 -8.52
N GLY A 12 22.87 23.64 -8.25
CA GLY A 12 22.47 24.52 -9.31
C GLY A 12 22.74 25.94 -8.93
N ASP A 13 22.48 26.86 -9.85
CA ASP A 13 22.66 28.31 -9.64
C ASP A 13 24.07 28.70 -9.29
N LEU A 14 24.99 27.85 -9.71
CA LEU A 14 26.39 28.07 -9.48
C LEU A 14 26.85 29.30 -10.21
N SER A 15 27.55 30.14 -9.51
CA SER A 15 28.11 31.32 -10.06
C SER A 15 29.22 30.89 -11.05
N PRO A 16 29.34 31.56 -12.21
CA PRO A 16 30.33 31.20 -13.22
C PRO A 16 31.77 31.07 -12.69
N GLU A 17 32.12 31.83 -11.65
CA GLU A 17 33.47 31.83 -11.07
C GLU A 17 33.77 30.47 -10.45
N ILE A 18 32.72 29.76 -10.09
CA ILE A 18 32.80 28.51 -9.40
C ILE A 18 33.28 27.41 -10.35
N THR A 19 33.98 26.47 -9.80
CA THR A 19 34.53 25.39 -10.55
C THR A 19 34.36 24.09 -9.73
N THR A 20 34.66 22.95 -10.34
CA THR A 20 34.55 21.64 -9.71
C THR A 20 35.36 21.57 -8.40
N GLU A 21 36.53 22.11 -8.49
CA GLU A 21 37.49 22.18 -7.40
C GLU A 21 36.93 23.00 -6.23
N ASP A 22 36.16 24.04 -6.58
CA ASP A 22 35.58 24.95 -5.59
C ASP A 22 34.53 24.25 -4.75
N ILE A 23 33.62 23.52 -5.42
CA ILE A 23 32.58 22.78 -4.69
C ILE A 23 33.19 21.75 -3.75
N LYS A 24 34.26 21.08 -4.23
CA LYS A 24 34.96 20.09 -3.43
C LYS A 24 35.40 20.71 -2.11
N ALA A 25 36.03 21.87 -2.18
CA ALA A 25 36.50 22.57 -1.01
C ALA A 25 35.35 23.16 -0.17
N ALA A 26 34.41 23.82 -0.85
CA ALA A 26 33.29 24.52 -0.21
C ALA A 26 32.37 23.58 0.58
N PHE A 27 32.05 22.44 0.02
CA PHE A 27 31.13 21.53 0.65
C PHE A 27 31.81 20.58 1.64
N ALA A 28 33.15 20.43 1.53
CA ALA A 28 33.94 19.51 2.37
C ALA A 28 33.72 19.66 3.92
N PRO A 29 33.71 20.90 4.50
CA PRO A 29 33.50 21.07 5.94
C PRO A 29 32.12 20.62 6.42
N PHE A 30 31.16 20.62 5.51
CA PHE A 30 29.80 20.26 5.88
C PHE A 30 29.57 18.79 5.63
N GLY A 31 30.04 18.32 4.50
CA GLY A 31 29.83 16.96 4.15
C GLY A 31 31.06 16.36 3.54
N ARG A 32 31.34 15.12 3.89
CA ARG A 32 32.51 14.46 3.38
C ARG A 32 32.20 13.95 1.99
N ILE A 33 32.97 14.42 1.07
CA ILE A 33 32.75 14.23 -0.31
C ILE A 33 33.66 13.15 -0.83
N SER A 34 33.13 12.26 -1.61
CA SER A 34 33.93 11.26 -2.27
C SER A 34 34.39 11.87 -3.59
N ASP A 35 33.48 12.64 -4.19
CA ASP A 35 33.72 13.34 -5.45
C ASP A 35 32.64 14.39 -5.65
N ALA A 36 32.95 15.42 -6.37
CA ALA A 36 32.06 16.51 -6.62
C ALA A 36 32.37 16.97 -7.99
N ARG A 37 31.38 17.34 -8.74
CA ARG A 37 31.61 17.69 -10.10
C ARG A 37 30.70 18.80 -10.55
N VAL A 38 31.29 19.77 -11.17
CA VAL A 38 30.59 20.86 -11.74
C VAL A 38 30.67 20.71 -13.22
N VAL A 39 29.57 20.91 -13.88
CA VAL A 39 29.63 20.90 -15.28
C VAL A 39 30.00 22.32 -15.66
N LYS A 40 31.22 22.47 -16.04
CA LYS A 40 31.80 23.74 -16.31
C LYS A 40 32.31 23.74 -17.73
N ASP A 41 32.58 24.89 -18.25
CA ASP A 41 33.14 25.01 -19.58
C ASP A 41 34.58 24.51 -19.58
N MET A 42 34.90 23.77 -20.60
CA MET A 42 36.21 23.16 -20.77
C MET A 42 37.32 24.21 -20.91
N ALA A 43 37.02 25.30 -21.58
CA ALA A 43 38.04 26.28 -21.93
C ALA A 43 38.30 27.29 -20.82
N THR A 44 37.26 27.85 -20.26
CA THR A 44 37.40 28.87 -19.25
C THR A 44 37.35 28.29 -17.84
N GLY A 45 36.86 27.07 -17.72
CA GLY A 45 36.73 26.44 -16.43
C GLY A 45 35.63 27.08 -15.60
N LYS A 46 34.73 27.76 -16.26
CA LYS A 46 33.65 28.45 -15.60
C LYS A 46 32.42 27.59 -15.59
N SER A 47 31.74 27.60 -14.48
CA SER A 47 30.57 26.79 -14.27
C SER A 47 29.47 27.13 -15.25
N LYS A 48 28.72 26.11 -15.64
CA LYS A 48 27.58 26.30 -16.49
C LYS A 48 26.34 26.47 -15.62
N GLY A 49 26.56 26.53 -14.32
CA GLY A 49 25.49 26.82 -13.39
C GLY A 49 24.91 25.61 -12.69
N TYR A 50 25.50 24.45 -12.87
CA TYR A 50 24.97 23.23 -12.25
C TYR A 50 26.06 22.17 -12.05
N GLY A 51 25.74 21.16 -11.28
CA GLY A 51 26.67 20.10 -10.97
C GLY A 51 26.06 19.09 -10.02
N PHE A 52 26.88 18.16 -9.55
CA PHE A 52 26.46 17.07 -8.65
C PHE A 52 27.59 16.76 -7.67
N VAL A 53 27.24 16.30 -6.49
CA VAL A 53 28.25 15.91 -5.49
C VAL A 53 27.91 14.54 -4.93
N SER A 54 28.91 13.70 -4.79
CA SER A 54 28.76 12.40 -4.19
C SER A 54 29.32 12.46 -2.77
N PHE A 55 28.48 12.27 -1.80
CA PHE A 55 28.91 12.26 -0.43
C PHE A 55 29.13 10.86 0.05
N PHE A 56 29.97 10.72 1.05
CA PHE A 56 30.32 9.42 1.60
C PHE A 56 29.24 8.92 2.57
N ASN A 57 28.54 9.86 3.16
CA ASN A 57 27.53 9.53 4.15
C ASN A 57 26.28 10.41 3.95
N LYS A 58 25.12 9.84 4.25
CA LYS A 58 23.83 10.48 4.04
C LYS A 58 23.66 11.80 4.79
N TRP A 59 24.10 11.85 6.04
CA TRP A 59 23.94 13.04 6.86
C TRP A 59 24.72 14.21 6.28
N ASP A 60 25.87 13.89 5.73
CA ASP A 60 26.78 14.86 5.14
C ASP A 60 26.14 15.59 4.01
N ALA A 61 25.45 14.83 3.17
CA ALA A 61 24.79 15.39 2.03
C ALA A 61 23.65 16.27 2.45
N GLU A 62 22.86 15.77 3.37
CA GLU A 62 21.69 16.44 3.88
C GLU A 62 22.07 17.74 4.58
N ASN A 63 23.11 17.67 5.40
CA ASN A 63 23.62 18.84 6.11
C ASN A 63 24.11 19.88 5.12
N ALA A 64 24.85 19.42 4.11
CA ALA A 64 25.38 20.29 3.08
C ALA A 64 24.27 20.99 2.31
N ILE A 65 23.19 20.26 2.02
CA ILE A 65 22.04 20.84 1.30
C ILE A 65 21.47 22.01 2.09
N GLN A 66 21.32 21.81 3.39
CA GLN A 66 20.79 22.83 4.28
C GLN A 66 21.72 24.04 4.41
N GLN A 67 22.99 23.76 4.70
CA GLN A 67 23.99 24.82 4.95
C GLN A 67 24.29 25.62 3.68
N MET A 68 24.21 24.95 2.57
CA MET A 68 24.44 25.58 1.29
C MET A 68 23.16 25.90 0.59
N GLY A 69 22.07 25.88 1.35
CA GLY A 69 20.75 26.18 0.82
C GLY A 69 20.60 27.65 0.48
N GLY A 70 21.22 28.03 -0.60
CA GLY A 70 21.23 29.39 -1.04
C GLY A 70 22.25 30.18 -0.29
N GLN A 71 23.43 29.63 -0.24
CA GLN A 71 24.50 30.27 0.43
C GLN A 71 25.34 30.96 -0.61
N TRP A 72 25.98 32.04 -0.22
CA TRP A 72 26.77 32.84 -1.13
C TRP A 72 28.06 32.14 -1.53
N LEU A 73 28.01 31.37 -2.58
CA LEU A 73 29.20 30.78 -3.11
C LEU A 73 29.49 31.42 -4.45
N GLY A 74 30.52 32.21 -4.47
CA GLY A 74 30.83 32.99 -5.63
C GLY A 74 30.17 34.35 -5.48
N GLY A 75 29.84 34.98 -6.56
CA GLY A 75 29.19 36.26 -6.51
C GLY A 75 27.69 36.19 -6.26
N ARG A 76 27.15 34.99 -6.11
CA ARG A 76 25.73 34.85 -5.88
C ARG A 76 25.44 33.58 -5.07
N GLN A 77 24.26 33.54 -4.48
CA GLN A 77 23.77 32.37 -3.76
C GLN A 77 23.50 31.26 -4.76
N ILE A 78 23.88 30.06 -4.41
CA ILE A 78 23.67 28.93 -5.29
C ILE A 78 22.46 28.11 -4.83
N ARG A 79 22.08 27.15 -5.60
CA ARG A 79 20.91 26.35 -5.33
C ARG A 79 21.34 24.90 -5.04
N THR A 80 20.59 24.23 -4.21
CA THR A 80 20.84 22.86 -3.87
C THR A 80 19.52 22.09 -3.91
N ASN A 81 19.59 20.80 -4.22
CA ASN A 81 18.42 19.92 -4.16
C ASN A 81 18.95 18.51 -4.14
N TRP A 82 18.28 17.61 -3.48
CA TRP A 82 18.74 16.25 -3.42
C TRP A 82 18.36 15.43 -4.64
N ALA A 83 19.34 14.74 -5.20
CA ALA A 83 19.13 13.97 -6.41
C ALA A 83 18.74 12.54 -6.06
N THR A 84 19.62 11.83 -5.35
CA THR A 84 19.31 10.49 -4.94
C THR A 84 18.40 10.55 -3.74
N ARG A 85 17.14 10.57 -4.03
CA ARG A 85 16.13 10.69 -3.05
C ARG A 85 15.90 9.35 -2.40
N LYS A 86 16.34 9.24 -1.16
CA LYS A 86 16.27 8.01 -0.40
C LYS A 86 14.83 7.72 0.01
N PRO A 87 14.23 6.65 -0.53
CA PRO A 87 12.89 6.27 -0.17
C PRO A 87 12.86 5.52 1.17
N PRO A 88 11.81 5.70 1.97
CA PRO A 88 11.67 4.99 3.21
C PRO A 88 11.19 3.56 2.97
N ALA A 89 11.71 2.62 3.73
CA ALA A 89 11.30 1.24 3.56
C ALA A 89 9.97 1.01 4.26
N PRO A 90 8.97 0.50 3.52
CA PRO A 90 7.64 0.27 4.06
C PRO A 90 7.55 -1.02 4.88
N LYS A 91 6.34 -1.38 5.25
CA LYS A 91 6.05 -2.60 5.99
C LYS A 91 4.70 -3.06 5.51
N SER A 92 4.28 -4.24 5.92
CA SER A 92 2.97 -4.74 5.57
C SER A 92 1.90 -3.99 6.38
N THR A 93 1.45 -2.88 5.84
CA THR A 93 0.44 -2.08 6.48
C THR A 93 -0.94 -2.46 5.98
N TYR A 94 -0.95 -3.07 4.84
CA TYR A 94 -2.17 -3.47 4.18
C TYR A 94 -1.98 -4.77 3.47
N GLU A 95 -3.02 -5.55 3.50
CA GLU A 95 -3.12 -6.85 2.86
C GLU A 95 -2.23 -7.96 3.37
N SER A 96 -2.89 -9.00 3.78
CA SER A 96 -2.34 -10.25 4.26
C SER A 96 -3.49 -11.25 4.20
N ASN A 97 -4.40 -10.98 3.24
CA ASN A 97 -5.68 -11.65 3.09
C ASN A 97 -6.61 -11.25 4.21
N THR A 98 -7.16 -10.06 4.08
CA THR A 98 -8.08 -9.51 5.03
C THR A 98 -9.28 -10.43 5.23
N LYS A 99 -9.54 -10.80 6.45
CA LYS A 99 -10.63 -11.67 6.73
C LYS A 99 -11.88 -10.93 7.06
N GLN A 100 -12.58 -10.67 6.03
CA GLN A 100 -13.85 -10.01 6.03
C GLN A 100 -14.69 -10.79 5.06
N LEU A 101 -15.87 -10.36 4.78
CA LEU A 101 -16.68 -11.06 3.84
C LEU A 101 -16.66 -10.35 2.51
N SER A 102 -15.66 -10.65 1.74
CA SER A 102 -15.56 -10.09 0.43
C SER A 102 -16.32 -11.01 -0.51
N TYR A 103 -17.25 -10.45 -1.28
CA TYR A 103 -18.07 -11.22 -2.22
C TYR A 103 -17.18 -11.98 -3.20
N ASP A 104 -16.15 -11.31 -3.64
CA ASP A 104 -15.14 -11.84 -4.53
C ASP A 104 -14.46 -13.07 -3.93
N GLU A 105 -14.05 -12.97 -2.68
CA GLU A 105 -13.42 -14.08 -2.01
C GLU A 105 -14.43 -15.22 -1.78
N VAL A 106 -15.63 -14.86 -1.36
CA VAL A 106 -16.67 -15.85 -1.07
C VAL A 106 -17.09 -16.63 -2.32
N VAL A 107 -17.26 -15.93 -3.43
CA VAL A 107 -17.71 -16.56 -4.67
C VAL A 107 -16.64 -17.54 -5.21
N ASN A 108 -15.37 -17.27 -4.89
CA ASN A 108 -14.26 -18.12 -5.32
C ASN A 108 -14.05 -19.31 -4.40
N GLN A 109 -14.84 -19.38 -3.34
CA GLN A 109 -14.73 -20.47 -2.36
C GLN A 109 -15.51 -21.70 -2.79
N SER A 110 -16.22 -21.59 -3.89
CA SER A 110 -17.02 -22.67 -4.37
C SER A 110 -17.06 -22.65 -5.88
N SER A 111 -17.42 -23.79 -6.45
CA SER A 111 -17.62 -23.88 -7.85
C SER A 111 -18.94 -23.17 -8.20
N PRO A 112 -18.98 -22.40 -9.31
CA PRO A 112 -20.16 -21.58 -9.70
C PRO A 112 -21.48 -22.35 -9.88
N SER A 113 -21.40 -23.66 -9.93
CA SER A 113 -22.59 -24.46 -10.09
C SER A 113 -23.24 -24.75 -8.72
N ASN A 114 -22.49 -24.51 -7.64
CA ASN A 114 -23.04 -24.71 -6.30
C ASN A 114 -23.91 -23.53 -5.91
N CYS A 115 -25.14 -23.78 -5.57
CA CYS A 115 -26.05 -22.71 -5.19
C CYS A 115 -26.56 -22.90 -3.77
N THR A 116 -25.85 -23.65 -2.97
CA THR A 116 -26.31 -23.96 -1.65
C THR A 116 -25.54 -23.20 -0.57
N VAL A 117 -26.26 -22.57 0.32
CA VAL A 117 -25.70 -21.88 1.45
C VAL A 117 -25.95 -22.71 2.70
N TYR A 118 -24.93 -22.88 3.48
CA TYR A 118 -25.00 -23.59 4.72
C TYR A 118 -25.23 -22.57 5.82
N CYS A 119 -26.37 -22.63 6.42
CA CYS A 119 -26.72 -21.75 7.50
C CYS A 119 -26.59 -22.55 8.77
N GLY A 120 -25.79 -22.09 9.70
CA GLY A 120 -25.63 -22.79 10.94
C GLY A 120 -25.67 -21.86 12.11
N GLY A 121 -26.10 -22.35 13.25
CA GLY A 121 -26.13 -21.55 14.44
C GLY A 121 -27.53 -21.34 14.95
N VAL A 122 -28.51 -21.60 14.11
CA VAL A 122 -29.88 -21.38 14.49
C VAL A 122 -30.45 -22.63 15.13
N THR A 123 -30.33 -22.71 16.41
CA THR A 123 -30.83 -23.82 17.17
C THR A 123 -32.29 -23.65 17.54
N SER A 124 -32.73 -22.43 17.56
CA SER A 124 -34.07 -22.12 17.96
C SER A 124 -34.80 -21.33 16.89
N GLY A 125 -36.14 -21.45 16.91
CA GLY A 125 -37.03 -20.74 15.98
C GLY A 125 -36.83 -21.10 14.51
N LEU A 126 -35.98 -22.07 14.27
CA LEU A 126 -35.60 -22.44 12.93
C LEU A 126 -36.72 -23.13 12.19
N THR A 127 -37.35 -22.38 11.35
CA THR A 127 -38.40 -22.83 10.51
C THR A 127 -38.02 -22.57 9.08
N GLU A 128 -38.74 -23.16 8.15
CA GLU A 128 -38.48 -22.94 6.77
C GLU A 128 -38.78 -21.50 6.37
N GLN A 129 -39.84 -20.98 6.94
CA GLN A 129 -40.28 -19.63 6.70
C GLN A 129 -39.28 -18.61 7.21
N LEU A 130 -38.70 -18.85 8.39
CA LEU A 130 -37.75 -17.93 8.97
C LEU A 130 -36.54 -17.78 8.07
N MET A 131 -36.03 -18.89 7.57
CA MET A 131 -34.88 -18.84 6.68
C MET A 131 -35.26 -18.23 5.36
N ARG A 132 -36.39 -18.67 4.82
CA ARG A 132 -36.87 -18.20 3.54
C ARG A 132 -37.01 -16.69 3.52
N GLN A 133 -37.73 -16.15 4.49
CA GLN A 133 -37.98 -14.71 4.57
C GLN A 133 -36.69 -13.91 4.73
N THR A 134 -35.72 -14.48 5.42
CA THR A 134 -34.45 -13.81 5.63
C THR A 134 -33.59 -13.82 4.34
N PHE A 135 -33.45 -14.99 3.75
CA PHE A 135 -32.65 -15.19 2.55
C PHE A 135 -33.20 -14.54 1.28
N SER A 136 -34.52 -14.50 1.18
CA SER A 136 -35.24 -13.95 0.01
C SER A 136 -34.75 -12.55 -0.49
N PRO A 137 -34.58 -11.51 0.38
CA PRO A 137 -34.07 -10.20 -0.06
C PRO A 137 -32.62 -10.26 -0.59
N PHE A 138 -31.93 -11.36 -0.32
CA PHE A 138 -30.56 -11.51 -0.76
C PHE A 138 -30.51 -12.29 -2.07
N GLY A 139 -31.42 -13.23 -2.23
CA GLY A 139 -31.47 -13.98 -3.46
C GLY A 139 -32.72 -14.81 -3.61
N GLN A 140 -32.90 -15.39 -4.78
CA GLN A 140 -34.09 -16.19 -5.07
C GLN A 140 -33.92 -17.57 -4.46
N ILE A 141 -34.92 -17.99 -3.74
CA ILE A 141 -34.89 -19.23 -3.01
C ILE A 141 -35.50 -20.36 -3.84
N MET A 142 -34.84 -21.50 -3.84
CA MET A 142 -35.36 -22.70 -4.48
C MET A 142 -35.79 -23.74 -3.46
N GLU A 143 -35.03 -23.86 -2.37
CA GLU A 143 -35.32 -24.85 -1.34
C GLU A 143 -34.86 -24.33 0.00
N ILE A 144 -35.58 -24.69 1.02
CA ILE A 144 -35.21 -24.40 2.38
C ILE A 144 -35.27 -25.71 3.14
N ARG A 145 -34.15 -26.18 3.56
CA ARG A 145 -34.07 -27.40 4.29
C ARG A 145 -33.55 -27.06 5.66
N VAL A 146 -34.28 -27.37 6.69
CA VAL A 146 -33.92 -26.94 8.03
C VAL A 146 -33.82 -28.12 8.99
N PHE A 147 -32.98 -27.96 10.00
CA PHE A 147 -32.78 -28.94 11.04
C PHE A 147 -32.54 -28.20 12.35
N PRO A 148 -33.62 -27.82 13.07
CA PRO A 148 -33.51 -27.05 14.33
C PRO A 148 -32.79 -27.83 15.41
N ASP A 149 -32.91 -29.13 15.33
CA ASP A 149 -32.36 -30.05 16.32
C ASP A 149 -30.84 -30.10 16.22
N LYS A 150 -30.32 -29.87 15.03
CA LYS A 150 -28.88 -29.92 14.82
C LYS A 150 -28.35 -28.48 14.67
N GLY A 151 -29.26 -27.54 14.58
CA GLY A 151 -28.93 -26.13 14.52
C GLY A 151 -28.36 -25.66 13.20
N TYR A 152 -28.88 -26.18 12.09
CA TYR A 152 -28.38 -25.74 10.78
C TYR A 152 -29.46 -25.90 9.71
N SER A 153 -29.26 -25.28 8.59
CA SER A 153 -30.14 -25.35 7.47
C SER A 153 -29.37 -25.26 6.15
N PHE A 154 -29.99 -25.72 5.09
CA PHE A 154 -29.47 -25.59 3.76
C PHE A 154 -30.40 -24.70 2.99
N VAL A 155 -29.89 -23.62 2.50
CA VAL A 155 -30.66 -22.72 1.71
C VAL A 155 -30.21 -22.85 0.29
N ARG A 156 -31.11 -23.23 -0.55
CA ARG A 156 -30.81 -23.48 -1.92
C ARG A 156 -31.21 -22.25 -2.71
N PHE A 157 -30.30 -21.68 -3.41
CA PHE A 157 -30.57 -20.52 -4.21
C PHE A 157 -30.69 -20.88 -5.65
N ASN A 158 -31.26 -19.97 -6.38
CA ASN A 158 -31.47 -20.09 -7.81
C ASN A 158 -30.18 -19.88 -8.57
N SER A 159 -29.33 -19.05 -8.02
CA SER A 159 -28.11 -18.75 -8.68
C SER A 159 -26.96 -18.61 -7.68
N HIS A 160 -25.76 -18.64 -8.20
CA HIS A 160 -24.55 -18.66 -7.39
C HIS A 160 -24.30 -17.29 -6.77
N GLU A 161 -24.61 -16.25 -7.53
CA GLU A 161 -24.45 -14.85 -7.10
C GLU A 161 -25.29 -14.64 -5.85
N SER A 162 -26.52 -15.11 -5.95
CA SER A 162 -27.49 -15.04 -4.89
C SER A 162 -26.98 -15.75 -3.64
N ALA A 163 -26.34 -16.89 -3.84
CA ALA A 163 -25.86 -17.69 -2.75
C ALA A 163 -24.67 -17.04 -2.06
N ALA A 164 -23.75 -16.49 -2.84
CA ALA A 164 -22.58 -15.83 -2.29
C ALA A 164 -22.99 -14.57 -1.53
N HIS A 165 -23.95 -13.85 -2.11
CA HIS A 165 -24.49 -12.64 -1.50
C HIS A 165 -25.11 -12.94 -0.13
N ALA A 166 -25.85 -14.04 -0.06
CA ALA A 166 -26.50 -14.44 1.18
C ALA A 166 -25.48 -14.66 2.27
N ILE A 167 -24.41 -15.36 1.92
CA ILE A 167 -23.34 -15.66 2.86
C ILE A 167 -22.70 -14.38 3.37
N VAL A 168 -22.36 -13.49 2.45
CA VAL A 168 -21.71 -12.20 2.80
C VAL A 168 -22.58 -11.38 3.78
N SER A 169 -23.87 -11.48 3.62
CA SER A 169 -24.78 -10.73 4.40
C SER A 169 -25.14 -11.43 5.72
N VAL A 170 -25.49 -12.70 5.63
CA VAL A 170 -25.97 -13.48 6.76
C VAL A 170 -24.84 -13.94 7.69
N ASN A 171 -23.65 -14.10 7.17
CA ASN A 171 -22.58 -14.64 7.98
C ASN A 171 -22.13 -13.67 9.05
N GLY A 172 -22.52 -13.98 10.24
CA GLY A 172 -22.17 -13.19 11.39
C GLY A 172 -23.32 -12.36 11.87
N THR A 173 -24.50 -12.66 11.40
CA THR A 173 -25.69 -11.94 11.89
C THR A 173 -26.31 -12.70 13.05
N THR A 174 -27.47 -12.30 13.49
CA THR A 174 -28.09 -12.93 14.62
C THR A 174 -29.56 -13.23 14.33
N ILE A 175 -29.95 -14.47 14.49
CA ILE A 175 -31.32 -14.90 14.29
C ILE A 175 -31.88 -15.28 15.65
N GLU A 176 -32.86 -14.48 16.10
CA GLU A 176 -33.59 -14.62 17.39
C GLU A 176 -32.71 -14.88 18.63
N GLY A 177 -31.54 -14.28 18.62
CA GLY A 177 -30.66 -14.41 19.76
C GLY A 177 -29.42 -15.22 19.43
N HIS A 178 -29.53 -16.10 18.48
CA HIS A 178 -28.42 -16.95 18.12
C HIS A 178 -27.62 -16.36 16.98
N VAL A 179 -26.33 -16.21 17.20
CA VAL A 179 -25.42 -15.67 16.20
C VAL A 179 -25.23 -16.72 15.11
N VAL A 180 -25.53 -16.35 13.90
CA VAL A 180 -25.51 -17.29 12.82
C VAL A 180 -24.23 -17.23 12.00
N LYS A 181 -23.95 -18.31 11.40
CA LYS A 181 -22.77 -18.51 10.64
C LYS A 181 -23.16 -19.10 9.30
N CYS A 182 -22.71 -18.54 8.23
CA CYS A 182 -23.04 -19.09 6.93
C CYS A 182 -21.84 -19.18 6.03
N TYR A 183 -21.79 -20.26 5.28
CA TYR A 183 -20.76 -20.55 4.30
C TYR A 183 -21.42 -21.38 3.20
N TRP A 184 -20.63 -21.99 2.36
CA TRP A 184 -21.17 -22.81 1.30
C TRP A 184 -21.63 -24.16 1.81
N GLY A 185 -22.72 -24.64 1.27
CA GLY A 185 -23.25 -25.92 1.65
C GLY A 185 -23.29 -26.86 0.47
N LYS A 186 -23.95 -27.97 0.61
CA LYS A 186 -24.02 -28.90 -0.46
C LYS A 186 -25.41 -28.93 -1.04
N GLY A 1 -19.98 -13.63 16.65
CA GLY A 1 -18.64 -13.04 16.54
C GLY A 1 -17.73 -13.65 17.55
N ALA A 2 -17.05 -12.82 18.32
CA ALA A 2 -16.20 -13.31 19.40
C ALA A 2 -17.10 -13.89 20.47
N MET A 3 -18.18 -13.17 20.75
CA MET A 3 -19.21 -13.62 21.65
C MET A 3 -19.98 -14.73 20.94
N ALA A 4 -20.35 -15.76 21.72
CA ALA A 4 -20.99 -16.99 21.23
C ALA A 4 -19.98 -17.78 20.39
N ASN A 5 -20.37 -18.86 19.79
CA ASN A 5 -19.41 -19.58 18.96
C ASN A 5 -19.75 -19.42 17.50
N HIS A 6 -20.73 -18.61 17.25
CA HIS A 6 -21.23 -18.44 15.91
C HIS A 6 -20.55 -17.27 15.27
N PHE A 7 -20.00 -17.52 14.12
CA PHE A 7 -19.27 -16.52 13.41
C PHE A 7 -20.02 -16.15 12.14
N HIS A 8 -19.99 -14.89 11.83
CA HIS A 8 -20.72 -14.32 10.72
C HIS A 8 -19.80 -13.95 9.56
N VAL A 9 -20.04 -14.57 8.45
CA VAL A 9 -19.29 -14.35 7.23
C VAL A 9 -20.18 -13.62 6.23
N PHE A 10 -19.61 -12.68 5.54
CA PHE A 10 -20.31 -11.88 4.57
C PHE A 10 -20.09 -12.50 3.20
N VAL A 11 -21.16 -12.77 2.54
CA VAL A 11 -21.12 -13.36 1.25
C VAL A 11 -21.58 -12.31 0.26
N GLY A 12 -20.88 -12.16 -0.81
CA GLY A 12 -21.23 -11.18 -1.78
C GLY A 12 -20.83 -11.60 -3.15
N ASP A 13 -21.08 -10.74 -4.13
CA ASP A 13 -20.70 -10.97 -5.53
C ASP A 13 -21.41 -12.22 -6.06
N LEU A 14 -22.64 -12.39 -5.57
CA LEU A 14 -23.49 -13.53 -5.91
C LEU A 14 -24.06 -13.43 -7.33
N SER A 15 -24.81 -14.44 -7.69
CA SER A 15 -25.56 -14.42 -8.90
C SER A 15 -26.99 -14.04 -8.48
N PRO A 16 -27.78 -13.39 -9.36
CA PRO A 16 -29.16 -12.93 -9.02
C PRO A 16 -30.10 -14.09 -8.60
N GLU A 17 -29.72 -15.30 -8.94
CA GLU A 17 -30.51 -16.48 -8.65
C GLU A 17 -30.15 -17.08 -7.29
N ILE A 18 -29.07 -16.59 -6.69
CA ILE A 18 -28.61 -17.15 -5.43
C ILE A 18 -29.42 -16.59 -4.28
N THR A 19 -30.43 -17.31 -3.96
CA THR A 19 -31.33 -16.94 -2.93
C THR A 19 -30.82 -17.45 -1.57
N THR A 20 -31.49 -17.04 -0.50
CA THR A 20 -31.15 -17.42 0.87
C THR A 20 -31.10 -18.94 1.01
N GLU A 21 -32.08 -19.57 0.43
CA GLU A 21 -32.25 -20.99 0.41
C GLU A 21 -31.06 -21.67 -0.29
N ASP A 22 -30.52 -21.02 -1.32
CA ASP A 22 -29.42 -21.56 -2.11
C ASP A 22 -28.14 -21.58 -1.30
N ILE A 23 -27.85 -20.45 -0.64
CA ILE A 23 -26.64 -20.36 0.20
C ILE A 23 -26.67 -21.38 1.32
N LYS A 24 -27.85 -21.58 1.91
CA LYS A 24 -28.01 -22.56 2.98
C LYS A 24 -27.56 -23.94 2.50
N ALA A 25 -28.06 -24.34 1.34
CA ALA A 25 -27.72 -25.63 0.77
C ALA A 25 -26.27 -25.67 0.27
N ALA A 26 -25.87 -24.62 -0.43
CA ALA A 26 -24.56 -24.53 -1.06
C ALA A 26 -23.42 -24.54 -0.06
N PHE A 27 -23.56 -23.78 1.00
CA PHE A 27 -22.50 -23.67 1.97
C PHE A 27 -22.50 -24.80 2.99
N ALA A 28 -23.63 -25.50 3.13
CA ALA A 28 -23.79 -26.60 4.13
C ALA A 28 -22.63 -27.65 4.13
N PRO A 29 -22.19 -28.21 2.95
CA PRO A 29 -21.06 -29.15 2.92
C PRO A 29 -19.73 -28.50 3.34
N PHE A 30 -19.59 -27.21 3.06
CA PHE A 30 -18.35 -26.50 3.30
C PHE A 30 -18.25 -26.06 4.75
N GLY A 31 -19.34 -25.57 5.29
CA GLY A 31 -19.37 -25.12 6.66
C GLY A 31 -20.74 -25.33 7.27
N ARG A 32 -20.76 -25.55 8.55
CA ARG A 32 -21.95 -25.81 9.29
C ARG A 32 -22.63 -24.48 9.59
N ILE A 33 -23.83 -24.36 9.14
CA ILE A 33 -24.56 -23.15 9.16
C ILE A 33 -25.62 -23.21 10.22
N SER A 34 -25.71 -22.18 11.00
CA SER A 34 -26.77 -22.04 11.95
C SER A 34 -27.91 -21.32 11.23
N ASP A 35 -27.52 -20.36 10.41
CA ASP A 35 -28.44 -19.58 9.60
C ASP A 35 -27.66 -18.87 8.50
N ALA A 36 -28.32 -18.53 7.44
CA ALA A 36 -27.74 -17.90 6.31
C ALA A 36 -28.82 -17.12 5.67
N ARG A 37 -28.51 -15.96 5.18
CA ARG A 37 -29.52 -15.11 4.59
C ARG A 37 -28.94 -14.21 3.54
N VAL A 38 -29.68 -14.04 2.50
CA VAL A 38 -29.30 -13.21 1.38
C VAL A 38 -30.23 -12.05 1.34
N VAL A 39 -29.71 -10.89 1.10
CA VAL A 39 -30.54 -9.76 0.98
C VAL A 39 -31.13 -9.79 -0.41
N LYS A 40 -32.36 -10.15 -0.47
CA LYS A 40 -33.07 -10.23 -1.69
C LYS A 40 -34.18 -9.24 -1.69
N ASP A 41 -34.51 -8.77 -2.83
CA ASP A 41 -35.52 -7.76 -3.01
C ASP A 41 -36.90 -8.32 -2.76
N MET A 42 -37.59 -7.70 -1.85
CA MET A 42 -38.93 -8.08 -1.43
C MET A 42 -39.99 -8.00 -2.55
N ALA A 43 -39.77 -7.13 -3.50
CA ALA A 43 -40.75 -6.91 -4.55
C ALA A 43 -40.53 -7.82 -5.75
N THR A 44 -39.29 -7.97 -6.14
CA THR A 44 -38.97 -8.77 -7.30
C THR A 44 -38.59 -10.21 -6.95
N GLY A 45 -38.22 -10.43 -5.69
CA GLY A 45 -37.82 -11.75 -5.24
C GLY A 45 -36.42 -12.09 -5.68
N LYS A 46 -35.70 -11.10 -6.16
CA LYS A 46 -34.38 -11.32 -6.69
C LYS A 46 -33.33 -10.88 -5.72
N SER A 47 -32.30 -11.64 -5.62
CA SER A 47 -31.21 -11.36 -4.74
C SER A 47 -30.46 -10.11 -5.18
N LYS A 48 -30.08 -9.29 -4.22
CA LYS A 48 -29.38 -8.06 -4.51
C LYS A 48 -27.87 -8.29 -4.61
N GLY A 49 -27.48 -9.55 -4.50
CA GLY A 49 -26.11 -9.91 -4.76
C GLY A 49 -25.25 -10.12 -3.53
N TYR A 50 -25.84 -10.04 -2.35
CA TYR A 50 -25.05 -10.20 -1.13
C TYR A 50 -25.88 -10.76 0.02
N GLY A 51 -25.20 -11.23 1.04
CA GLY A 51 -25.83 -11.83 2.18
C GLY A 51 -24.84 -12.13 3.28
N PHE A 52 -25.26 -12.92 4.24
CA PHE A 52 -24.46 -13.27 5.41
C PHE A 52 -24.74 -14.70 5.80
N VAL A 53 -23.75 -15.37 6.37
CA VAL A 53 -23.92 -16.72 6.89
C VAL A 53 -23.36 -16.77 8.30
N SER A 54 -24.11 -17.37 9.19
CA SER A 54 -23.67 -17.55 10.54
C SER A 54 -23.36 -19.02 10.75
N PHE A 55 -22.12 -19.31 11.04
CA PHE A 55 -21.65 -20.66 11.23
C PHE A 55 -21.74 -21.07 12.66
N PHE A 56 -21.76 -22.36 12.89
CA PHE A 56 -21.90 -22.93 14.22
C PHE A 56 -20.59 -22.79 15.01
N ASN A 57 -19.49 -22.77 14.31
CA ASN A 57 -18.20 -22.65 14.97
C ASN A 57 -17.33 -21.64 14.25
N LYS A 58 -16.57 -20.87 15.02
CA LYS A 58 -15.73 -19.80 14.48
C LYS A 58 -14.78 -20.26 13.39
N TRP A 59 -14.01 -21.29 13.66
CA TRP A 59 -13.07 -21.78 12.67
C TRP A 59 -13.77 -22.47 11.50
N ASP A 60 -14.99 -22.90 11.73
CA ASP A 60 -15.73 -23.65 10.72
C ASP A 60 -16.11 -22.67 9.60
N ALA A 61 -16.31 -21.43 10.02
CA ALA A 61 -16.57 -20.32 9.13
C ALA A 61 -15.33 -20.00 8.30
N GLU A 62 -14.18 -20.00 8.96
CA GLU A 62 -12.89 -19.71 8.34
C GLU A 62 -12.61 -20.77 7.26
N ASN A 63 -12.84 -22.03 7.63
CA ASN A 63 -12.67 -23.15 6.71
C ASN A 63 -13.63 -23.02 5.51
N ALA A 64 -14.82 -22.50 5.76
CA ALA A 64 -15.79 -22.26 4.70
C ALA A 64 -15.29 -21.17 3.75
N ILE A 65 -14.70 -20.10 4.31
CA ILE A 65 -14.12 -19.01 3.52
C ILE A 65 -13.01 -19.57 2.60
N GLN A 66 -12.21 -20.49 3.12
CA GLN A 66 -11.15 -21.16 2.35
C GLN A 66 -11.70 -21.82 1.08
N GLN A 67 -12.77 -22.55 1.25
CA GLN A 67 -13.35 -23.36 0.17
C GLN A 67 -14.25 -22.53 -0.74
N MET A 68 -14.88 -21.54 -0.17
CA MET A 68 -15.82 -20.70 -0.87
C MET A 68 -15.25 -19.35 -1.22
N GLY A 69 -13.93 -19.25 -1.16
CA GLY A 69 -13.24 -17.98 -1.47
C GLY A 69 -13.24 -17.65 -2.96
N GLY A 70 -14.37 -17.81 -3.58
CA GLY A 70 -14.52 -17.55 -4.96
C GLY A 70 -14.86 -18.77 -5.74
N GLN A 71 -16.05 -19.23 -5.55
CA GLN A 71 -16.54 -20.40 -6.24
C GLN A 71 -17.68 -19.98 -7.16
N TRP A 72 -17.83 -20.69 -8.24
CA TRP A 72 -18.87 -20.40 -9.21
C TRP A 72 -20.20 -20.91 -8.71
N LEU A 73 -20.89 -20.07 -8.01
CA LEU A 73 -22.18 -20.41 -7.48
C LEU A 73 -23.25 -19.69 -8.27
N GLY A 74 -24.03 -20.46 -8.98
CA GLY A 74 -25.08 -19.92 -9.79
C GLY A 74 -24.62 -19.75 -11.21
N GLY A 75 -24.12 -18.58 -11.53
CA GLY A 75 -23.61 -18.32 -12.84
C GLY A 75 -22.46 -17.36 -12.81
N ARG A 76 -21.95 -17.13 -11.62
CA ARG A 76 -20.85 -16.21 -11.42
C ARG A 76 -20.00 -16.73 -10.30
N GLN A 77 -18.79 -16.24 -10.22
CA GLN A 77 -17.91 -16.58 -9.15
C GLN A 77 -18.20 -15.61 -8.03
N ILE A 78 -18.54 -16.12 -6.88
CA ILE A 78 -18.94 -15.26 -5.78
C ILE A 78 -17.76 -14.94 -4.89
N ARG A 79 -17.94 -14.06 -3.94
CA ARG A 79 -16.86 -13.65 -3.08
C ARG A 79 -17.29 -13.74 -1.62
N THR A 80 -16.35 -14.00 -0.76
CA THR A 80 -16.61 -14.11 0.65
C THR A 80 -15.61 -13.25 1.43
N ASN A 81 -16.04 -12.76 2.58
CA ASN A 81 -15.22 -11.93 3.46
C ASN A 81 -15.85 -12.02 4.84
N TRP A 82 -15.08 -11.93 5.89
CA TRP A 82 -15.67 -12.03 7.21
C TRP A 82 -16.33 -10.72 7.65
N ALA A 83 -17.45 -10.83 8.33
CA ALA A 83 -18.20 -9.67 8.76
C ALA A 83 -17.59 -9.09 10.02
N THR A 84 -17.80 -7.78 10.22
CA THR A 84 -17.19 -7.02 11.32
C THR A 84 -15.66 -6.91 11.00
N ARG A 85 -15.39 -6.88 9.71
CA ARG A 85 -14.07 -6.80 9.09
C ARG A 85 -13.36 -5.51 9.48
N LYS A 86 -12.09 -5.63 9.79
CA LYS A 86 -11.27 -4.47 10.06
C LYS A 86 -10.45 -4.16 8.82
N PRO A 87 -10.58 -2.95 8.29
CA PRO A 87 -9.79 -2.49 7.15
C PRO A 87 -8.38 -2.07 7.61
N PRO A 88 -7.37 -2.21 6.74
CA PRO A 88 -6.02 -1.77 7.05
C PRO A 88 -5.90 -0.25 6.89
N ALA A 89 -5.15 0.38 7.77
CA ALA A 89 -4.97 1.81 7.70
C ALA A 89 -4.01 2.16 6.55
N PRO A 90 -4.47 3.02 5.60
CA PRO A 90 -3.66 3.43 4.44
C PRO A 90 -2.40 4.13 4.85
N LYS A 91 -2.61 5.18 5.58
CA LYS A 91 -1.59 6.10 6.11
C LYS A 91 -0.83 6.72 4.94
N SER A 92 0.27 7.35 5.21
CA SER A 92 1.14 7.81 4.16
C SER A 92 1.98 6.61 3.73
N THR A 93 1.39 5.82 2.85
CA THR A 93 2.03 4.64 2.33
C THR A 93 1.52 4.41 0.89
N TYR A 94 0.91 5.43 0.33
CA TYR A 94 0.27 5.31 -0.96
C TYR A 94 1.07 6.04 -2.02
N GLU A 95 1.14 7.31 -1.82
CA GLU A 95 1.83 8.29 -2.65
C GLU A 95 1.44 8.22 -4.11
N SER A 96 0.49 9.04 -4.48
CA SER A 96 -0.04 9.07 -5.80
C SER A 96 0.86 9.86 -6.75
N ASN A 97 1.90 9.20 -7.20
CA ASN A 97 2.87 9.71 -8.17
C ASN A 97 3.74 8.55 -8.53
N THR A 98 4.58 8.18 -7.62
CA THR A 98 5.46 7.06 -7.73
C THR A 98 5.64 6.50 -6.34
N LYS A 99 6.14 5.29 -6.22
CA LYS A 99 6.30 4.70 -4.91
C LYS A 99 7.64 5.12 -4.32
N GLN A 100 8.50 5.58 -5.18
CA GLN A 100 9.82 6.03 -4.84
C GLN A 100 10.28 6.84 -6.02
N LEU A 101 11.25 7.70 -5.83
CA LEU A 101 11.76 8.48 -6.93
C LEU A 101 12.59 7.59 -7.79
N SER A 102 12.06 7.27 -8.91
CA SER A 102 12.68 6.36 -9.81
C SER A 102 13.82 7.07 -10.53
N TYR A 103 14.92 6.36 -10.77
CA TYR A 103 16.09 6.93 -11.44
C TYR A 103 15.71 7.64 -12.74
N ASP A 104 14.83 7.01 -13.52
CA ASP A 104 14.34 7.61 -14.78
C ASP A 104 13.60 8.91 -14.50
N GLU A 105 12.71 8.83 -13.54
CA GLU A 105 11.87 9.93 -13.12
C GLU A 105 12.73 11.09 -12.64
N VAL A 106 13.77 10.77 -11.91
CA VAL A 106 14.70 11.76 -11.42
C VAL A 106 15.56 12.35 -12.52
N VAL A 107 16.19 11.50 -13.32
CA VAL A 107 17.17 11.95 -14.32
C VAL A 107 16.52 12.86 -15.39
N ASN A 108 15.26 12.60 -15.67
CA ASN A 108 14.51 13.33 -16.66
C ASN A 108 14.02 14.69 -16.13
N GLN A 109 14.31 14.99 -14.87
CA GLN A 109 13.88 16.27 -14.26
C GLN A 109 14.87 17.41 -14.49
N SER A 110 16.01 17.12 -15.08
CA SER A 110 16.99 18.13 -15.37
C SER A 110 17.81 17.78 -16.59
N SER A 111 18.50 18.76 -17.12
CA SER A 111 19.36 18.57 -18.23
C SER A 111 20.63 17.86 -17.75
N PRO A 112 21.23 16.98 -18.59
CA PRO A 112 22.43 16.18 -18.21
C PRO A 112 23.65 17.04 -17.80
N SER A 113 23.59 18.33 -18.07
CA SER A 113 24.67 19.21 -17.70
C SER A 113 24.45 19.75 -16.27
N ASN A 114 23.25 19.60 -15.75
CA ASN A 114 22.95 19.98 -14.40
C ASN A 114 23.48 18.91 -13.46
N CYS A 115 24.35 19.28 -12.56
CA CYS A 115 24.93 18.29 -11.65
C CYS A 115 24.61 18.63 -10.20
N THR A 116 23.71 19.55 -9.98
CA THR A 116 23.44 19.99 -8.64
C THR A 116 22.29 19.20 -8.00
N VAL A 117 22.54 18.66 -6.85
CA VAL A 117 21.58 17.95 -6.04
C VAL A 117 21.15 18.86 -4.90
N TYR A 118 19.87 18.89 -4.63
CA TYR A 118 19.32 19.68 -3.57
C TYR A 118 18.85 18.76 -2.47
N CYS A 119 19.51 18.81 -1.36
CA CYS A 119 19.11 18.04 -0.23
C CYS A 119 18.45 18.94 0.78
N GLY A 120 17.26 18.60 1.19
CA GLY A 120 16.56 19.39 2.14
C GLY A 120 16.18 18.60 3.35
N GLY A 121 16.14 19.25 4.48
CA GLY A 121 15.77 18.59 5.70
C GLY A 121 16.91 18.57 6.69
N VAL A 122 18.08 18.97 6.27
CA VAL A 122 19.23 18.93 7.15
C VAL A 122 19.37 20.26 7.84
N THR A 123 18.69 20.40 8.92
CA THR A 123 18.69 21.62 9.69
C THR A 123 19.85 21.68 10.67
N SER A 124 20.37 20.54 10.99
CA SER A 124 21.41 20.43 11.96
C SER A 124 22.61 19.73 11.37
N GLY A 125 23.79 20.04 11.95
CA GLY A 125 25.07 19.43 11.58
C GLY A 125 25.51 19.65 10.15
N LEU A 126 24.73 20.44 9.42
CA LEU A 126 24.92 20.67 8.03
C LEU A 126 26.22 21.42 7.77
N THR A 127 27.21 20.65 7.52
CA THR A 127 28.53 21.10 7.23
C THR A 127 28.91 20.59 5.88
N GLU A 128 30.05 21.00 5.39
CA GLU A 128 30.51 20.53 4.12
C GLU A 128 30.88 19.04 4.20
N GLN A 129 31.50 18.65 5.29
CA GLN A 129 31.87 17.30 5.56
C GLN A 129 30.66 16.40 5.66
N LEU A 130 29.63 16.81 6.41
CA LEU A 130 28.45 15.98 6.57
C LEU A 130 27.83 15.60 5.23
N MET A 131 27.69 16.57 4.34
CA MET A 131 27.10 16.28 3.04
C MET A 131 28.04 15.47 2.20
N ARG A 132 29.29 15.87 2.18
CA ARG A 132 30.33 15.21 1.39
C ARG A 132 30.47 13.73 1.80
N GLN A 133 30.43 13.47 3.08
CA GLN A 133 30.55 12.12 3.62
C GLN A 133 29.32 11.28 3.27
N THR A 134 28.16 11.90 3.32
CA THR A 134 26.93 11.22 2.99
C THR A 134 26.87 10.89 1.48
N PHE A 135 27.15 11.88 0.66
CA PHE A 135 27.09 11.75 -0.79
C PHE A 135 28.16 10.86 -1.40
N SER A 136 29.34 10.85 -0.80
CA SER A 136 30.52 10.15 -1.31
C SER A 136 30.26 8.67 -1.80
N PRO A 137 29.57 7.79 -1.02
CA PRO A 137 29.26 6.42 -1.49
C PRO A 137 28.32 6.40 -2.72
N PHE A 138 27.64 7.50 -2.97
CA PHE A 138 26.70 7.58 -4.07
C PHE A 138 27.35 8.21 -5.29
N GLY A 139 28.33 9.07 -5.04
CA GLY A 139 29.06 9.65 -6.12
C GLY A 139 30.11 10.64 -5.68
N GLN A 140 30.85 11.14 -6.64
CA GLN A 140 31.92 12.07 -6.37
C GLN A 140 31.38 13.48 -6.28
N ILE A 141 31.72 14.15 -5.22
CA ILE A 141 31.32 15.52 -4.98
C ILE A 141 32.35 16.46 -5.60
N MET A 142 31.87 17.48 -6.28
CA MET A 142 32.74 18.49 -6.85
C MET A 142 32.51 19.84 -6.18
N GLU A 143 31.32 20.06 -5.65
CA GLU A 143 30.99 21.34 -5.05
C GLU A 143 30.06 21.13 -3.86
N ILE A 144 30.19 21.97 -2.85
CA ILE A 144 29.36 21.94 -1.66
C ILE A 144 28.86 23.34 -1.30
N ARG A 145 27.56 23.50 -1.29
CA ARG A 145 26.92 24.70 -0.82
C ARG A 145 25.96 24.32 0.26
N VAL A 146 26.15 24.80 1.44
CA VAL A 146 25.30 24.40 2.57
C VAL A 146 24.66 25.60 3.24
N PHE A 147 23.43 25.43 3.69
CA PHE A 147 22.69 26.49 4.35
C PHE A 147 21.87 25.87 5.49
N PRO A 148 22.45 25.76 6.70
CA PRO A 148 21.76 25.16 7.88
C PRO A 148 20.60 26.02 8.38
N ASP A 149 20.59 27.27 7.93
CA ASP A 149 19.58 28.25 8.33
C ASP A 149 18.19 27.86 7.83
N LYS A 150 18.15 27.32 6.64
CA LYS A 150 16.90 26.82 6.10
C LYS A 150 16.88 25.31 5.97
N GLY A 151 18.01 24.70 6.28
CA GLY A 151 18.12 23.27 6.24
C GLY A 151 18.20 22.67 4.86
N TYR A 152 19.03 23.24 4.00
CA TYR A 152 19.19 22.71 2.66
C TYR A 152 20.62 22.88 2.19
N SER A 153 20.99 22.12 1.20
CA SER A 153 22.31 22.17 0.64
C SER A 153 22.26 21.88 -0.87
N PHE A 154 23.21 22.44 -1.61
CA PHE A 154 23.37 22.17 -3.01
C PHE A 154 24.70 21.48 -3.19
N VAL A 155 24.67 20.29 -3.68
CA VAL A 155 25.88 19.53 -3.89
C VAL A 155 26.01 19.19 -5.36
N ARG A 156 27.13 19.52 -5.96
CA ARG A 156 27.34 19.18 -7.35
C ARG A 156 28.22 17.97 -7.46
N PHE A 157 27.83 17.09 -8.34
CA PHE A 157 28.53 15.84 -8.55
C PHE A 157 29.37 15.87 -9.79
N ASN A 158 30.18 14.84 -9.90
CA ASN A 158 31.09 14.62 -11.02
C ASN A 158 30.30 14.33 -12.28
N SER A 159 29.22 13.60 -12.12
CA SER A 159 28.42 13.27 -13.24
C SER A 159 26.93 13.30 -12.89
N HIS A 160 26.09 13.32 -13.91
CA HIS A 160 24.66 13.50 -13.77
C HIS A 160 24.01 12.22 -13.26
N GLU A 161 24.53 11.10 -13.71
CA GLU A 161 24.03 9.76 -13.33
C GLU A 161 24.19 9.62 -11.83
N SER A 162 25.37 9.99 -11.38
CA SER A 162 25.75 9.94 -10.01
C SER A 162 24.87 10.88 -9.17
N ALA A 163 24.53 12.01 -9.74
CA ALA A 163 23.73 13.00 -9.05
C ALA A 163 22.29 12.51 -8.90
N ALA A 164 21.77 11.89 -9.96
CA ALA A 164 20.43 11.34 -9.93
C ALA A 164 20.37 10.18 -8.93
N HIS A 165 21.43 9.37 -8.93
CA HIS A 165 21.57 8.24 -8.00
C HIS A 165 21.51 8.72 -6.55
N ALA A 166 22.22 9.79 -6.27
CA ALA A 166 22.27 10.35 -4.95
C ALA A 166 20.88 10.73 -4.49
N ILE A 167 20.16 11.41 -5.34
CA ILE A 167 18.80 11.84 -5.06
C ILE A 167 17.91 10.63 -4.75
N VAL A 168 17.95 9.65 -5.64
CA VAL A 168 17.15 8.43 -5.49
C VAL A 168 17.40 7.74 -4.15
N SER A 169 18.66 7.63 -3.77
CA SER A 169 19.02 6.89 -2.60
C SER A 169 18.87 7.72 -1.32
N VAL A 170 19.15 9.01 -1.39
CA VAL A 170 19.04 9.89 -0.23
C VAL A 170 17.58 10.26 0.04
N ASN A 171 16.73 10.08 -0.96
CA ASN A 171 15.31 10.36 -0.83
C ASN A 171 14.66 9.46 0.21
N GLY A 172 14.49 10.00 1.38
CA GLY A 172 13.84 9.30 2.44
C GLY A 172 14.81 8.80 3.47
N THR A 173 16.02 9.32 3.45
CA THR A 173 16.99 8.92 4.46
C THR A 173 16.86 9.80 5.69
N THR A 174 17.66 9.58 6.69
CA THR A 174 17.52 10.32 7.91
C THR A 174 18.87 10.82 8.42
N ILE A 175 19.03 12.12 8.48
CA ILE A 175 20.24 12.72 9.00
C ILE A 175 19.91 13.43 10.30
N GLU A 176 20.63 13.04 11.33
CA GLU A 176 20.46 13.56 12.72
C GLU A 176 18.98 13.55 13.19
N GLY A 177 18.25 12.52 12.79
CA GLY A 177 16.87 12.39 13.23
C GLY A 177 15.88 13.05 12.28
N HIS A 178 16.41 13.83 11.36
CA HIS A 178 15.59 14.55 10.41
C HIS A 178 15.50 13.75 9.13
N VAL A 179 14.30 13.53 8.66
CA VAL A 179 14.09 12.82 7.42
C VAL A 179 14.43 13.74 6.26
N VAL A 180 15.45 13.37 5.53
CA VAL A 180 15.94 14.21 4.48
C VAL A 180 15.56 13.68 3.11
N LYS A 181 15.25 14.58 2.24
CA LYS A 181 14.86 14.26 0.90
C LYS A 181 15.65 15.08 -0.10
N CYS A 182 15.88 14.53 -1.26
CA CYS A 182 16.57 15.24 -2.29
C CYS A 182 15.73 15.49 -3.53
N TYR A 183 16.12 16.53 -4.24
CA TYR A 183 15.59 16.92 -5.53
C TYR A 183 16.78 17.48 -6.31
N TRP A 184 16.54 18.01 -7.48
CA TRP A 184 17.60 18.67 -8.22
C TRP A 184 17.78 20.08 -7.73
N GLY A 185 19.01 20.49 -7.61
CA GLY A 185 19.31 21.83 -7.21
C GLY A 185 19.84 22.60 -8.38
N LYS A 186 20.40 23.76 -8.13
CA LYS A 186 20.98 24.59 -9.15
C LYS A 186 22.28 25.17 -8.65
N GLY A 1 12.17 28.15 -5.88
CA GLY A 1 10.79 28.51 -6.16
C GLY A 1 10.37 28.12 -7.56
N ALA A 2 10.26 26.82 -7.78
CA ALA A 2 9.80 26.27 -9.04
C ALA A 2 9.37 24.86 -8.75
N MET A 3 8.05 24.70 -8.48
CA MET A 3 7.43 23.44 -8.01
C MET A 3 7.81 23.21 -6.54
N ALA A 4 9.09 23.13 -6.30
CA ALA A 4 9.63 23.07 -4.97
C ALA A 4 10.34 24.37 -4.74
N ASN A 5 10.42 24.85 -3.53
CA ASN A 5 11.10 26.12 -3.32
C ASN A 5 12.59 25.91 -3.23
N HIS A 6 12.95 24.83 -2.62
CA HIS A 6 14.33 24.43 -2.45
C HIS A 6 14.36 22.93 -2.50
N PHE A 7 15.39 22.37 -3.06
CA PHE A 7 15.53 20.94 -3.13
C PHE A 7 16.90 20.58 -2.64
N HIS A 8 17.02 19.49 -1.93
CA HIS A 8 18.25 19.18 -1.22
C HIS A 8 19.04 18.07 -1.90
N VAL A 9 20.34 18.26 -1.93
CA VAL A 9 21.29 17.30 -2.45
C VAL A 9 22.34 17.05 -1.37
N PHE A 10 22.71 15.81 -1.17
CA PHE A 10 23.73 15.48 -0.21
C PHE A 10 24.97 15.05 -0.98
N VAL A 11 26.07 15.67 -0.69
CA VAL A 11 27.30 15.37 -1.38
C VAL A 11 28.24 14.68 -0.39
N GLY A 12 29.03 13.76 -0.86
CA GLY A 12 29.88 13.04 0.03
C GLY A 12 31.13 12.68 -0.68
N ASP A 13 32.05 12.03 0.03
CA ASP A 13 33.33 11.59 -0.55
C ASP A 13 34.02 12.81 -1.13
N LEU A 14 34.12 13.85 -0.34
CA LEU A 14 34.74 15.06 -0.78
C LEU A 14 36.21 15.01 -0.58
N SER A 15 36.90 15.45 -1.59
CA SER A 15 38.31 15.54 -1.55
C SER A 15 38.68 16.77 -0.68
N PRO A 16 39.89 16.80 -0.09
CA PRO A 16 40.30 17.87 0.83
C PRO A 16 40.21 19.29 0.24
N GLU A 17 40.34 19.40 -1.07
CA GLU A 17 40.32 20.69 -1.72
C GLU A 17 38.89 21.17 -2.02
N ILE A 18 37.92 20.25 -1.95
CA ILE A 18 36.56 20.60 -2.29
C ILE A 18 35.87 21.22 -1.10
N THR A 19 36.09 22.48 -0.97
CA THR A 19 35.55 23.27 0.09
C THR A 19 34.14 23.77 -0.29
N THR A 20 33.46 24.40 0.67
CA THR A 20 32.11 24.95 0.49
C THR A 20 32.08 25.88 -0.72
N GLU A 21 33.12 26.66 -0.82
CA GLU A 21 33.29 27.62 -1.87
C GLU A 21 33.41 26.92 -3.24
N ASP A 22 34.04 25.74 -3.26
CA ASP A 22 34.26 25.00 -4.51
C ASP A 22 32.96 24.47 -5.04
N ILE A 23 32.19 23.82 -4.17
CA ILE A 23 30.89 23.27 -4.55
C ILE A 23 29.96 24.38 -5.06
N LYS A 24 29.95 25.50 -4.35
CA LYS A 24 29.12 26.64 -4.76
C LYS A 24 29.47 27.07 -6.17
N ALA A 25 30.76 27.25 -6.43
CA ALA A 25 31.22 27.70 -7.73
C ALA A 25 31.07 26.65 -8.82
N ALA A 26 31.36 25.40 -8.48
CA ALA A 26 31.34 24.31 -9.44
C ALA A 26 29.94 23.96 -9.92
N PHE A 27 29.01 23.96 -9.00
CA PHE A 27 27.65 23.57 -9.33
C PHE A 27 26.84 24.76 -9.90
N ALA A 28 27.28 25.98 -9.60
CA ALA A 28 26.56 27.22 -10.01
C ALA A 28 26.26 27.35 -11.52
N PRO A 29 27.24 27.13 -12.45
CA PRO A 29 26.98 27.24 -13.90
C PRO A 29 25.97 26.19 -14.40
N PHE A 30 25.75 25.16 -13.61
CA PHE A 30 24.88 24.10 -14.02
C PHE A 30 23.50 24.26 -13.41
N GLY A 31 23.44 24.61 -12.13
CA GLY A 31 22.18 24.71 -11.44
C GLY A 31 22.12 25.87 -10.49
N ARG A 32 20.91 26.23 -10.10
CA ARG A 32 20.71 27.36 -9.24
C ARG A 32 20.73 26.90 -7.79
N ILE A 33 21.65 27.44 -7.04
CA ILE A 33 21.88 27.03 -5.70
C ILE A 33 21.45 28.13 -4.77
N SER A 34 20.71 27.78 -3.75
CA SER A 34 20.34 28.73 -2.75
C SER A 34 21.47 28.78 -1.73
N ASP A 35 22.03 27.60 -1.45
CA ASP A 35 23.14 27.44 -0.53
C ASP A 35 23.77 26.08 -0.70
N ALA A 36 25.02 25.97 -0.31
CA ALA A 36 25.80 24.78 -0.40
C ALA A 36 26.80 24.87 0.69
N ARG A 37 27.11 23.78 1.34
CA ARG A 37 28.03 23.81 2.45
C ARG A 37 28.74 22.49 2.62
N VAL A 38 29.98 22.58 2.98
CA VAL A 38 30.84 21.46 3.22
C VAL A 38 31.26 21.43 4.67
N VAL A 39 31.27 20.26 5.26
CA VAL A 39 31.78 20.13 6.60
C VAL A 39 33.29 20.12 6.48
N LYS A 40 33.88 21.20 6.85
CA LYS A 40 35.29 21.30 6.83
C LYS A 40 35.86 21.33 8.22
N ASP A 41 37.11 21.05 8.29
CA ASP A 41 37.80 20.95 9.51
C ASP A 41 38.24 22.30 10.02
N MET A 42 37.82 22.60 11.22
CA MET A 42 38.11 23.84 11.90
C MET A 42 39.60 24.09 12.15
N ALA A 43 40.38 23.04 12.26
CA ALA A 43 41.78 23.19 12.58
C ALA A 43 42.66 23.28 11.34
N THR A 44 42.37 22.45 10.37
CA THR A 44 43.18 22.42 9.16
C THR A 44 42.57 23.26 8.03
N GLY A 45 41.31 23.61 8.15
CA GLY A 45 40.64 24.46 7.17
C GLY A 45 40.13 23.70 5.95
N LYS A 46 40.43 22.42 5.87
CA LYS A 46 40.06 21.66 4.71
C LYS A 46 38.90 20.73 4.99
N SER A 47 38.25 20.30 3.95
CA SER A 47 37.07 19.49 4.01
C SER A 47 37.24 18.17 4.81
N LYS A 48 36.18 17.84 5.53
CA LYS A 48 36.11 16.58 6.27
C LYS A 48 35.50 15.49 5.39
N GLY A 49 34.79 15.89 4.34
CA GLY A 49 34.26 14.90 3.42
C GLY A 49 32.76 15.00 3.15
N TYR A 50 32.09 15.95 3.78
CA TYR A 50 30.63 16.08 3.62
C TYR A 50 30.25 17.31 2.90
N GLY A 51 29.21 17.20 2.14
CA GLY A 51 28.68 18.34 1.44
C GLY A 51 27.18 18.29 1.39
N PHE A 52 26.56 19.42 1.26
CA PHE A 52 25.16 19.52 1.15
C PHE A 52 24.84 20.72 0.28
N VAL A 53 23.87 20.61 -0.60
CA VAL A 53 23.49 21.70 -1.49
C VAL A 53 21.98 21.78 -1.58
N SER A 54 21.44 22.96 -1.56
CA SER A 54 20.04 23.16 -1.76
C SER A 54 19.81 24.05 -2.98
N PHE A 55 19.09 23.52 -3.95
CA PHE A 55 18.84 24.21 -5.21
C PHE A 55 17.51 24.94 -5.19
N PHE A 56 17.29 25.71 -6.22
CA PHE A 56 16.10 26.54 -6.37
C PHE A 56 14.95 25.70 -6.99
N ASN A 57 15.29 24.59 -7.61
CA ASN A 57 14.30 23.73 -8.26
C ASN A 57 14.63 22.25 -8.05
N LYS A 58 13.56 21.41 -8.02
CA LYS A 58 13.73 19.98 -7.79
C LYS A 58 14.58 19.26 -8.83
N TRP A 59 14.23 19.39 -10.12
CA TRP A 59 14.92 18.65 -11.15
C TRP A 59 16.30 19.19 -11.40
N ASP A 60 16.49 20.45 -11.08
CA ASP A 60 17.76 21.14 -11.22
C ASP A 60 18.77 20.45 -10.29
N ALA A 61 18.32 20.20 -9.07
CA ALA A 61 19.10 19.50 -8.06
C ALA A 61 19.28 18.03 -8.40
N GLU A 62 18.19 17.42 -8.79
CA GLU A 62 18.13 16.00 -9.05
C GLU A 62 19.03 15.62 -10.25
N ASN A 63 19.03 16.47 -11.27
CA ASN A 63 19.87 16.28 -12.45
C ASN A 63 21.35 16.54 -12.09
N ALA A 64 21.58 17.49 -11.18
CA ALA A 64 22.92 17.78 -10.68
C ALA A 64 23.52 16.56 -10.02
N ILE A 65 22.68 15.82 -9.27
CA ILE A 65 23.08 14.57 -8.63
C ILE A 65 23.58 13.58 -9.67
N GLN A 66 22.88 13.55 -10.81
CA GLN A 66 23.20 12.61 -11.89
C GLN A 66 24.56 12.94 -12.50
N GLN A 67 24.74 14.21 -12.86
CA GLN A 67 25.98 14.68 -13.49
C GLN A 67 27.18 14.49 -12.57
N MET A 68 27.01 14.85 -11.33
CA MET A 68 28.10 14.81 -10.37
C MET A 68 28.20 13.47 -9.67
N GLY A 69 27.56 12.45 -10.22
CA GLY A 69 27.58 11.10 -9.64
C GLY A 69 28.93 10.42 -9.79
N GLY A 70 29.95 11.07 -9.32
CA GLY A 70 31.28 10.58 -9.39
C GLY A 70 32.06 11.28 -10.47
N GLN A 71 32.03 12.57 -10.43
CA GLN A 71 32.73 13.35 -11.40
C GLN A 71 33.95 13.93 -10.73
N TRP A 72 35.02 14.01 -11.48
CA TRP A 72 36.29 14.48 -10.98
C TRP A 72 36.26 15.97 -10.78
N LEU A 73 35.92 16.37 -9.58
CA LEU A 73 35.89 17.76 -9.23
C LEU A 73 37.13 18.07 -8.41
N GLY A 74 37.72 19.21 -8.65
CA GLY A 74 38.95 19.58 -7.99
C GLY A 74 40.09 18.72 -8.47
N GLY A 75 40.49 17.77 -7.67
CA GLY A 75 41.53 16.87 -8.05
C GLY A 75 41.12 15.42 -7.93
N ARG A 76 39.86 15.15 -7.56
CA ARG A 76 39.45 13.77 -7.39
C ARG A 76 37.92 13.61 -7.53
N GLN A 77 37.50 12.40 -7.83
CA GLN A 77 36.11 12.03 -7.96
C GLN A 77 35.39 12.06 -6.59
N ILE A 78 34.28 12.79 -6.54
CA ILE A 78 33.44 12.94 -5.34
C ILE A 78 32.16 12.16 -5.55
N ARG A 79 31.33 12.06 -4.54
CA ARG A 79 30.13 11.28 -4.67
C ARG A 79 28.91 12.14 -4.35
N THR A 80 27.82 11.83 -4.96
CA THR A 80 26.58 12.48 -4.68
C THR A 80 25.61 11.47 -4.11
N ASN A 81 24.71 11.92 -3.29
CA ASN A 81 23.72 11.07 -2.70
C ASN A 81 22.37 11.75 -2.80
N TRP A 82 21.34 10.96 -2.82
CA TRP A 82 20.02 11.45 -2.97
C TRP A 82 19.49 11.97 -1.65
N ALA A 83 18.94 13.15 -1.70
CA ALA A 83 18.25 13.77 -0.58
C ALA A 83 16.93 14.24 -1.14
N THR A 84 16.52 13.52 -2.17
CA THR A 84 15.34 13.79 -2.94
C THR A 84 14.09 13.63 -2.06
N ARG A 85 13.30 14.67 -2.00
CA ARG A 85 12.13 14.66 -1.18
C ARG A 85 10.96 14.06 -1.96
N LYS A 86 10.81 12.79 -1.83
CA LYS A 86 9.76 12.05 -2.48
C LYS A 86 8.78 11.53 -1.45
N PRO A 87 7.48 11.69 -1.67
CA PRO A 87 6.49 11.18 -0.75
C PRO A 87 6.28 9.66 -0.94
N PRO A 88 6.03 8.92 0.14
CA PRO A 88 5.77 7.50 0.06
C PRO A 88 4.33 7.21 -0.39
N ALA A 89 4.17 6.19 -1.18
CA ALA A 89 2.85 5.81 -1.64
C ALA A 89 2.30 4.74 -0.72
N PRO A 90 1.12 4.97 -0.13
CA PRO A 90 0.50 4.01 0.79
C PRO A 90 -0.47 3.06 0.05
N LYS A 91 -0.23 2.86 -1.21
CA LYS A 91 -1.09 2.03 -2.00
C LYS A 91 -0.41 0.67 -2.16
N SER A 92 -0.89 -0.30 -1.39
CA SER A 92 -0.40 -1.67 -1.39
C SER A 92 -0.19 -2.21 -2.82
N THR A 93 0.98 -2.82 -3.02
CA THR A 93 1.50 -3.30 -4.31
C THR A 93 0.45 -3.82 -5.30
N TYR A 94 0.04 -5.00 -5.10
CA TYR A 94 -0.92 -5.65 -5.99
C TYR A 94 -2.27 -5.78 -5.31
N GLU A 95 -2.31 -5.34 -4.08
CA GLU A 95 -3.50 -5.44 -3.27
C GLU A 95 -4.38 -4.26 -3.61
N SER A 96 -5.29 -4.47 -4.50
CA SER A 96 -6.19 -3.43 -4.96
C SER A 96 -7.53 -4.03 -5.41
N ASN A 97 -7.91 -5.11 -4.76
CA ASN A 97 -9.16 -5.79 -5.09
C ASN A 97 -9.59 -6.55 -3.84
N THR A 98 -10.62 -7.35 -3.92
CA THR A 98 -11.12 -8.10 -2.79
C THR A 98 -10.11 -9.19 -2.38
N LYS A 99 -9.35 -8.90 -1.33
CA LYS A 99 -8.35 -9.82 -0.84
C LYS A 99 -9.02 -10.94 -0.05
N GLN A 100 -10.08 -10.58 0.64
CA GLN A 100 -10.84 -11.47 1.48
C GLN A 100 -12.10 -10.76 1.91
N LEU A 101 -12.93 -11.41 2.67
CA LEU A 101 -14.12 -10.82 3.21
C LEU A 101 -13.97 -10.81 4.71
N SER A 102 -14.38 -9.76 5.33
CA SER A 102 -14.14 -9.61 6.72
C SER A 102 -15.44 -9.69 7.49
N TYR A 103 -15.41 -10.39 8.61
CA TYR A 103 -16.57 -10.53 9.49
C TYR A 103 -17.20 -9.18 9.80
N ASP A 104 -16.35 -8.17 10.01
CA ASP A 104 -16.82 -6.81 10.26
C ASP A 104 -17.66 -6.28 9.11
N GLU A 105 -17.15 -6.39 7.90
CA GLU A 105 -17.87 -5.85 6.78
C GLU A 105 -19.12 -6.63 6.49
N VAL A 106 -19.04 -7.94 6.67
CA VAL A 106 -20.18 -8.82 6.48
C VAL A 106 -21.29 -8.50 7.48
N VAL A 107 -20.94 -8.32 8.74
CA VAL A 107 -21.94 -8.04 9.77
C VAL A 107 -22.53 -6.63 9.55
N ASN A 108 -21.72 -5.76 8.96
CA ASN A 108 -22.10 -4.40 8.64
C ASN A 108 -22.88 -4.31 7.31
N GLN A 109 -23.06 -5.47 6.65
CA GLN A 109 -23.78 -5.52 5.37
C GLN A 109 -25.29 -5.52 5.55
N SER A 110 -25.75 -5.73 6.76
CA SER A 110 -27.16 -5.71 7.06
C SER A 110 -27.41 -5.31 8.50
N SER A 111 -28.65 -4.98 8.80
CA SER A 111 -29.03 -4.64 10.14
C SER A 111 -29.03 -5.94 10.98
N PRO A 112 -28.61 -5.85 12.27
CA PRO A 112 -28.50 -7.02 13.19
C PRO A 112 -29.80 -7.81 13.36
N SER A 113 -30.91 -7.27 12.92
CA SER A 113 -32.18 -7.94 13.02
C SER A 113 -32.34 -8.98 11.89
N ASN A 114 -31.50 -8.89 10.85
CA ASN A 114 -31.54 -9.86 9.78
C ASN A 114 -30.85 -11.13 10.24
N CYS A 115 -31.52 -12.22 10.17
CA CYS A 115 -30.98 -13.46 10.63
C CYS A 115 -30.88 -14.50 9.51
N THR A 116 -31.15 -14.09 8.30
CA THR A 116 -31.17 -15.02 7.21
C THR A 116 -29.94 -14.89 6.30
N VAL A 117 -29.35 -16.01 5.98
CA VAL A 117 -28.24 -16.12 5.05
C VAL A 117 -28.74 -16.69 3.73
N TYR A 118 -28.30 -16.14 2.64
CA TYR A 118 -28.63 -16.62 1.33
C TYR A 118 -27.45 -17.42 0.79
N CYS A 119 -27.72 -18.64 0.48
CA CYS A 119 -26.74 -19.53 -0.08
C CYS A 119 -27.14 -19.79 -1.52
N GLY A 120 -26.21 -19.67 -2.44
CA GLY A 120 -26.52 -19.96 -3.81
C GLY A 120 -25.41 -20.72 -4.48
N GLY A 121 -25.76 -21.57 -5.42
CA GLY A 121 -24.78 -22.34 -6.14
C GLY A 121 -25.04 -23.84 -6.11
N VAL A 122 -26.22 -24.24 -5.64
CA VAL A 122 -26.57 -25.66 -5.58
C VAL A 122 -27.86 -25.86 -6.34
N THR A 123 -27.78 -26.43 -7.49
CA THR A 123 -28.92 -26.62 -8.35
C THR A 123 -29.72 -27.89 -8.02
N SER A 124 -29.02 -28.92 -7.62
CA SER A 124 -29.62 -30.22 -7.52
C SER A 124 -29.30 -30.89 -6.18
N GLY A 125 -30.28 -31.58 -5.62
CA GLY A 125 -30.07 -32.28 -4.36
C GLY A 125 -30.08 -31.34 -3.19
N LEU A 126 -30.44 -30.10 -3.46
CA LEU A 126 -30.52 -29.06 -2.47
C LEU A 126 -31.68 -29.35 -1.53
N THR A 127 -31.37 -29.99 -0.46
CA THR A 127 -32.31 -30.34 0.53
C THR A 127 -32.15 -29.45 1.73
N GLU A 128 -33.10 -29.49 2.63
CA GLU A 128 -33.01 -28.72 3.81
C GLU A 128 -31.90 -29.25 4.74
N GLN A 129 -31.76 -30.56 4.75
CA GLN A 129 -30.79 -31.24 5.52
C GLN A 129 -29.38 -30.88 5.06
N LEU A 130 -29.16 -30.86 3.74
CA LEU A 130 -27.86 -30.54 3.17
C LEU A 130 -27.36 -29.17 3.65
N MET A 131 -28.25 -28.19 3.61
CA MET A 131 -27.86 -26.84 4.02
C MET A 131 -27.69 -26.78 5.51
N ARG A 132 -28.60 -27.42 6.22
CA ARG A 132 -28.56 -27.47 7.67
C ARG A 132 -27.23 -28.03 8.16
N GLN A 133 -26.85 -29.18 7.61
CA GLN A 133 -25.62 -29.87 7.96
C GLN A 133 -24.39 -28.99 7.71
N THR A 134 -24.40 -28.29 6.60
CA THR A 134 -23.30 -27.43 6.21
C THR A 134 -23.17 -26.22 7.17
N PHE A 135 -24.28 -25.55 7.41
CA PHE A 135 -24.33 -24.36 8.25
C PHE A 135 -24.09 -24.59 9.73
N SER A 136 -24.51 -25.74 10.21
CA SER A 136 -24.46 -26.12 11.63
C SER A 136 -23.11 -25.82 12.37
N PRO A 137 -21.91 -26.19 11.83
CA PRO A 137 -20.63 -25.85 12.49
C PRO A 137 -20.36 -24.34 12.56
N PHE A 138 -21.07 -23.57 11.75
CA PHE A 138 -20.88 -22.13 11.70
C PHE A 138 -21.91 -21.41 12.56
N GLY A 139 -23.10 -21.97 12.66
CA GLY A 139 -24.12 -21.35 13.46
C GLY A 139 -25.33 -22.23 13.65
N GLN A 140 -26.28 -21.74 14.43
CA GLN A 140 -27.49 -22.49 14.73
C GLN A 140 -28.58 -22.14 13.75
N ILE A 141 -29.11 -23.14 13.10
CA ILE A 141 -30.15 -22.99 12.11
C ILE A 141 -31.53 -23.08 12.74
N MET A 142 -32.42 -22.17 12.35
CA MET A 142 -33.80 -22.21 12.78
C MET A 142 -34.66 -22.81 11.67
N GLU A 143 -34.35 -22.46 10.43
CA GLU A 143 -35.12 -22.88 9.28
C GLU A 143 -34.24 -22.97 8.06
N ILE A 144 -34.66 -23.76 7.10
CA ILE A 144 -33.97 -23.90 5.84
C ILE A 144 -34.99 -23.79 4.72
N ARG A 145 -34.85 -22.80 3.90
CA ARG A 145 -35.66 -22.63 2.73
C ARG A 145 -34.80 -22.91 1.54
N VAL A 146 -35.21 -23.82 0.71
CA VAL A 146 -34.39 -24.18 -0.44
C VAL A 146 -35.19 -24.06 -1.72
N PHE A 147 -34.52 -23.65 -2.76
CA PHE A 147 -35.10 -23.50 -4.06
C PHE A 147 -34.11 -24.02 -5.10
N PRO A 148 -34.13 -25.34 -5.37
CA PRO A 148 -33.22 -25.96 -6.35
C PRO A 148 -33.49 -25.47 -7.77
N ASP A 149 -34.68 -24.93 -7.96
CA ASP A 149 -35.15 -24.43 -9.25
C ASP A 149 -34.29 -23.24 -9.71
N LYS A 150 -33.88 -22.44 -8.77
CA LYS A 150 -33.00 -21.33 -9.08
C LYS A 150 -31.60 -21.52 -8.49
N GLY A 151 -31.44 -22.62 -7.77
CA GLY A 151 -30.16 -22.97 -7.20
C GLY A 151 -29.75 -22.14 -5.99
N TYR A 152 -30.71 -21.79 -5.14
CA TYR A 152 -30.38 -21.01 -3.96
C TYR A 152 -31.20 -21.45 -2.74
N SER A 153 -30.78 -21.01 -1.59
CA SER A 153 -31.41 -21.35 -0.35
C SER A 153 -31.32 -20.17 0.64
N PHE A 154 -32.29 -20.08 1.52
CA PHE A 154 -32.29 -19.11 2.59
C PHE A 154 -32.20 -19.88 3.90
N VAL A 155 -31.16 -19.64 4.61
CA VAL A 155 -30.93 -20.31 5.88
C VAL A 155 -30.99 -19.29 6.98
N ARG A 156 -31.93 -19.42 7.86
CA ARG A 156 -32.06 -18.46 8.93
C ARG A 156 -31.50 -19.01 10.22
N PHE A 157 -30.69 -18.20 10.86
CA PHE A 157 -29.99 -18.54 12.08
C PHE A 157 -30.66 -17.86 13.25
N ASN A 158 -30.35 -18.29 14.46
CA ASN A 158 -30.95 -17.67 15.65
C ASN A 158 -30.05 -16.57 16.20
N SER A 159 -28.92 -16.41 15.57
CA SER A 159 -27.95 -15.44 15.96
C SER A 159 -27.37 -14.76 14.71
N HIS A 160 -27.19 -13.45 14.79
CA HIS A 160 -26.74 -12.65 13.66
C HIS A 160 -25.25 -12.88 13.45
N GLU A 161 -24.57 -13.01 14.56
CA GLU A 161 -23.12 -13.23 14.60
C GLU A 161 -22.79 -14.50 13.83
N SER A 162 -23.54 -15.54 14.14
CA SER A 162 -23.37 -16.84 13.52
C SER A 162 -23.73 -16.78 12.03
N ALA A 163 -24.70 -15.96 11.69
CA ALA A 163 -25.13 -15.81 10.32
C ALA A 163 -24.05 -15.11 9.50
N ALA A 164 -23.46 -14.07 10.09
CA ALA A 164 -22.37 -13.36 9.44
C ALA A 164 -21.17 -14.28 9.28
N HIS A 165 -20.91 -15.06 10.34
CA HIS A 165 -19.83 -16.03 10.34
C HIS A 165 -20.00 -17.05 9.22
N ALA A 166 -21.22 -17.53 9.06
CA ALA A 166 -21.53 -18.52 8.04
C ALA A 166 -21.21 -17.98 6.65
N ILE A 167 -21.59 -16.75 6.42
CA ILE A 167 -21.32 -16.10 5.15
C ILE A 167 -19.81 -15.99 4.90
N VAL A 168 -19.09 -15.53 5.90
CA VAL A 168 -17.62 -15.36 5.81
C VAL A 168 -16.91 -16.67 5.44
N SER A 169 -17.36 -17.74 6.05
CA SER A 169 -16.72 -19.00 5.90
C SER A 169 -17.20 -19.78 4.66
N VAL A 170 -18.48 -19.70 4.36
CA VAL A 170 -19.06 -20.39 3.23
C VAL A 170 -18.72 -19.67 1.91
N ASN A 171 -18.35 -18.40 1.99
CA ASN A 171 -17.99 -17.66 0.81
C ASN A 171 -16.76 -18.17 0.15
N GLY A 172 -16.97 -18.89 -0.91
CA GLY A 172 -15.91 -19.44 -1.67
C GLY A 172 -15.73 -20.92 -1.42
N THR A 173 -16.74 -21.54 -0.82
CA THR A 173 -16.66 -22.97 -0.61
C THR A 173 -17.23 -23.71 -1.82
N THR A 174 -17.29 -25.00 -1.78
CA THR A 174 -17.74 -25.74 -2.93
C THR A 174 -18.75 -26.83 -2.54
N ILE A 175 -19.91 -26.76 -3.14
CA ILE A 175 -20.97 -27.73 -2.97
C ILE A 175 -21.47 -28.06 -4.36
N GLU A 176 -21.79 -29.32 -4.59
CA GLU A 176 -22.26 -29.82 -5.90
C GLU A 176 -21.19 -29.50 -7.00
N GLY A 177 -19.93 -29.53 -6.62
CA GLY A 177 -18.86 -29.21 -7.57
C GLY A 177 -18.82 -27.72 -7.96
N HIS A 178 -19.81 -26.97 -7.54
CA HIS A 178 -19.93 -25.58 -7.85
C HIS A 178 -19.46 -24.76 -6.67
N VAL A 179 -18.91 -23.62 -6.96
CA VAL A 179 -18.47 -22.72 -5.93
C VAL A 179 -19.68 -22.02 -5.37
N VAL A 180 -19.90 -22.17 -4.10
CA VAL A 180 -21.06 -21.61 -3.48
C VAL A 180 -20.71 -20.30 -2.81
N LYS A 181 -21.61 -19.40 -2.93
CA LYS A 181 -21.43 -18.06 -2.49
C LYS A 181 -22.60 -17.61 -1.65
N CYS A 182 -22.32 -17.06 -0.52
CA CYS A 182 -23.34 -16.61 0.39
C CYS A 182 -23.30 -15.09 0.63
N TYR A 183 -24.46 -14.55 0.95
CA TYR A 183 -24.67 -13.16 1.33
C TYR A 183 -25.88 -13.14 2.23
N TRP A 184 -26.34 -11.98 2.59
CA TRP A 184 -27.50 -11.90 3.46
C TRP A 184 -28.79 -12.20 2.73
N GLY A 185 -29.56 -13.07 3.33
CA GLY A 185 -30.80 -13.49 2.78
C GLY A 185 -31.93 -12.72 3.39
N LYS A 186 -33.09 -13.30 3.35
CA LYS A 186 -34.31 -12.73 3.88
C LYS A 186 -35.26 -13.87 4.20
N GLY A 1 -10.40 -11.85 -10.29
CA GLY A 1 -10.21 -10.40 -10.40
C GLY A 1 -9.70 -10.09 -11.77
N ALA A 2 -8.48 -9.58 -11.85
CA ALA A 2 -7.83 -9.43 -13.14
C ALA A 2 -7.33 -10.80 -13.51
N MET A 3 -6.66 -11.39 -12.55
CA MET A 3 -6.24 -12.75 -12.62
C MET A 3 -7.39 -13.55 -12.01
N ALA A 4 -7.62 -14.76 -12.55
CA ALA A 4 -8.73 -15.63 -12.14
C ALA A 4 -10.09 -15.03 -12.56
N ASN A 5 -10.97 -15.88 -13.03
CA ASN A 5 -12.27 -15.40 -13.56
C ASN A 5 -13.30 -15.34 -12.43
N HIS A 6 -12.83 -15.42 -11.23
CA HIS A 6 -13.68 -15.38 -10.06
C HIS A 6 -13.74 -13.96 -9.57
N PHE A 7 -14.76 -13.66 -8.82
CA PHE A 7 -14.98 -12.33 -8.35
C PHE A 7 -14.26 -12.20 -7.02
N HIS A 8 -13.61 -11.09 -6.78
CA HIS A 8 -12.86 -10.94 -5.56
C HIS A 8 -13.38 -9.79 -4.77
N VAL A 9 -13.46 -9.97 -3.49
CA VAL A 9 -13.87 -8.95 -2.58
C VAL A 9 -12.72 -8.67 -1.65
N PHE A 10 -12.48 -7.42 -1.37
CA PHE A 10 -11.43 -7.03 -0.47
C PHE A 10 -12.05 -6.82 0.88
N VAL A 11 -11.52 -7.49 1.85
CA VAL A 11 -12.00 -7.39 3.19
C VAL A 11 -10.97 -6.62 3.98
N GLY A 12 -11.40 -5.68 4.77
CA GLY A 12 -10.47 -4.86 5.47
C GLY A 12 -10.94 -4.57 6.84
N ASP A 13 -10.08 -3.91 7.61
CA ASP A 13 -10.34 -3.52 9.00
C ASP A 13 -10.52 -4.77 9.84
N LEU A 14 -9.92 -5.86 9.35
CA LEU A 14 -9.99 -7.14 9.97
C LEU A 14 -9.32 -7.13 11.29
N SER A 15 -10.06 -7.54 12.26
CA SER A 15 -9.57 -7.60 13.57
C SER A 15 -8.67 -8.82 13.69
N PRO A 16 -7.55 -8.72 14.45
CA PRO A 16 -6.60 -9.86 14.64
C PRO A 16 -7.32 -11.06 15.26
N GLU A 17 -8.45 -10.76 15.85
CA GLU A 17 -9.35 -11.67 16.50
C GLU A 17 -9.97 -12.63 15.46
N ILE A 18 -9.95 -12.20 14.21
CA ILE A 18 -10.50 -12.92 13.08
C ILE A 18 -9.36 -13.68 12.40
N THR A 19 -9.68 -14.71 11.69
CA THR A 19 -8.73 -15.47 10.94
C THR A 19 -9.34 -15.83 9.57
N THR A 20 -8.53 -16.39 8.69
CA THR A 20 -8.96 -16.77 7.36
C THR A 20 -10.13 -17.77 7.40
N GLU A 21 -10.02 -18.68 8.32
CA GLU A 21 -10.98 -19.74 8.56
C GLU A 21 -12.34 -19.14 8.96
N ASP A 22 -12.29 -18.04 9.72
CA ASP A 22 -13.47 -17.35 10.20
C ASP A 22 -14.23 -16.75 9.04
N ILE A 23 -13.50 -16.06 8.16
CA ILE A 23 -14.10 -15.45 6.97
C ILE A 23 -14.76 -16.50 6.09
N LYS A 24 -14.07 -17.62 5.90
CA LYS A 24 -14.59 -18.70 5.07
C LYS A 24 -15.98 -19.13 5.55
N ALA A 25 -16.10 -19.36 6.85
CA ALA A 25 -17.36 -19.77 7.42
C ALA A 25 -18.40 -18.65 7.43
N ALA A 26 -17.98 -17.46 7.82
CA ALA A 26 -18.87 -16.31 7.98
C ALA A 26 -19.47 -15.83 6.67
N PHE A 27 -18.66 -15.79 5.64
CA PHE A 27 -19.12 -15.28 4.37
C PHE A 27 -19.85 -16.34 3.53
N ALA A 28 -19.63 -17.63 3.85
CA ALA A 28 -20.24 -18.76 3.10
C ALA A 28 -21.79 -18.68 2.92
N PRO A 29 -22.60 -18.37 3.98
CA PRO A 29 -24.05 -18.24 3.83
C PRO A 29 -24.46 -17.08 2.91
N PHE A 30 -23.64 -16.05 2.88
CA PHE A 30 -23.95 -14.87 2.11
C PHE A 30 -23.58 -15.08 0.66
N GLY A 31 -22.42 -15.67 0.44
CA GLY A 31 -21.96 -15.92 -0.88
C GLY A 31 -21.09 -17.15 -0.94
N ARG A 32 -21.22 -17.92 -2.00
CA ARG A 32 -20.44 -19.10 -2.19
C ARG A 32 -19.00 -18.73 -2.52
N ILE A 33 -18.13 -19.19 -1.68
CA ILE A 33 -16.75 -18.87 -1.71
C ILE A 33 -16.00 -19.97 -2.38
N SER A 34 -15.14 -19.62 -3.30
CA SER A 34 -14.28 -20.58 -3.92
C SER A 34 -13.05 -20.71 -3.02
N ASP A 35 -12.62 -19.57 -2.49
CA ASP A 35 -11.50 -19.47 -1.57
C ASP A 35 -11.53 -18.12 -0.89
N ALA A 36 -10.87 -17.99 0.22
CA ALA A 36 -10.82 -16.79 0.99
C ALA A 36 -9.53 -16.83 1.70
N ARG A 37 -8.87 -15.71 1.82
CA ARG A 37 -7.58 -15.68 2.44
C ARG A 37 -7.31 -14.34 3.06
N VAL A 38 -6.70 -14.37 4.20
CA VAL A 38 -6.38 -13.18 4.93
C VAL A 38 -4.91 -13.16 5.13
N VAL A 39 -4.33 -12.00 5.11
CA VAL A 39 -2.97 -11.89 5.48
C VAL A 39 -2.99 -11.90 6.99
N LYS A 40 -2.61 -13.00 7.53
CA LYS A 40 -2.64 -13.20 8.93
C LYS A 40 -1.27 -13.51 9.42
N ASP A 41 -1.10 -13.40 10.69
CA ASP A 41 0.13 -13.62 11.35
C ASP A 41 0.34 -15.11 11.47
N MET A 42 1.33 -15.60 10.80
CA MET A 42 1.63 -17.04 10.78
C MET A 42 2.00 -17.62 12.16
N ALA A 43 2.37 -16.76 13.10
CA ALA A 43 2.79 -17.23 14.40
C ALA A 43 1.63 -17.27 15.38
N THR A 44 0.87 -16.19 15.44
CA THR A 44 -0.24 -16.11 16.37
C THR A 44 -1.58 -16.52 15.72
N GLY A 45 -1.57 -16.66 14.40
CA GLY A 45 -2.77 -17.05 13.67
C GLY A 45 -3.80 -15.94 13.66
N LYS A 46 -3.35 -14.72 13.90
CA LYS A 46 -4.23 -13.57 13.99
C LYS A 46 -4.10 -12.72 12.75
N SER A 47 -5.20 -12.23 12.25
CA SER A 47 -5.22 -11.38 11.04
C SER A 47 -4.35 -10.11 11.20
N LYS A 48 -3.72 -9.70 10.11
CA LYS A 48 -2.88 -8.51 10.12
C LYS A 48 -3.70 -7.26 9.78
N GLY A 49 -4.95 -7.46 9.37
CA GLY A 49 -5.80 -6.31 9.12
C GLY A 49 -6.58 -6.37 7.82
N TYR A 50 -6.21 -7.24 6.90
CA TYR A 50 -6.89 -7.27 5.60
C TYR A 50 -6.83 -8.64 4.94
N GLY A 51 -7.73 -8.86 4.00
CA GLY A 51 -7.82 -10.12 3.31
C GLY A 51 -8.64 -10.00 2.04
N PHE A 52 -8.84 -11.11 1.39
CA PHE A 52 -9.57 -11.17 0.12
C PHE A 52 -10.43 -12.42 0.09
N VAL A 53 -11.57 -12.34 -0.54
CA VAL A 53 -12.43 -13.49 -0.71
C VAL A 53 -12.73 -13.66 -2.20
N SER A 54 -12.68 -14.87 -2.66
CA SER A 54 -12.93 -15.18 -4.03
C SER A 54 -14.27 -15.92 -4.13
N PHE A 55 -15.21 -15.30 -4.82
CA PHE A 55 -16.52 -15.86 -5.01
C PHE A 55 -16.67 -16.33 -6.43
N PHE A 56 -17.56 -17.26 -6.65
CA PHE A 56 -17.76 -17.81 -7.97
C PHE A 56 -18.71 -16.94 -8.81
N ASN A 57 -19.67 -16.34 -8.16
CA ASN A 57 -20.68 -15.54 -8.86
C ASN A 57 -20.80 -14.14 -8.25
N LYS A 58 -21.24 -13.18 -9.08
CA LYS A 58 -21.36 -11.78 -8.70
C LYS A 58 -22.23 -11.55 -7.48
N TRP A 59 -23.44 -12.09 -7.51
CA TRP A 59 -24.41 -11.85 -6.43
C TRP A 59 -23.89 -12.33 -5.09
N ASP A 60 -23.15 -13.41 -5.10
CA ASP A 60 -22.59 -13.99 -3.89
C ASP A 60 -21.64 -13.02 -3.24
N ALA A 61 -20.80 -12.43 -4.06
CA ALA A 61 -19.82 -11.47 -3.60
C ALA A 61 -20.48 -10.18 -3.17
N GLU A 62 -21.38 -9.73 -4.00
CA GLU A 62 -22.10 -8.48 -3.84
C GLU A 62 -22.95 -8.50 -2.58
N ASN A 63 -23.67 -9.60 -2.38
CA ASN A 63 -24.49 -9.79 -1.19
C ASN A 63 -23.61 -9.77 0.05
N ALA A 64 -22.49 -10.50 -0.03
CA ALA A 64 -21.55 -10.59 1.08
C ALA A 64 -20.98 -9.23 1.46
N ILE A 65 -20.67 -8.40 0.45
CA ILE A 65 -20.16 -7.05 0.70
C ILE A 65 -21.18 -6.25 1.49
N GLN A 66 -22.42 -6.33 1.06
CA GLN A 66 -23.51 -5.62 1.69
C GLN A 66 -23.79 -6.09 3.12
N GLN A 67 -23.91 -7.40 3.30
CA GLN A 67 -24.25 -7.98 4.61
C GLN A 67 -23.14 -7.78 5.62
N MET A 68 -21.92 -7.91 5.16
CA MET A 68 -20.77 -7.79 6.02
C MET A 68 -20.20 -6.40 6.00
N GLY A 69 -20.98 -5.46 5.48
CA GLY A 69 -20.57 -4.07 5.41
C GLY A 69 -20.56 -3.39 6.78
N GLY A 70 -19.73 -3.88 7.67
CA GLY A 70 -19.63 -3.33 8.99
C GLY A 70 -20.45 -4.13 9.96
N GLN A 71 -20.27 -5.42 9.93
CA GLN A 71 -20.99 -6.28 10.79
C GLN A 71 -20.05 -6.80 11.84
N TRP A 72 -20.58 -7.01 13.02
CA TRP A 72 -19.86 -7.49 14.14
C TRP A 72 -19.50 -8.96 13.92
N LEU A 73 -18.33 -9.17 13.40
CA LEU A 73 -17.80 -10.48 13.21
C LEU A 73 -16.68 -10.70 14.20
N GLY A 74 -16.68 -11.83 14.85
CA GLY A 74 -15.73 -12.06 15.91
C GLY A 74 -16.19 -11.33 17.13
N GLY A 75 -15.54 -10.24 17.44
CA GLY A 75 -15.96 -9.46 18.57
C GLY A 75 -16.19 -8.02 18.20
N ARG A 76 -15.98 -7.65 16.94
CA ARG A 76 -16.14 -6.27 16.53
C ARG A 76 -16.43 -6.15 15.04
N GLN A 77 -16.51 -4.95 14.55
CA GLN A 77 -16.84 -4.71 13.16
C GLN A 77 -15.64 -4.76 12.24
N ILE A 78 -15.89 -5.31 11.06
CA ILE A 78 -14.92 -5.34 9.97
C ILE A 78 -15.61 -4.69 8.79
N ARG A 79 -14.89 -4.37 7.77
CA ARG A 79 -15.50 -3.72 6.65
C ARG A 79 -15.15 -4.40 5.33
N THR A 80 -16.06 -4.34 4.41
CA THR A 80 -15.92 -4.92 3.11
C THR A 80 -15.66 -3.82 2.08
N ASN A 81 -14.96 -4.13 1.04
CA ASN A 81 -14.67 -3.16 0.01
C ASN A 81 -14.99 -3.79 -1.33
N TRP A 82 -15.39 -2.97 -2.26
CA TRP A 82 -15.76 -3.42 -3.58
C TRP A 82 -14.53 -3.66 -4.45
N ALA A 83 -14.69 -4.56 -5.38
CA ALA A 83 -13.71 -4.93 -6.37
C ALA A 83 -14.49 -5.62 -7.47
N THR A 84 -13.89 -5.87 -8.60
CA THR A 84 -14.61 -6.47 -9.71
C THR A 84 -13.76 -7.53 -10.44
N ARG A 85 -14.33 -8.10 -11.49
CA ARG A 85 -13.61 -9.01 -12.34
C ARG A 85 -13.17 -8.17 -13.52
N LYS A 86 -11.92 -7.94 -13.60
CA LYS A 86 -11.36 -7.07 -14.57
C LYS A 86 -10.53 -7.85 -15.58
N PRO A 87 -10.55 -7.46 -16.88
CA PRO A 87 -9.59 -7.98 -17.86
C PRO A 87 -8.15 -7.61 -17.39
N PRO A 88 -7.08 -8.24 -17.94
CA PRO A 88 -5.71 -8.05 -17.45
C PRO A 88 -5.26 -6.58 -17.47
N ALA A 89 -4.53 -6.22 -16.45
CA ALA A 89 -4.03 -4.88 -16.29
C ALA A 89 -2.57 -4.81 -16.67
N PRO A 90 -2.20 -3.94 -17.61
CA PRO A 90 -0.79 -3.71 -17.93
C PRO A 90 -0.10 -3.05 -16.75
N LYS A 91 0.88 -3.71 -16.21
CA LYS A 91 1.56 -3.19 -15.06
C LYS A 91 2.63 -2.22 -15.45
N SER A 92 2.23 -0.99 -15.61
CA SER A 92 3.12 0.10 -15.92
C SER A 92 3.63 0.73 -14.61
N THR A 93 3.77 -0.10 -13.60
CA THR A 93 4.21 0.32 -12.31
C THR A 93 5.72 0.44 -12.27
N TYR A 94 6.19 1.55 -12.75
CA TYR A 94 7.57 1.92 -12.81
C TYR A 94 7.65 3.38 -13.09
N GLU A 95 8.72 4.02 -12.62
CA GLU A 95 8.94 5.45 -12.78
C GLU A 95 7.80 6.22 -12.01
N SER A 96 7.57 7.46 -12.35
CA SER A 96 6.52 8.23 -11.72
C SER A 96 5.71 8.94 -12.79
N ASN A 97 6.04 8.64 -14.06
CA ASN A 97 5.48 9.33 -15.22
C ASN A 97 5.88 10.80 -15.11
N THR A 98 7.19 11.00 -15.04
CA THR A 98 7.79 12.29 -14.86
C THR A 98 7.51 13.26 -16.01
N LYS A 99 6.65 14.18 -15.73
CA LYS A 99 6.37 15.32 -16.57
C LYS A 99 6.70 16.48 -15.70
N GLN A 100 6.08 16.41 -14.55
CA GLN A 100 6.30 17.16 -13.38
C GLN A 100 5.63 16.30 -12.37
N LEU A 101 5.91 16.47 -11.12
CA LEU A 101 5.21 15.70 -10.13
C LEU A 101 4.37 16.59 -9.28
N SER A 102 3.11 16.57 -9.53
CA SER A 102 2.19 17.33 -8.76
C SER A 102 1.95 16.58 -7.46
N TYR A 103 1.74 17.30 -6.38
CA TYR A 103 1.51 16.70 -5.06
C TYR A 103 0.41 15.65 -5.14
N ASP A 104 -0.64 15.97 -5.88
CA ASP A 104 -1.79 15.11 -6.14
C ASP A 104 -1.34 13.79 -6.72
N GLU A 105 -0.49 13.86 -7.75
CA GLU A 105 0.04 12.67 -8.41
C GLU A 105 0.86 11.85 -7.45
N VAL A 106 1.67 12.54 -6.67
CA VAL A 106 2.60 11.90 -5.76
C VAL A 106 1.91 11.25 -4.56
N VAL A 107 1.03 11.98 -3.91
CA VAL A 107 0.39 11.53 -2.67
C VAL A 107 -0.48 10.27 -2.91
N ASN A 108 -1.02 10.18 -4.11
CA ASN A 108 -1.89 9.07 -4.49
C ASN A 108 -1.09 7.81 -4.85
N GLN A 109 0.23 7.91 -4.82
CA GLN A 109 1.08 6.77 -5.16
C GLN A 109 1.38 5.87 -3.96
N SER A 110 0.91 6.25 -2.80
CA SER A 110 1.09 5.43 -1.61
C SER A 110 -0.01 5.64 -0.60
N SER A 111 -0.10 4.72 0.32
CA SER A 111 -0.99 4.83 1.42
C SER A 111 -0.37 5.83 2.40
N PRO A 112 -1.20 6.63 3.11
CA PRO A 112 -0.71 7.69 4.03
C PRO A 112 0.27 7.21 5.12
N SER A 113 0.33 5.91 5.35
CA SER A 113 1.21 5.36 6.33
C SER A 113 2.66 5.24 5.80
N ASN A 114 2.82 5.32 4.48
CA ASN A 114 4.16 5.37 3.92
C ASN A 114 4.67 6.78 4.07
N CYS A 115 5.75 6.94 4.74
CA CYS A 115 6.35 8.25 4.90
C CYS A 115 7.77 8.25 4.36
N THR A 116 8.13 7.21 3.65
CA THR A 116 9.49 7.06 3.20
C THR A 116 9.65 7.48 1.73
N VAL A 117 10.66 8.27 1.50
CA VAL A 117 11.06 8.71 0.20
C VAL A 117 12.30 7.90 -0.22
N TYR A 118 12.30 7.48 -1.43
CA TYR A 118 13.38 6.76 -2.01
C TYR A 118 14.12 7.71 -2.95
N CYS A 119 15.31 8.06 -2.60
CA CYS A 119 16.09 8.94 -3.44
C CYS A 119 17.27 8.19 -4.02
N GLY A 120 17.31 8.09 -5.33
CA GLY A 120 18.38 7.36 -5.97
C GLY A 120 19.17 8.23 -6.91
N GLY A 121 20.45 7.93 -7.06
CA GLY A 121 21.31 8.68 -7.95
C GLY A 121 22.68 8.93 -7.37
N VAL A 122 22.75 9.07 -6.06
CA VAL A 122 24.02 9.38 -5.40
C VAL A 122 24.76 8.10 -5.02
N THR A 123 25.69 7.71 -5.84
CA THR A 123 26.49 6.53 -5.59
C THR A 123 27.70 6.82 -4.70
N SER A 124 28.06 8.07 -4.60
CA SER A 124 29.22 8.42 -3.82
C SER A 124 28.95 9.69 -3.05
N GLY A 125 29.52 9.77 -1.87
CA GLY A 125 29.34 10.91 -1.00
C GLY A 125 28.01 10.89 -0.28
N LEU A 126 27.27 9.81 -0.45
CA LEU A 126 25.97 9.66 0.13
C LEU A 126 26.08 9.35 1.61
N THR A 127 26.00 10.37 2.40
CA THR A 127 26.04 10.24 3.81
C THR A 127 24.63 10.45 4.34
N GLU A 128 24.39 9.98 5.55
CA GLU A 128 23.09 10.14 6.14
C GLU A 128 22.87 11.61 6.51
N GLN A 129 23.99 12.29 6.77
CA GLN A 129 23.98 13.70 7.08
C GLN A 129 23.49 14.49 5.88
N LEU A 130 24.06 14.17 4.70
CA LEU A 130 23.74 14.85 3.45
C LEU A 130 22.25 14.77 3.14
N MET A 131 21.66 13.61 3.34
CA MET A 131 20.23 13.45 3.07
C MET A 131 19.41 14.25 4.05
N ARG A 132 19.78 14.20 5.32
CA ARG A 132 19.06 14.95 6.34
C ARG A 132 19.16 16.45 6.05
N GLN A 133 20.34 16.87 5.62
CA GLN A 133 20.64 18.25 5.25
C GLN A 133 19.71 18.73 4.13
N THR A 134 19.46 17.87 3.18
CA THR A 134 18.66 18.22 2.03
C THR A 134 17.14 18.15 2.34
N PHE A 135 16.72 17.06 2.93
CA PHE A 135 15.31 16.77 3.21
C PHE A 135 14.65 17.64 4.27
N SER A 136 15.43 18.05 5.25
CA SER A 136 14.94 18.86 6.39
C SER A 136 14.07 20.10 5.98
N PRO A 137 14.50 20.98 5.02
CA PRO A 137 13.66 22.09 4.56
C PRO A 137 12.37 21.64 3.85
N PHE A 138 12.28 20.37 3.50
CA PHE A 138 11.11 19.86 2.82
C PHE A 138 10.11 19.32 3.82
N GLY A 139 10.62 18.73 4.89
CA GLY A 139 9.75 18.24 5.93
C GLY A 139 10.49 17.71 7.13
N GLN A 140 9.74 17.24 8.12
CA GLN A 140 10.32 16.74 9.35
C GLN A 140 10.74 15.29 9.14
N ILE A 141 11.98 15.01 9.41
CA ILE A 141 12.59 13.71 9.14
C ILE A 141 12.65 12.84 10.38
N MET A 142 12.30 11.57 10.21
CA MET A 142 12.38 10.60 11.29
C MET A 142 13.55 9.65 11.08
N GLU A 143 13.79 9.26 9.83
CA GLU A 143 14.81 8.27 9.51
C GLU A 143 15.55 8.64 8.22
N ILE A 144 16.83 8.33 8.21
CA ILE A 144 17.71 8.52 7.08
C ILE A 144 18.55 7.26 6.97
N ARG A 145 18.35 6.51 5.94
CA ARG A 145 19.11 5.31 5.76
C ARG A 145 19.71 5.37 4.38
N VAL A 146 21.00 5.16 4.27
CA VAL A 146 21.68 5.37 3.00
C VAL A 146 22.42 4.12 2.58
N PHE A 147 22.52 3.94 1.27
CA PHE A 147 23.25 2.85 0.68
C PHE A 147 23.95 3.39 -0.56
N PRO A 148 25.16 3.98 -0.39
CA PRO A 148 25.91 4.58 -1.52
C PRO A 148 26.32 3.54 -2.54
N ASP A 149 26.48 2.32 -2.09
CA ASP A 149 26.94 1.21 -2.91
C ASP A 149 25.87 0.82 -3.93
N LYS A 150 24.62 1.07 -3.58
CA LYS A 150 23.51 0.77 -4.45
C LYS A 150 22.98 2.08 -5.04
N GLY A 151 23.50 3.18 -4.53
CA GLY A 151 23.20 4.51 -5.03
C GLY A 151 21.84 5.05 -4.65
N TYR A 152 21.34 4.74 -3.46
CA TYR A 152 20.03 5.25 -3.05
C TYR A 152 19.95 5.41 -1.53
N SER A 153 18.94 6.11 -1.09
CA SER A 153 18.71 6.33 0.30
C SER A 153 17.20 6.25 0.59
N PHE A 154 16.87 5.89 1.81
CA PHE A 154 15.52 5.89 2.32
C PHE A 154 15.40 7.00 3.32
N VAL A 155 14.54 7.93 3.05
CA VAL A 155 14.32 9.02 3.95
C VAL A 155 12.87 8.98 4.42
N ARG A 156 12.66 8.71 5.68
CA ARG A 156 11.31 8.70 6.19
C ARG A 156 11.01 9.96 6.95
N PHE A 157 9.87 10.51 6.69
CA PHE A 157 9.40 11.72 7.27
C PHE A 157 8.41 11.43 8.36
N ASN A 158 8.11 12.47 9.09
CA ASN A 158 7.16 12.46 10.19
C ASN A 158 5.75 12.36 9.67
N SER A 159 5.54 12.86 8.47
CA SER A 159 4.23 12.82 7.92
C SER A 159 4.27 12.54 6.42
N HIS A 160 3.13 12.18 5.87
CA HIS A 160 3.00 11.76 4.49
C HIS A 160 3.10 12.95 3.55
N GLU A 161 2.55 14.07 3.99
CA GLU A 161 2.56 15.33 3.24
C GLU A 161 4.00 15.74 3.00
N SER A 162 4.77 15.66 4.08
CA SER A 162 6.17 16.00 4.09
C SER A 162 6.94 15.11 3.09
N ALA A 163 6.58 13.84 3.06
CA ALA A 163 7.25 12.88 2.20
C ALA A 163 6.90 13.13 0.74
N ALA A 164 5.64 13.42 0.47
CA ALA A 164 5.19 13.70 -0.87
C ALA A 164 5.83 14.98 -1.37
N HIS A 165 5.90 15.98 -0.49
CA HIS A 165 6.53 17.27 -0.80
C HIS A 165 8.00 17.07 -1.18
N ALA A 166 8.68 16.22 -0.44
CA ALA A 166 10.08 15.94 -0.70
C ALA A 166 10.25 15.38 -2.09
N ILE A 167 9.39 14.45 -2.46
CA ILE A 167 9.42 13.85 -3.77
C ILE A 167 9.18 14.92 -4.86
N VAL A 168 8.17 15.72 -4.65
CA VAL A 168 7.83 16.82 -5.58
C VAL A 168 9.03 17.77 -5.79
N SER A 169 9.74 18.05 -4.74
CA SER A 169 10.81 19.01 -4.77
C SER A 169 12.14 18.38 -5.23
N VAL A 170 12.38 17.14 -4.85
CA VAL A 170 13.63 16.44 -5.20
C VAL A 170 13.57 15.94 -6.65
N ASN A 171 12.36 15.88 -7.20
CA ASN A 171 12.13 15.43 -8.57
C ASN A 171 12.99 16.17 -9.60
N GLY A 172 14.06 15.53 -9.98
CA GLY A 172 14.91 16.03 -11.03
C GLY A 172 15.98 16.96 -10.52
N THR A 173 16.34 16.82 -9.26
CA THR A 173 17.36 17.67 -8.71
C THR A 173 18.74 17.02 -8.82
N THR A 174 19.74 17.70 -8.37
CA THR A 174 21.07 17.21 -8.43
C THR A 174 21.75 17.43 -7.08
N ILE A 175 22.12 16.36 -6.44
CA ILE A 175 22.75 16.43 -5.14
C ILE A 175 24.20 16.11 -5.29
N GLU A 176 25.00 17.07 -4.91
CA GLU A 176 26.48 17.03 -4.97
C GLU A 176 27.03 16.50 -6.30
N GLY A 177 26.35 16.85 -7.39
CA GLY A 177 26.81 16.43 -8.71
C GLY A 177 26.03 15.26 -9.25
N HIS A 178 25.37 14.53 -8.38
CA HIS A 178 24.61 13.37 -8.77
C HIS A 178 23.16 13.75 -9.03
N VAL A 179 22.71 13.55 -10.25
CA VAL A 179 21.33 13.80 -10.60
C VAL A 179 20.46 12.75 -9.92
N VAL A 180 19.47 13.18 -9.20
CA VAL A 180 18.67 12.28 -8.42
C VAL A 180 17.21 12.29 -8.80
N LYS A 181 16.59 11.17 -8.59
CA LYS A 181 15.18 11.02 -8.77
C LYS A 181 14.62 10.47 -7.47
N CYS A 182 13.45 10.88 -7.16
CA CYS A 182 12.79 10.53 -5.94
C CYS A 182 11.56 9.66 -6.24
N TYR A 183 11.32 8.71 -5.39
CA TYR A 183 10.17 7.83 -5.46
C TYR A 183 9.71 7.57 -4.04
N TRP A 184 8.67 6.83 -3.89
CA TRP A 184 8.23 6.39 -2.59
C TRP A 184 9.04 5.18 -2.13
N GLY A 185 9.25 5.08 -0.85
CA GLY A 185 9.95 3.96 -0.28
C GLY A 185 9.01 3.05 0.48
N LYS A 186 9.40 2.63 1.65
CA LYS A 186 8.58 1.74 2.43
C LYS A 186 7.89 2.35 3.60
N GLY A 1 -7.03 -14.99 -13.82
CA GLY A 1 -6.39 -15.95 -12.91
C GLY A 1 -7.44 -16.72 -12.23
N ALA A 2 -7.26 -17.01 -10.97
CA ALA A 2 -8.27 -17.67 -10.20
C ALA A 2 -8.99 -16.64 -9.36
N MET A 3 -10.16 -16.25 -9.81
CA MET A 3 -10.92 -15.25 -9.09
C MET A 3 -12.06 -15.95 -8.37
N ALA A 4 -12.34 -15.51 -7.16
CA ALA A 4 -13.40 -16.08 -6.38
C ALA A 4 -14.74 -15.55 -6.87
N ASN A 5 -15.35 -16.28 -7.77
CA ASN A 5 -16.66 -15.92 -8.30
C ASN A 5 -17.73 -16.38 -7.33
N HIS A 6 -17.46 -17.46 -6.67
CA HIS A 6 -18.40 -18.10 -5.78
C HIS A 6 -18.18 -17.60 -4.39
N PHE A 7 -19.26 -17.32 -3.71
CA PHE A 7 -19.19 -16.69 -2.43
C PHE A 7 -20.05 -17.45 -1.43
N HIS A 8 -19.58 -17.55 -0.22
CA HIS A 8 -20.30 -18.25 0.81
C HIS A 8 -20.98 -17.27 1.75
N VAL A 9 -22.23 -17.50 2.00
CA VAL A 9 -23.04 -16.70 2.87
C VAL A 9 -23.36 -17.52 4.12
N PHE A 10 -23.29 -16.89 5.27
CA PHE A 10 -23.54 -17.55 6.52
C PHE A 10 -24.98 -17.30 6.93
N VAL A 11 -25.70 -18.35 7.19
CA VAL A 11 -27.08 -18.24 7.56
C VAL A 11 -27.19 -18.50 9.05
N GLY A 12 -27.76 -17.56 9.75
CA GLY A 12 -27.90 -17.66 11.16
C GLY A 12 -29.33 -17.61 11.58
N ASP A 13 -29.59 -18.26 12.70
CA ASP A 13 -30.90 -18.38 13.33
C ASP A 13 -31.84 -19.20 12.48
N LEU A 14 -31.49 -20.46 12.37
CA LEU A 14 -32.26 -21.41 11.63
C LEU A 14 -33.18 -22.13 12.56
N SER A 15 -34.39 -22.21 12.15
CA SER A 15 -35.41 -22.92 12.84
C SER A 15 -35.06 -24.42 12.85
N PRO A 16 -35.29 -25.11 13.97
CA PRO A 16 -34.91 -26.53 14.12
C PRO A 16 -35.67 -27.47 13.18
N GLU A 17 -36.84 -27.05 12.72
CA GLU A 17 -37.66 -27.85 11.84
C GLU A 17 -37.33 -27.56 10.37
N ILE A 18 -36.56 -26.51 10.15
CA ILE A 18 -36.17 -26.11 8.80
C ILE A 18 -34.94 -26.88 8.39
N THR A 19 -35.03 -27.54 7.27
CA THR A 19 -33.98 -28.33 6.78
C THR A 19 -33.18 -27.71 5.67
N THR A 20 -32.13 -28.39 5.32
CA THR A 20 -31.23 -27.97 4.32
C THR A 20 -31.93 -27.68 2.97
N GLU A 21 -32.91 -28.51 2.65
CA GLU A 21 -33.64 -28.41 1.40
C GLU A 21 -34.51 -27.16 1.35
N ASP A 22 -35.06 -26.78 2.51
CA ASP A 22 -35.90 -25.58 2.63
C ASP A 22 -35.08 -24.37 2.25
N ILE A 23 -33.86 -24.32 2.74
CA ILE A 23 -32.93 -23.25 2.42
C ILE A 23 -32.67 -23.18 0.91
N LYS A 24 -32.45 -24.34 0.31
CA LYS A 24 -32.20 -24.43 -1.13
C LYS A 24 -33.35 -23.83 -1.92
N ALA A 25 -34.57 -24.20 -1.53
CA ALA A 25 -35.76 -23.72 -2.20
C ALA A 25 -36.00 -22.23 -1.94
N ALA A 26 -35.78 -21.81 -0.70
CA ALA A 26 -36.03 -20.43 -0.30
C ALA A 26 -35.08 -19.46 -0.96
N PHE A 27 -33.82 -19.82 -1.04
CA PHE A 27 -32.82 -18.94 -1.59
C PHE A 27 -32.72 -19.00 -3.12
N ALA A 28 -33.22 -20.10 -3.71
CA ALA A 28 -33.15 -20.31 -5.17
C ALA A 28 -33.66 -19.11 -6.04
N PRO A 29 -34.85 -18.48 -5.72
CA PRO A 29 -35.33 -17.32 -6.48
C PRO A 29 -34.41 -16.10 -6.33
N PHE A 30 -33.70 -16.04 -5.22
CA PHE A 30 -32.91 -14.87 -4.90
C PHE A 30 -31.47 -15.00 -5.36
N GLY A 31 -30.90 -16.19 -5.23
CA GLY A 31 -29.55 -16.41 -5.66
C GLY A 31 -29.32 -17.83 -6.12
N ARG A 32 -28.35 -18.01 -6.98
CA ARG A 32 -27.98 -19.25 -7.53
C ARG A 32 -27.11 -19.99 -6.53
N ILE A 33 -27.55 -21.14 -6.14
CA ILE A 33 -26.94 -21.90 -5.12
C ILE A 33 -26.10 -23.02 -5.73
N SER A 34 -24.88 -23.13 -5.30
CA SER A 34 -24.01 -24.21 -5.70
C SER A 34 -24.13 -25.32 -4.66
N ASP A 35 -24.39 -24.89 -3.42
CA ASP A 35 -24.55 -25.80 -2.27
C ASP A 35 -25.18 -25.01 -1.16
N ALA A 36 -26.02 -25.63 -0.40
CA ALA A 36 -26.61 -25.01 0.75
C ALA A 36 -26.48 -26.01 1.83
N ARG A 37 -26.19 -25.58 3.01
CA ARG A 37 -25.90 -26.50 4.02
C ARG A 37 -26.26 -25.96 5.39
N VAL A 38 -26.69 -26.84 6.23
CA VAL A 38 -27.12 -26.53 7.58
C VAL A 38 -26.29 -27.30 8.56
N VAL A 39 -25.96 -26.69 9.66
CA VAL A 39 -25.29 -27.37 10.71
C VAL A 39 -26.37 -27.93 11.63
N LYS A 40 -26.38 -29.21 11.73
CA LYS A 40 -27.37 -29.93 12.45
C LYS A 40 -26.63 -30.78 13.40
N ASP A 41 -27.29 -31.31 14.36
CA ASP A 41 -26.60 -32.21 15.21
C ASP A 41 -26.84 -33.60 14.73
N MET A 42 -25.82 -34.39 14.70
CA MET A 42 -25.95 -35.76 14.27
C MET A 42 -26.83 -36.59 15.19
N ALA A 43 -26.76 -36.30 16.48
CA ALA A 43 -27.48 -37.10 17.46
C ALA A 43 -28.93 -36.66 17.58
N THR A 44 -29.19 -35.40 17.39
CA THR A 44 -30.55 -34.93 17.52
C THR A 44 -31.26 -34.89 16.16
N GLY A 45 -30.47 -34.89 15.08
CA GLY A 45 -30.99 -34.94 13.74
C GLY A 45 -31.57 -33.63 13.25
N LYS A 46 -31.65 -32.66 14.12
CA LYS A 46 -32.22 -31.38 13.79
C LYS A 46 -31.18 -30.31 13.65
N SER A 47 -31.55 -29.26 12.99
CA SER A 47 -30.72 -28.10 12.74
C SER A 47 -30.34 -27.42 14.08
N LYS A 48 -29.08 -27.02 14.19
CA LYS A 48 -28.59 -26.38 15.41
C LYS A 48 -28.68 -24.87 15.35
N GLY A 49 -29.30 -24.37 14.31
CA GLY A 49 -29.58 -22.96 14.25
C GLY A 49 -28.70 -22.15 13.35
N TYR A 50 -27.80 -22.77 12.62
CA TYR A 50 -26.94 -22.02 11.72
C TYR A 50 -26.48 -22.89 10.56
N GLY A 51 -25.96 -22.26 9.54
CA GLY A 51 -25.51 -22.95 8.37
C GLY A 51 -24.90 -21.99 7.38
N PHE A 52 -24.76 -22.40 6.14
CA PHE A 52 -24.18 -21.55 5.13
C PHE A 52 -24.65 -21.96 3.75
N VAL A 53 -24.55 -21.05 2.81
CA VAL A 53 -24.93 -21.32 1.43
C VAL A 53 -23.80 -20.85 0.52
N SER A 54 -23.47 -21.66 -0.44
CA SER A 54 -22.46 -21.35 -1.41
C SER A 54 -23.17 -20.89 -2.68
N PHE A 55 -22.90 -19.68 -3.10
CA PHE A 55 -23.55 -19.11 -4.26
C PHE A 55 -22.63 -19.14 -5.45
N PHE A 56 -23.23 -19.01 -6.62
CA PHE A 56 -22.51 -19.02 -7.87
C PHE A 56 -21.71 -17.73 -8.04
N ASN A 57 -22.24 -16.63 -7.56
CA ASN A 57 -21.57 -15.35 -7.70
C ASN A 57 -21.66 -14.50 -6.44
N LYS A 58 -20.60 -13.71 -6.18
CA LYS A 58 -20.52 -12.84 -5.02
C LYS A 58 -21.71 -11.89 -4.91
N TRP A 59 -22.01 -11.22 -6.00
CA TRP A 59 -23.08 -10.24 -6.01
C TRP A 59 -24.42 -10.94 -5.92
N ASP A 60 -24.50 -12.11 -6.53
CA ASP A 60 -25.71 -12.89 -6.56
C ASP A 60 -26.04 -13.36 -5.13
N ALA A 61 -24.98 -13.73 -4.43
CA ALA A 61 -25.04 -14.11 -3.02
C ALA A 61 -25.49 -12.94 -2.17
N GLU A 62 -24.90 -11.82 -2.46
CA GLU A 62 -25.10 -10.59 -1.73
C GLU A 62 -26.52 -10.07 -1.95
N ASN A 63 -27.03 -10.27 -3.16
CA ASN A 63 -28.40 -9.92 -3.52
C ASN A 63 -29.38 -10.74 -2.68
N ALA A 64 -29.05 -12.01 -2.48
CA ALA A 64 -29.84 -12.87 -1.65
C ALA A 64 -29.81 -12.40 -0.20
N ILE A 65 -28.65 -11.96 0.26
CA ILE A 65 -28.47 -11.43 1.63
C ILE A 65 -29.40 -10.23 1.86
N GLN A 66 -29.51 -9.38 0.85
CA GLN A 66 -30.34 -8.16 0.94
C GLN A 66 -31.80 -8.50 1.26
N GLN A 67 -32.35 -9.46 0.55
CA GLN A 67 -33.75 -9.81 0.75
C GLN A 67 -33.95 -10.84 1.87
N MET A 68 -33.04 -11.77 1.98
CA MET A 68 -33.17 -12.87 2.95
C MET A 68 -32.42 -12.63 4.23
N GLY A 69 -32.04 -11.41 4.46
CA GLY A 69 -31.36 -11.05 5.69
C GLY A 69 -32.30 -10.91 6.87
N GLY A 70 -33.29 -11.79 6.98
CA GLY A 70 -34.19 -11.71 8.06
C GLY A 70 -35.61 -11.96 7.69
N GLN A 71 -35.90 -13.16 7.32
CA GLN A 71 -37.23 -13.55 6.97
C GLN A 71 -37.63 -14.71 7.84
N TRP A 72 -38.85 -14.66 8.32
CA TRP A 72 -39.40 -15.71 9.12
C TRP A 72 -39.65 -16.93 8.29
N LEU A 73 -38.71 -17.83 8.31
CA LEU A 73 -38.84 -19.08 7.64
C LEU A 73 -38.94 -20.14 8.71
N GLY A 74 -40.11 -20.70 8.85
CA GLY A 74 -40.33 -21.65 9.90
C GLY A 74 -40.65 -20.94 11.20
N GLY A 75 -40.15 -21.45 12.29
CA GLY A 75 -40.40 -20.85 13.59
C GLY A 75 -39.41 -19.75 13.99
N ARG A 76 -38.45 -19.44 13.13
CA ARG A 76 -37.46 -18.42 13.43
C ARG A 76 -37.28 -17.47 12.25
N GLN A 77 -36.54 -16.41 12.49
CA GLN A 77 -36.25 -15.45 11.48
C GLN A 77 -34.83 -15.67 11.02
N ILE A 78 -34.67 -16.18 9.84
CA ILE A 78 -33.37 -16.54 9.39
C ILE A 78 -32.69 -15.32 8.85
N ARG A 79 -31.47 -15.16 9.20
CA ARG A 79 -30.72 -13.99 8.86
C ARG A 79 -29.42 -14.39 8.22
N THR A 80 -28.92 -13.58 7.34
CA THR A 80 -27.74 -13.93 6.59
C THR A 80 -26.69 -12.85 6.69
N ASN A 81 -25.44 -13.23 6.48
CA ASN A 81 -24.33 -12.30 6.48
C ASN A 81 -23.21 -12.92 5.67
N TRP A 82 -22.25 -12.11 5.27
CA TRP A 82 -21.14 -12.57 4.46
C TRP A 82 -20.28 -13.55 5.27
N ALA A 83 -19.99 -14.71 4.68
CA ALA A 83 -19.18 -15.71 5.38
C ALA A 83 -17.75 -15.65 4.90
N THR A 84 -17.58 -15.53 3.59
CA THR A 84 -16.27 -15.39 3.03
C THR A 84 -15.79 -13.97 3.33
N ARG A 85 -14.99 -13.86 4.34
CA ARG A 85 -14.57 -12.59 4.85
C ARG A 85 -13.06 -12.58 4.99
N LYS A 86 -12.41 -11.81 4.18
CA LYS A 86 -10.97 -11.73 4.20
C LYS A 86 -10.49 -10.38 4.72
N PRO A 87 -9.77 -10.37 5.84
CA PRO A 87 -9.13 -9.16 6.33
C PRO A 87 -7.93 -8.80 5.42
N PRO A 88 -7.65 -7.49 5.23
CA PRO A 88 -6.51 -7.06 4.41
C PRO A 88 -5.18 -7.45 5.01
N ALA A 89 -4.28 -7.84 4.17
CA ALA A 89 -2.97 -8.25 4.58
C ALA A 89 -1.95 -7.14 4.32
N PRO A 90 -1.17 -6.74 5.33
CA PRO A 90 -0.10 -5.76 5.15
C PRO A 90 1.03 -6.37 4.32
N LYS A 91 0.98 -6.18 3.02
CA LYS A 91 1.92 -6.78 2.14
C LYS A 91 3.25 -6.01 2.07
N SER A 92 4.09 -6.22 3.02
CA SER A 92 5.41 -5.66 2.98
C SER A 92 6.33 -6.72 2.43
N THR A 93 6.68 -6.58 1.18
CA THR A 93 7.45 -7.60 0.51
C THR A 93 8.78 -7.13 -0.04
N TYR A 94 8.74 -6.05 -0.74
CA TYR A 94 9.93 -5.53 -1.46
C TYR A 94 9.61 -4.14 -1.99
N GLU A 95 8.82 -3.42 -1.22
CA GLU A 95 8.28 -2.13 -1.62
C GLU A 95 9.43 -1.16 -1.92
N SER A 96 9.43 -0.64 -3.12
CA SER A 96 10.50 0.17 -3.60
C SER A 96 10.53 1.59 -3.03
N ASN A 97 11.22 1.72 -1.90
CA ASN A 97 11.54 2.99 -1.30
C ASN A 97 12.55 2.78 -0.20
N THR A 98 13.78 3.01 -0.52
CA THR A 98 14.83 2.91 0.43
C THR A 98 14.77 4.17 1.31
N LYS A 99 14.78 4.02 2.60
CA LYS A 99 14.71 5.18 3.43
C LYS A 99 16.10 5.66 3.81
N GLN A 100 16.74 6.19 2.80
CA GLN A 100 18.05 6.76 2.82
C GLN A 100 17.97 7.78 1.72
N LEU A 101 19.05 8.37 1.31
CA LEU A 101 18.98 9.24 0.17
C LEU A 101 19.08 8.42 -1.08
N SER A 102 17.97 7.88 -1.46
CA SER A 102 17.87 7.07 -2.63
C SER A 102 17.84 7.99 -3.82
N TYR A 103 18.68 7.70 -4.82
CA TYR A 103 18.80 8.55 -6.02
C TYR A 103 17.44 8.87 -6.64
N ASP A 104 16.59 7.87 -6.68
CA ASP A 104 15.24 7.96 -7.20
C ASP A 104 14.41 8.96 -6.37
N GLU A 105 14.46 8.83 -5.08
CA GLU A 105 13.72 9.68 -4.20
C GLU A 105 14.30 11.10 -4.20
N VAL A 106 15.63 11.20 -4.24
CA VAL A 106 16.33 12.49 -4.24
C VAL A 106 16.05 13.29 -5.50
N VAL A 107 16.07 12.62 -6.64
CA VAL A 107 15.86 13.30 -7.92
C VAL A 107 14.40 13.85 -8.02
N ASN A 108 13.49 13.20 -7.30
CA ASN A 108 12.09 13.62 -7.26
C ASN A 108 11.85 14.72 -6.24
N GLN A 109 12.89 15.10 -5.51
CA GLN A 109 12.77 16.12 -4.45
C GLN A 109 12.88 17.54 -5.00
N SER A 110 13.10 17.67 -6.27
CA SER A 110 13.16 18.96 -6.91
C SER A 110 12.72 18.85 -8.35
N SER A 111 12.36 19.98 -8.92
CA SER A 111 12.02 20.05 -10.30
C SER A 111 13.31 19.85 -11.12
N PRO A 112 13.24 19.13 -12.26
CA PRO A 112 14.42 18.79 -13.11
C PRO A 112 15.26 20.00 -13.58
N SER A 113 14.75 21.19 -13.40
CA SER A 113 15.46 22.38 -13.78
C SER A 113 16.43 22.83 -12.67
N ASN A 114 16.26 22.30 -11.46
CA ASN A 114 17.17 22.65 -10.37
C ASN A 114 18.46 21.88 -10.51
N CYS A 115 19.55 22.57 -10.58
CA CYS A 115 20.82 21.90 -10.71
C CYS A 115 21.74 22.23 -9.54
N THR A 116 21.20 22.85 -8.51
CA THR A 116 22.03 23.29 -7.41
C THR A 116 22.01 22.31 -6.22
N VAL A 117 23.19 22.00 -5.75
CA VAL A 117 23.40 21.15 -4.60
C VAL A 117 23.80 22.03 -3.41
N TYR A 118 23.22 21.74 -2.27
CA TYR A 118 23.54 22.43 -1.04
C TYR A 118 24.55 21.58 -0.29
N CYS A 119 25.75 22.06 -0.21
CA CYS A 119 26.80 21.36 0.48
C CYS A 119 27.13 22.10 1.77
N GLY A 120 26.94 21.45 2.88
CA GLY A 120 27.22 22.10 4.15
C GLY A 120 28.14 21.28 4.99
N GLY A 121 28.95 21.93 5.81
CA GLY A 121 29.85 21.21 6.68
C GLY A 121 31.20 21.88 6.83
N VAL A 122 31.69 22.49 5.76
CA VAL A 122 33.01 23.11 5.79
C VAL A 122 32.92 24.56 6.26
N THR A 123 33.28 24.79 7.48
CA THR A 123 33.26 26.11 8.06
C THR A 123 34.55 26.88 7.77
N SER A 124 35.60 26.18 7.47
CA SER A 124 36.86 26.83 7.20
C SER A 124 37.61 26.17 6.07
N GLY A 125 38.18 26.98 5.19
CA GLY A 125 38.94 26.46 4.06
C GLY A 125 38.04 26.19 2.87
N LEU A 126 36.80 26.58 2.99
CA LEU A 126 35.81 26.39 1.95
C LEU A 126 36.06 27.36 0.81
N THR A 127 36.73 26.89 -0.19
CA THR A 127 37.04 27.66 -1.35
C THR A 127 36.21 27.17 -2.52
N GLU A 128 36.23 27.92 -3.60
CA GLU A 128 35.52 27.54 -4.78
C GLU A 128 36.16 26.30 -5.43
N GLN A 129 37.46 26.27 -5.43
CA GLN A 129 38.24 25.18 -5.96
C GLN A 129 38.05 23.90 -5.18
N LEU A 130 37.95 24.01 -3.84
CA LEU A 130 37.76 22.86 -2.99
C LEU A 130 36.48 22.13 -3.37
N MET A 131 35.40 22.87 -3.55
CA MET A 131 34.12 22.26 -3.91
C MET A 131 34.15 21.79 -5.34
N ARG A 132 34.66 22.64 -6.22
CA ARG A 132 34.72 22.34 -7.64
C ARG A 132 35.47 21.05 -7.91
N GLN A 133 36.65 20.91 -7.31
CA GLN A 133 37.49 19.72 -7.49
C GLN A 133 36.76 18.46 -7.02
N THR A 134 36.07 18.57 -5.90
CA THR A 134 35.41 17.45 -5.30
C THR A 134 34.16 17.02 -6.10
N PHE A 135 33.34 17.98 -6.46
CA PHE A 135 32.10 17.74 -7.19
C PHE A 135 32.27 17.27 -8.63
N SER A 136 33.33 17.74 -9.27
CA SER A 136 33.64 17.42 -10.68
C SER A 136 33.53 15.89 -11.08
N PRO A 137 34.11 14.92 -10.31
CA PRO A 137 33.95 13.49 -10.62
C PRO A 137 32.49 13.00 -10.51
N PHE A 138 31.65 13.79 -9.88
CA PHE A 138 30.24 13.45 -9.73
C PHE A 138 29.44 14.05 -10.87
N GLY A 139 29.87 15.21 -11.35
CA GLY A 139 29.22 15.81 -12.49
C GLY A 139 29.87 17.09 -12.95
N GLN A 140 29.35 17.68 -14.02
CA GLN A 140 29.93 18.88 -14.58
C GLN A 140 29.52 20.09 -13.77
N ILE A 141 30.50 20.83 -13.32
CA ILE A 141 30.31 21.96 -12.44
C ILE A 141 30.14 23.22 -13.24
N MET A 142 29.13 23.99 -12.90
CA MET A 142 28.90 25.26 -13.56
C MET A 142 29.11 26.42 -12.60
N GLU A 143 28.66 26.25 -11.36
CA GLU A 143 28.75 27.32 -10.39
C GLU A 143 29.17 26.80 -9.06
N ILE A 144 29.94 27.60 -8.36
CA ILE A 144 30.35 27.30 -7.01
C ILE A 144 30.15 28.55 -6.18
N ARG A 145 29.26 28.49 -5.26
CA ARG A 145 29.00 29.59 -4.37
C ARG A 145 29.36 29.13 -3.02
N VAL A 146 30.19 29.83 -2.38
CA VAL A 146 30.66 29.39 -1.07
C VAL A 146 30.46 30.46 -0.02
N PHE A 147 30.14 30.02 1.18
CA PHE A 147 29.95 30.87 2.32
C PHE A 147 30.51 30.15 3.54
N PRO A 148 31.83 30.24 3.76
CA PRO A 148 32.51 29.53 4.85
C PRO A 148 32.04 29.99 6.22
N ASP A 149 31.59 31.22 6.29
CA ASP A 149 31.19 31.83 7.55
C ASP A 149 29.87 31.25 8.06
N LYS A 150 29.08 30.66 7.17
CA LYS A 150 27.88 29.94 7.59
C LYS A 150 28.12 28.44 7.46
N GLY A 151 29.25 28.10 6.88
CA GLY A 151 29.66 26.72 6.70
C GLY A 151 28.90 25.98 5.61
N TYR A 152 28.51 26.67 4.54
CA TYR A 152 27.79 26.00 3.47
C TYR A 152 28.17 26.56 2.11
N SER A 153 27.83 25.84 1.09
CA SER A 153 28.09 26.23 -0.25
C SER A 153 26.97 25.74 -1.17
N PHE A 154 26.84 26.36 -2.32
CA PHE A 154 25.94 25.94 -3.34
C PHE A 154 26.76 25.54 -4.53
N VAL A 155 26.66 24.32 -4.90
CA VAL A 155 27.38 23.80 -6.04
C VAL A 155 26.38 23.55 -7.12
N ARG A 156 26.49 24.23 -8.22
CA ARG A 156 25.56 24.01 -9.25
C ARG A 156 26.18 23.16 -10.30
N PHE A 157 25.42 22.23 -10.75
CA PHE A 157 25.84 21.34 -11.76
C PHE A 157 25.24 21.77 -13.05
N ASN A 158 25.69 21.18 -14.09
CA ASN A 158 25.23 21.45 -15.40
C ASN A 158 23.86 20.82 -15.56
N SER A 159 23.76 19.61 -15.08
CA SER A 159 22.57 18.84 -15.26
C SER A 159 22.00 18.40 -13.91
N HIS A 160 20.76 17.96 -13.93
CA HIS A 160 20.00 17.60 -12.74
C HIS A 160 20.42 16.25 -12.15
N GLU A 161 20.71 15.30 -13.02
CA GLU A 161 20.99 13.93 -12.59
C GLU A 161 22.28 13.85 -11.76
N SER A 162 23.31 14.51 -12.24
CA SER A 162 24.58 14.60 -11.59
C SER A 162 24.48 15.34 -10.26
N ALA A 163 23.56 16.28 -10.20
CA ALA A 163 23.33 17.04 -8.98
C ALA A 163 22.73 16.13 -7.91
N ALA A 164 21.78 15.30 -8.32
CA ALA A 164 21.16 14.35 -7.41
C ALA A 164 22.20 13.32 -6.98
N HIS A 165 23.02 12.90 -7.93
CA HIS A 165 24.12 11.96 -7.69
C HIS A 165 25.08 12.49 -6.63
N ALA A 166 25.44 13.76 -6.75
CA ALA A 166 26.37 14.39 -5.84
C ALA A 166 25.83 14.34 -4.43
N ILE A 167 24.59 14.72 -4.27
CA ILE A 167 23.94 14.75 -2.97
C ILE A 167 24.00 13.39 -2.30
N VAL A 168 23.62 12.36 -3.03
CA VAL A 168 23.55 11.00 -2.51
C VAL A 168 24.93 10.51 -2.04
N SER A 169 25.93 10.76 -2.84
CA SER A 169 27.25 10.24 -2.57
C SER A 169 28.03 11.10 -1.58
N VAL A 170 27.86 12.41 -1.67
CA VAL A 170 28.56 13.34 -0.79
C VAL A 170 27.93 13.38 0.61
N ASN A 171 26.70 12.90 0.72
CA ASN A 171 25.97 12.85 1.98
C ASN A 171 26.69 11.99 3.01
N GLY A 172 27.42 12.63 3.87
CA GLY A 172 28.08 11.94 4.94
C GLY A 172 29.55 11.75 4.69
N THR A 173 30.09 12.48 3.74
CA THR A 173 31.50 12.38 3.46
C THR A 173 32.27 13.42 4.30
N THR A 174 33.55 13.45 4.17
CA THR A 174 34.34 14.36 4.94
C THR A 174 35.34 15.09 4.05
N ILE A 175 35.19 16.39 3.97
CA ILE A 175 36.06 17.23 3.18
C ILE A 175 36.92 18.03 4.09
N GLU A 176 38.21 17.88 3.92
CA GLU A 176 39.26 18.53 4.72
C GLU A 176 39.01 18.45 6.23
N GLY A 177 38.48 17.32 6.69
CA GLY A 177 38.23 17.13 8.10
C GLY A 177 36.82 17.54 8.52
N HIS A 178 36.14 18.22 7.65
CA HIS A 178 34.80 18.69 7.91
C HIS A 178 33.80 17.71 7.33
N VAL A 179 32.93 17.20 8.17
CA VAL A 179 31.90 16.26 7.72
C VAL A 179 30.87 17.05 6.92
N VAL A 180 30.70 16.67 5.69
CA VAL A 180 29.81 17.38 4.81
C VAL A 180 28.58 16.57 4.46
N LYS A 181 27.48 17.25 4.38
CA LYS A 181 26.25 16.66 4.04
C LYS A 181 25.62 17.48 2.94
N CYS A 182 24.91 16.84 2.05
CA CYS A 182 24.26 17.57 1.00
C CYS A 182 22.75 17.41 0.97
N TYR A 183 22.15 18.40 0.37
CA TYR A 183 20.72 18.51 0.06
C TYR A 183 20.61 19.27 -1.25
N TRP A 184 19.41 19.60 -1.66
CA TRP A 184 19.22 20.43 -2.83
C TRP A 184 19.41 21.88 -2.44
N GLY A 185 19.90 22.66 -3.36
CA GLY A 185 20.10 24.06 -3.13
C GLY A 185 19.36 24.86 -4.16
N LYS A 186 19.71 26.12 -4.28
CA LYS A 186 19.09 27.01 -5.22
C LYS A 186 20.07 28.07 -5.72
N GLY A 1 19.23 19.38 -17.72
CA GLY A 1 19.71 18.36 -16.80
C GLY A 1 19.12 17.03 -17.14
N ALA A 2 18.53 16.38 -16.16
CA ALA A 2 17.91 15.09 -16.38
C ALA A 2 16.43 15.31 -16.50
N MET A 3 15.94 15.31 -17.74
CA MET A 3 14.52 15.55 -18.10
C MET A 3 14.16 17.03 -17.92
N ALA A 4 14.43 17.55 -16.75
CA ALA A 4 14.19 18.92 -16.43
C ALA A 4 15.41 19.76 -16.82
N ASN A 5 15.43 21.01 -16.41
CA ASN A 5 16.50 21.91 -16.79
C ASN A 5 17.72 21.64 -15.94
N HIS A 6 17.52 20.97 -14.84
CA HIS A 6 18.60 20.69 -13.93
C HIS A 6 18.70 19.20 -13.65
N PHE A 7 19.76 18.83 -13.00
CA PHE A 7 19.97 17.49 -12.49
C PHE A 7 20.01 17.68 -10.99
N HIS A 8 19.28 16.87 -10.26
CA HIS A 8 19.16 17.07 -8.84
C HIS A 8 20.04 16.07 -8.08
N VAL A 9 21.00 16.59 -7.35
CA VAL A 9 21.92 15.78 -6.58
C VAL A 9 21.70 16.03 -5.09
N PHE A 10 21.73 14.98 -4.30
CA PHE A 10 21.59 15.06 -2.87
C PHE A 10 22.96 15.07 -2.25
N VAL A 11 23.23 16.04 -1.44
CA VAL A 11 24.49 16.15 -0.79
C VAL A 11 24.28 15.92 0.70
N GLY A 12 25.05 15.04 1.27
CA GLY A 12 24.90 14.72 2.65
C GLY A 12 26.24 14.59 3.31
N ASP A 13 26.21 14.34 4.61
CA ASP A 13 27.43 14.18 5.45
C ASP A 13 28.16 15.53 5.48
N LEU A 14 27.36 16.59 5.46
CA LEU A 14 27.87 17.94 5.48
C LEU A 14 28.24 18.31 6.87
N SER A 15 29.40 18.83 7.01
CA SER A 15 29.89 19.20 8.29
C SER A 15 29.63 20.71 8.45
N PRO A 16 29.44 21.20 9.69
CA PRO A 16 29.10 22.61 9.98
C PRO A 16 30.06 23.66 9.37
N GLU A 17 31.27 23.28 8.97
CA GLU A 17 32.19 24.23 8.34
C GLU A 17 31.66 24.61 6.96
N ILE A 18 30.80 23.77 6.44
CA ILE A 18 30.27 23.89 5.12
C ILE A 18 28.81 24.32 5.16
N THR A 19 28.45 25.18 4.25
CA THR A 19 27.12 25.66 4.09
C THR A 19 26.78 25.74 2.60
N THR A 20 25.56 26.11 2.29
CA THR A 20 25.02 26.18 0.94
C THR A 20 25.93 27.02 0.03
N GLU A 21 26.34 28.13 0.54
CA GLU A 21 27.15 29.09 -0.14
C GLU A 21 28.55 28.50 -0.40
N ASP A 22 29.06 27.72 0.56
CA ASP A 22 30.37 27.06 0.42
C ASP A 22 30.25 26.02 -0.68
N ILE A 23 29.12 25.29 -0.66
CA ILE A 23 28.82 24.26 -1.67
C ILE A 23 28.81 24.85 -3.06
N LYS A 24 28.15 25.99 -3.21
CA LYS A 24 28.04 26.63 -4.51
C LYS A 24 29.41 26.93 -5.11
N ALA A 25 30.30 27.46 -4.30
CA ALA A 25 31.65 27.74 -4.75
C ALA A 25 32.46 26.45 -4.97
N ALA A 26 32.35 25.52 -4.03
CA ALA A 26 33.15 24.29 -4.03
C ALA A 26 32.77 23.33 -5.16
N PHE A 27 31.51 23.25 -5.47
CA PHE A 27 31.05 22.33 -6.50
C PHE A 27 31.12 22.94 -7.89
N ALA A 28 31.18 24.27 -7.97
CA ALA A 28 31.22 24.99 -9.26
C ALA A 28 32.36 24.53 -10.25
N PRO A 29 33.62 24.24 -9.78
CA PRO A 29 34.66 23.71 -10.67
C PRO A 29 34.30 22.31 -11.23
N PHE A 30 33.49 21.56 -10.50
CA PHE A 30 33.12 20.23 -10.91
C PHE A 30 31.92 20.26 -11.85
N GLY A 31 30.96 21.08 -11.51
CA GLY A 31 29.78 21.19 -12.29
C GLY A 31 29.15 22.55 -12.15
N ARG A 32 28.51 23.02 -13.20
CA ARG A 32 27.84 24.28 -13.16
C ARG A 32 26.59 24.17 -12.27
N ILE A 33 26.53 24.99 -11.24
CA ILE A 33 25.49 24.94 -10.28
C ILE A 33 24.44 25.92 -10.71
N SER A 34 23.24 25.47 -10.89
CA SER A 34 22.16 26.36 -11.18
C SER A 34 21.70 26.93 -9.85
N ASP A 35 21.69 26.05 -8.86
CA ASP A 35 21.35 26.38 -7.50
C ASP A 35 21.76 25.23 -6.60
N ALA A 36 21.86 25.48 -5.32
CA ALA A 36 22.23 24.51 -4.34
C ALA A 36 21.61 24.96 -3.08
N ARG A 37 21.22 24.06 -2.23
CA ARG A 37 20.58 24.46 -1.00
C ARG A 37 20.79 23.44 0.07
N VAL A 38 21.10 23.90 1.23
CA VAL A 38 21.34 23.05 2.36
C VAL A 38 20.39 23.44 3.44
N VAL A 39 19.94 22.49 4.20
CA VAL A 39 19.21 22.81 5.39
C VAL A 39 20.27 23.35 6.31
N LYS A 40 20.18 24.60 6.60
CA LYS A 40 21.20 25.31 7.30
C LYS A 40 20.59 25.96 8.53
N ASP A 41 21.44 26.38 9.39
CA ASP A 41 21.08 27.07 10.59
C ASP A 41 21.01 28.55 10.31
N MET A 42 19.86 29.12 10.51
CA MET A 42 19.64 30.55 10.27
C MET A 42 20.47 31.50 11.15
N ALA A 43 21.02 31.01 12.25
CA ALA A 43 21.77 31.89 13.15
C ALA A 43 23.25 31.94 12.79
N THR A 44 23.79 30.79 12.45
CA THR A 44 25.20 30.71 12.08
C THR A 44 25.38 30.80 10.57
N GLY A 45 24.34 30.43 9.85
CA GLY A 45 24.38 30.40 8.42
C GLY A 45 25.08 29.16 7.92
N LYS A 46 25.33 28.22 8.81
CA LYS A 46 26.04 27.00 8.45
C LYS A 46 25.07 25.82 8.37
N SER A 47 25.51 24.69 7.86
CA SER A 47 24.65 23.56 7.56
C SER A 47 24.08 22.82 8.79
N LYS A 48 23.02 22.05 8.55
CA LYS A 48 22.48 21.13 9.53
C LYS A 48 22.94 19.72 9.19
N GLY A 49 23.65 19.59 8.08
CA GLY A 49 24.20 18.30 7.73
C GLY A 49 23.83 17.77 6.35
N TYR A 50 22.84 18.36 5.68
CA TYR A 50 22.44 17.80 4.37
C TYR A 50 21.79 18.85 3.46
N GLY A 51 21.82 18.59 2.16
CA GLY A 51 21.28 19.50 1.20
C GLY A 51 21.13 18.89 -0.18
N PHE A 52 20.98 19.75 -1.16
CA PHE A 52 20.78 19.35 -2.56
C PHE A 52 21.50 20.35 -3.46
N VAL A 53 21.94 19.90 -4.61
CA VAL A 53 22.54 20.76 -5.61
C VAL A 53 21.87 20.49 -6.95
N SER A 54 21.57 21.51 -7.67
CA SER A 54 20.97 21.39 -8.96
C SER A 54 21.96 21.86 -10.02
N PHE A 55 22.37 20.97 -10.88
CA PHE A 55 23.33 21.28 -11.94
C PHE A 55 22.58 21.47 -13.24
N PHE A 56 23.10 22.29 -14.13
CA PHE A 56 22.43 22.53 -15.43
C PHE A 56 22.49 21.29 -16.32
N ASN A 57 23.61 20.62 -16.30
CA ASN A 57 23.82 19.50 -17.16
C ASN A 57 24.11 18.21 -16.41
N LYS A 58 23.80 17.10 -17.05
CA LYS A 58 23.92 15.76 -16.52
C LYS A 58 25.33 15.42 -16.05
N TRP A 59 26.28 15.62 -16.94
CA TRP A 59 27.67 15.22 -16.71
C TRP A 59 28.30 16.04 -15.58
N ASP A 60 27.81 17.25 -15.40
CA ASP A 60 28.29 18.14 -14.33
C ASP A 60 27.97 17.53 -12.99
N ALA A 61 26.76 17.02 -12.90
CA ALA A 61 26.27 16.41 -11.69
C ALA A 61 26.98 15.11 -11.41
N GLU A 62 27.10 14.29 -12.43
CA GLU A 62 27.77 12.99 -12.33
C GLU A 62 29.24 13.16 -11.96
N ASN A 63 29.89 14.16 -12.55
CA ASN A 63 31.29 14.47 -12.26
C ASN A 63 31.44 14.83 -10.80
N ALA A 64 30.52 15.64 -10.31
CA ALA A 64 30.55 16.03 -8.91
C ALA A 64 30.33 14.84 -7.99
N ILE A 65 29.42 13.96 -8.36
CA ILE A 65 29.18 12.76 -7.58
C ILE A 65 30.41 11.84 -7.58
N GLN A 66 31.00 11.64 -8.75
CA GLN A 66 32.20 10.82 -8.88
C GLN A 66 33.46 11.42 -8.24
N GLN A 67 33.78 12.65 -8.60
CA GLN A 67 35.07 13.23 -8.25
C GLN A 67 35.05 13.91 -6.89
N MET A 68 33.97 14.58 -6.58
CA MET A 68 33.85 15.28 -5.34
C MET A 68 33.06 14.40 -4.35
N GLY A 69 32.82 13.19 -4.77
CA GLY A 69 32.05 12.27 -3.99
C GLY A 69 32.82 11.62 -2.88
N GLY A 70 33.18 12.40 -1.91
CA GLY A 70 33.87 11.92 -0.77
C GLY A 70 35.17 12.62 -0.57
N GLN A 71 35.22 13.86 -0.95
CA GLN A 71 36.41 14.64 -0.82
C GLN A 71 36.27 15.44 0.46
N TRP A 72 37.38 15.67 1.11
CA TRP A 72 37.41 16.35 2.38
C TRP A 72 37.18 17.84 2.19
N LEU A 73 35.94 18.22 2.23
CA LEU A 73 35.58 19.61 2.16
C LEU A 73 35.32 20.06 3.58
N GLY A 74 36.21 20.86 4.09
CA GLY A 74 36.14 21.26 5.47
C GLY A 74 36.94 20.28 6.29
N GLY A 75 36.36 19.73 7.30
CA GLY A 75 37.03 18.72 8.08
C GLY A 75 36.39 17.36 7.87
N ARG A 76 35.53 17.27 6.88
CA ARG A 76 34.81 16.05 6.63
C ARG A 76 34.67 15.81 5.12
N GLN A 77 34.72 14.56 4.74
CA GLN A 77 34.49 14.18 3.37
C GLN A 77 32.99 13.98 3.20
N ILE A 78 32.41 14.72 2.30
CA ILE A 78 30.97 14.71 2.13
C ILE A 78 30.51 13.64 1.16
N ARG A 79 29.25 13.34 1.16
CA ARG A 79 28.71 12.33 0.27
C ARG A 79 27.74 12.98 -0.71
N THR A 80 27.70 12.44 -1.89
CA THR A 80 26.82 12.91 -2.94
C THR A 80 26.10 11.69 -3.54
N ASN A 81 24.90 11.89 -4.04
CA ASN A 81 24.11 10.85 -4.71
C ASN A 81 23.02 11.50 -5.52
N TRP A 82 22.43 10.79 -6.45
CA TRP A 82 21.34 11.35 -7.25
C TRP A 82 20.11 11.50 -6.35
N ALA A 83 19.49 12.64 -6.39
CA ALA A 83 18.43 12.93 -5.47
C ALA A 83 17.10 12.30 -5.85
N THR A 84 16.95 11.05 -5.49
CA THR A 84 15.66 10.37 -5.62
C THR A 84 14.72 10.95 -4.56
N ARG A 85 15.36 11.40 -3.44
CA ARG A 85 14.70 12.05 -2.29
C ARG A 85 13.86 11.07 -1.48
N LYS A 86 12.96 10.40 -2.16
CA LYS A 86 12.11 9.43 -1.54
C LYS A 86 12.46 8.01 -1.99
N PRO A 87 12.42 7.05 -1.06
CA PRO A 87 12.62 5.64 -1.40
C PRO A 87 11.33 5.00 -1.98
N PRO A 88 11.46 3.86 -2.67
CA PRO A 88 10.31 3.09 -3.13
C PRO A 88 9.71 2.26 -1.97
N ALA A 89 8.42 2.03 -2.00
CA ALA A 89 7.79 1.26 -0.96
C ALA A 89 7.55 -0.16 -1.44
N PRO A 90 8.06 -1.17 -0.74
CA PRO A 90 7.84 -2.55 -1.09
C PRO A 90 6.69 -3.19 -0.31
N LYS A 91 5.59 -3.46 -0.99
CA LYS A 91 4.47 -4.12 -0.37
C LYS A 91 3.87 -5.16 -1.24
N SER A 92 3.32 -6.13 -0.58
CA SER A 92 2.47 -7.08 -1.18
C SER A 92 1.12 -6.79 -0.52
N THR A 93 0.11 -7.56 -0.77
CA THR A 93 -1.15 -7.30 -0.15
C THR A 93 -1.69 -8.57 0.44
N TYR A 94 -1.43 -8.73 1.68
CA TYR A 94 -1.86 -9.90 2.44
C TYR A 94 -2.42 -9.45 3.77
N GLU A 95 -2.16 -8.23 4.06
CA GLU A 95 -2.54 -7.61 5.29
C GLU A 95 -3.86 -6.89 5.16
N SER A 96 -4.03 -6.25 4.07
CA SER A 96 -5.24 -5.50 3.76
C SER A 96 -6.31 -6.44 3.20
N ASN A 97 -5.87 -7.58 2.71
CA ASN A 97 -6.73 -8.58 2.12
C ASN A 97 -7.11 -9.63 3.15
N THR A 98 -8.35 -10.10 3.07
CA THR A 98 -8.93 -11.16 3.87
C THR A 98 -8.60 -11.10 5.38
N LYS A 99 -9.35 -10.26 6.05
CA LYS A 99 -9.32 -10.13 7.51
C LYS A 99 -10.74 -10.17 8.00
N GLN A 100 -11.59 -10.42 7.05
CA GLN A 100 -13.01 -10.48 7.16
C GLN A 100 -13.43 -10.96 5.81
N LEU A 101 -14.70 -10.99 5.53
CA LEU A 101 -15.13 -11.26 4.19
C LEU A 101 -15.75 -10.01 3.65
N SER A 102 -14.96 -9.23 2.97
CA SER A 102 -15.44 -7.99 2.41
C SER A 102 -16.32 -8.34 1.22
N TYR A 103 -17.38 -7.57 1.01
CA TYR A 103 -18.32 -7.81 -0.09
C TYR A 103 -17.57 -7.91 -1.41
N ASP A 104 -16.61 -7.03 -1.56
CA ASP A 104 -15.69 -6.95 -2.72
C ASP A 104 -15.03 -8.29 -2.95
N GLU A 105 -14.49 -8.85 -1.89
CA GLU A 105 -13.80 -10.14 -1.94
C GLU A 105 -14.79 -11.24 -2.26
N VAL A 106 -15.92 -11.21 -1.59
CA VAL A 106 -16.95 -12.21 -1.74
C VAL A 106 -17.52 -12.25 -3.16
N VAL A 107 -17.85 -11.09 -3.70
CA VAL A 107 -18.51 -10.99 -5.01
C VAL A 107 -17.54 -11.39 -6.15
N ASN A 108 -16.25 -11.17 -5.94
CA ASN A 108 -15.24 -11.51 -6.95
C ASN A 108 -14.78 -12.95 -6.82
N GLN A 109 -15.29 -13.64 -5.84
CA GLN A 109 -14.92 -15.03 -5.57
C GLN A 109 -15.86 -16.03 -6.23
N SER A 110 -16.77 -15.53 -7.00
CA SER A 110 -17.66 -16.36 -7.79
C SER A 110 -18.11 -15.61 -9.03
N SER A 111 -18.64 -16.34 -9.99
CA SER A 111 -19.18 -15.76 -11.17
C SER A 111 -20.52 -15.11 -10.82
N PRO A 112 -20.84 -13.94 -11.41
CA PRO A 112 -22.08 -13.16 -11.10
C PRO A 112 -23.41 -13.94 -11.28
N SER A 113 -23.34 -15.09 -11.89
CA SER A 113 -24.50 -15.90 -12.09
C SER A 113 -24.71 -16.88 -10.91
N ASN A 114 -23.69 -17.04 -10.08
CA ASN A 114 -23.79 -17.94 -8.94
C ASN A 114 -24.55 -17.29 -7.80
N CYS A 115 -25.59 -17.92 -7.36
CA CYS A 115 -26.38 -17.43 -6.26
C CYS A 115 -26.40 -18.43 -5.10
N THR A 116 -25.40 -19.30 -5.01
CA THR A 116 -25.40 -20.35 -4.00
C THR A 116 -24.63 -19.91 -2.73
N VAL A 117 -25.32 -19.91 -1.61
CA VAL A 117 -24.73 -19.53 -0.33
C VAL A 117 -24.68 -20.74 0.61
N TYR A 118 -23.56 -20.89 1.29
CA TYR A 118 -23.34 -21.97 2.24
C TYR A 118 -23.13 -21.41 3.63
N CYS A 119 -23.98 -21.76 4.54
CA CYS A 119 -23.82 -21.38 5.93
C CYS A 119 -23.70 -22.65 6.77
N GLY A 120 -22.73 -22.71 7.64
CA GLY A 120 -22.57 -23.87 8.49
C GLY A 120 -22.33 -23.48 9.93
N GLY A 121 -22.74 -24.33 10.85
CA GLY A 121 -22.53 -24.06 12.25
C GLY A 121 -23.63 -24.60 13.15
N VAL A 122 -24.87 -24.45 12.72
CA VAL A 122 -26.02 -24.85 13.54
C VAL A 122 -26.41 -26.29 13.24
N THR A 123 -26.07 -27.18 14.13
CA THR A 123 -26.41 -28.58 13.98
C THR A 123 -27.81 -28.87 14.51
N SER A 124 -28.25 -28.07 15.44
CA SER A 124 -29.53 -28.30 16.06
C SER A 124 -30.38 -27.05 16.03
N GLY A 125 -31.61 -27.20 15.57
CA GLY A 125 -32.53 -26.08 15.44
C GLY A 125 -32.45 -25.45 14.07
N LEU A 126 -31.65 -26.07 13.23
CA LEU A 126 -31.46 -25.63 11.86
C LEU A 126 -32.73 -25.97 11.09
N THR A 127 -33.50 -24.97 10.79
CA THR A 127 -34.74 -25.17 10.10
C THR A 127 -34.79 -24.27 8.90
N GLU A 128 -35.57 -24.65 7.91
CA GLU A 128 -35.68 -23.84 6.72
C GLU A 128 -36.26 -22.46 7.05
N GLN A 129 -37.15 -22.43 8.02
CA GLN A 129 -37.76 -21.24 8.50
C GLN A 129 -36.74 -20.33 9.15
N LEU A 130 -35.93 -20.88 10.06
CA LEU A 130 -34.97 -20.07 10.77
C LEU A 130 -33.96 -19.43 9.83
N MET A 131 -33.52 -20.21 8.87
CA MET A 131 -32.57 -19.73 7.88
C MET A 131 -33.23 -18.68 7.00
N ARG A 132 -34.47 -18.94 6.63
CA ARG A 132 -35.26 -18.01 5.84
C ARG A 132 -35.39 -16.66 6.55
N GLN A 133 -35.72 -16.71 7.82
CA GLN A 133 -35.85 -15.49 8.65
C GLN A 133 -34.55 -14.69 8.68
N THR A 134 -33.44 -15.41 8.70
CA THR A 134 -32.15 -14.79 8.79
C THR A 134 -31.70 -14.19 7.43
N PHE A 135 -31.81 -14.97 6.38
CA PHE A 135 -31.37 -14.57 5.05
C PHE A 135 -32.18 -13.47 4.40
N SER A 136 -33.48 -13.47 4.68
CA SER A 136 -34.43 -12.50 4.10
C SER A 136 -33.98 -11.01 4.15
N PRO A 137 -33.56 -10.45 5.32
CA PRO A 137 -33.07 -9.06 5.38
C PRO A 137 -31.77 -8.83 4.58
N PHE A 138 -31.11 -9.91 4.18
CA PHE A 138 -29.85 -9.77 3.48
C PHE A 138 -30.05 -9.83 1.97
N GLY A 139 -30.97 -10.66 1.52
CA GLY A 139 -31.18 -10.75 0.10
C GLY A 139 -32.47 -11.44 -0.29
N GLN A 140 -32.73 -11.48 -1.59
CA GLN A 140 -33.91 -12.08 -2.12
C GLN A 140 -33.69 -13.56 -2.26
N ILE A 141 -34.43 -14.31 -1.52
CA ILE A 141 -34.25 -15.75 -1.43
C ILE A 141 -35.09 -16.49 -2.48
N MET A 142 -34.48 -17.48 -3.11
CA MET A 142 -35.19 -18.35 -4.02
C MET A 142 -35.55 -19.66 -3.37
N GLU A 143 -34.65 -20.19 -2.54
CA GLU A 143 -34.87 -21.47 -1.87
C GLU A 143 -33.95 -21.65 -0.68
N ILE A 144 -34.38 -22.49 0.25
CA ILE A 144 -33.66 -22.77 1.47
C ILE A 144 -33.45 -24.28 1.57
N ARG A 145 -32.22 -24.72 1.65
CA ARG A 145 -31.94 -26.12 1.86
C ARG A 145 -31.16 -26.26 3.12
N VAL A 146 -31.63 -27.07 4.00
CA VAL A 146 -30.99 -27.22 5.31
C VAL A 146 -30.67 -28.68 5.58
N PHE A 147 -29.56 -28.90 6.25
CA PHE A 147 -29.10 -30.23 6.60
C PHE A 147 -28.53 -30.22 8.02
N PRO A 148 -29.39 -30.45 9.03
CA PRO A 148 -29.00 -30.40 10.45
C PRO A 148 -28.03 -31.52 10.85
N ASP A 149 -27.93 -32.53 10.00
CA ASP A 149 -27.11 -33.71 10.26
C ASP A 149 -25.63 -33.33 10.34
N LYS A 150 -25.21 -32.42 9.49
CA LYS A 150 -23.85 -31.87 9.57
C LYS A 150 -23.86 -30.42 10.00
N GLY A 151 -25.05 -29.87 10.12
CA GLY A 151 -25.22 -28.51 10.57
C GLY A 151 -24.88 -27.47 9.54
N TYR A 152 -25.33 -27.67 8.31
CA TYR A 152 -25.09 -26.70 7.27
C TYR A 152 -26.32 -26.48 6.42
N SER A 153 -26.34 -25.43 5.68
CA SER A 153 -27.44 -25.11 4.82
C SER A 153 -26.94 -24.48 3.53
N PHE A 154 -27.74 -24.62 2.51
CA PHE A 154 -27.49 -24.03 1.22
C PHE A 154 -28.67 -23.16 0.88
N VAL A 155 -28.43 -21.91 0.73
CA VAL A 155 -29.47 -20.98 0.41
C VAL A 155 -29.20 -20.39 -0.95
N ARG A 156 -30.16 -20.48 -1.80
CA ARG A 156 -30.03 -19.91 -3.11
C ARG A 156 -30.76 -18.61 -3.17
N PHE A 157 -30.10 -17.61 -3.69
CA PHE A 157 -30.67 -16.31 -3.81
C PHE A 157 -31.12 -16.03 -5.21
N ASN A 158 -31.84 -14.94 -5.34
CA ASN A 158 -32.36 -14.48 -6.59
C ASN A 158 -31.25 -13.84 -7.39
N SER A 159 -30.39 -13.14 -6.70
CA SER A 159 -29.36 -12.43 -7.37
C SER A 159 -28.02 -12.58 -6.64
N HIS A 160 -26.96 -12.22 -7.32
CA HIS A 160 -25.61 -12.42 -6.84
C HIS A 160 -25.31 -11.46 -5.70
N GLU A 161 -25.83 -10.25 -5.80
CA GLU A 161 -25.64 -9.21 -4.79
C GLU A 161 -26.22 -9.71 -3.48
N SER A 162 -27.41 -10.29 -3.60
CA SER A 162 -28.13 -10.86 -2.49
C SER A 162 -27.30 -11.98 -1.83
N ALA A 163 -26.68 -12.80 -2.66
CA ALA A 163 -25.93 -13.94 -2.20
C ALA A 163 -24.64 -13.52 -1.51
N ALA A 164 -23.95 -12.57 -2.10
CA ALA A 164 -22.71 -12.09 -1.56
C ALA A 164 -22.92 -11.37 -0.23
N HIS A 165 -23.99 -10.56 -0.17
CA HIS A 165 -24.32 -9.81 1.03
C HIS A 165 -24.65 -10.75 2.19
N ALA A 166 -25.33 -11.85 1.89
CA ALA A 166 -25.70 -12.81 2.90
C ALA A 166 -24.46 -13.38 3.56
N ILE A 167 -23.51 -13.79 2.74
CA ILE A 167 -22.27 -14.37 3.20
C ILE A 167 -21.51 -13.41 4.10
N VAL A 168 -21.37 -12.17 3.65
CA VAL A 168 -20.65 -11.12 4.41
C VAL A 168 -21.25 -10.95 5.81
N SER A 169 -22.55 -10.96 5.87
CA SER A 169 -23.27 -10.69 7.06
C SER A 169 -23.34 -11.91 7.99
N VAL A 170 -23.53 -13.09 7.40
CA VAL A 170 -23.66 -14.31 8.17
C VAL A 170 -22.29 -14.77 8.68
N ASN A 171 -21.24 -14.35 8.01
CA ASN A 171 -19.89 -14.71 8.40
C ASN A 171 -19.51 -14.12 9.75
N GLY A 172 -19.60 -14.96 10.75
CA GLY A 172 -19.19 -14.57 12.07
C GLY A 172 -20.36 -14.27 12.96
N THR A 173 -21.54 -14.66 12.55
CA THR A 173 -22.70 -14.45 13.39
C THR A 173 -22.98 -15.66 14.26
N THR A 174 -23.98 -15.60 15.09
CA THR A 174 -24.30 -16.69 15.94
C THR A 174 -25.79 -16.95 15.92
N ILE A 175 -26.16 -18.14 15.53
CA ILE A 175 -27.55 -18.54 15.47
C ILE A 175 -27.79 -19.61 16.50
N GLU A 176 -28.73 -19.34 17.36
CA GLU A 176 -29.15 -20.20 18.49
C GLU A 176 -27.96 -20.73 19.32
N GLY A 177 -26.94 -19.90 19.48
CA GLY A 177 -25.78 -20.30 20.27
C GLY A 177 -24.66 -20.87 19.41
N HIS A 178 -24.97 -21.22 18.19
CA HIS A 178 -24.01 -21.78 17.28
C HIS A 178 -23.41 -20.69 16.43
N VAL A 179 -22.12 -20.51 16.52
CA VAL A 179 -21.40 -19.55 15.71
C VAL A 179 -21.39 -20.07 14.27
N VAL A 180 -21.84 -19.25 13.35
CA VAL A 180 -21.95 -19.68 11.99
C VAL A 180 -20.93 -19.05 11.07
N LYS A 181 -20.49 -19.85 10.15
CA LYS A 181 -19.56 -19.47 9.14
C LYS A 181 -20.24 -19.58 7.79
N CYS A 182 -20.10 -18.56 6.98
CA CYS A 182 -20.72 -18.56 5.69
C CYS A 182 -19.68 -18.35 4.59
N TYR A 183 -19.89 -19.01 3.47
CA TYR A 183 -19.10 -18.90 2.24
C TYR A 183 -20.02 -19.22 1.07
N TRP A 184 -19.47 -19.33 -0.12
CA TRP A 184 -20.24 -19.74 -1.28
C TRP A 184 -20.45 -21.25 -1.21
N GLY A 185 -21.58 -21.71 -1.68
CA GLY A 185 -21.86 -23.13 -1.67
C GLY A 185 -21.65 -23.71 -3.03
N LYS A 186 -20.54 -23.31 -3.61
CA LYS A 186 -20.09 -23.60 -4.98
C LYS A 186 -21.05 -22.97 -5.96
N GLY A 1 11.04 5.82 -11.86
CA GLY A 1 9.94 5.88 -10.87
C GLY A 1 9.24 4.56 -10.80
N ALA A 2 7.92 4.57 -10.93
CA ALA A 2 7.14 3.35 -11.00
C ALA A 2 7.61 2.57 -12.22
N MET A 3 7.60 3.24 -13.36
CA MET A 3 8.12 2.68 -14.59
C MET A 3 9.64 2.77 -14.57
N ALA A 4 10.29 1.93 -15.39
CA ALA A 4 11.76 1.80 -15.49
C ALA A 4 12.33 1.09 -14.26
N ASN A 5 13.60 0.77 -14.31
CA ASN A 5 14.28 0.04 -13.21
C ASN A 5 14.69 1.01 -12.11
N HIS A 6 14.72 2.27 -12.47
CA HIS A 6 15.25 3.31 -11.60
C HIS A 6 14.12 3.90 -10.79
N PHE A 7 14.41 4.18 -9.55
CA PHE A 7 13.42 4.70 -8.65
C PHE A 7 13.94 5.99 -8.03
N HIS A 8 13.05 6.93 -7.82
CA HIS A 8 13.43 8.23 -7.32
C HIS A 8 12.95 8.36 -5.90
N VAL A 9 13.80 8.82 -5.05
CA VAL A 9 13.50 9.03 -3.67
C VAL A 9 13.39 10.52 -3.43
N PHE A 10 12.40 10.93 -2.70
CA PHE A 10 12.23 12.31 -2.34
C PHE A 10 12.82 12.52 -0.97
N VAL A 11 13.70 13.47 -0.88
CA VAL A 11 14.38 13.74 0.36
C VAL A 11 13.82 15.02 0.99
N GLY A 12 13.37 14.90 2.22
CA GLY A 12 12.74 15.99 2.92
C GLY A 12 13.62 16.52 4.04
N ASP A 13 13.39 17.80 4.37
CA ASP A 13 14.17 18.61 5.34
C ASP A 13 15.64 18.50 5.11
N LEU A 14 16.04 19.02 4.01
CA LEU A 14 17.41 19.09 3.70
C LEU A 14 17.96 20.32 4.25
N SER A 15 18.74 20.13 5.24
CA SER A 15 19.33 21.15 5.97
C SER A 15 20.30 21.93 5.07
N PRO A 16 20.21 23.29 5.04
CA PRO A 16 21.19 24.12 4.34
C PRO A 16 22.62 23.80 4.76
N GLU A 17 22.79 23.19 5.94
CA GLU A 17 24.09 22.78 6.42
C GLU A 17 24.67 21.66 5.52
N ILE A 18 23.77 21.01 4.80
CA ILE A 18 24.04 19.88 3.93
C ILE A 18 24.00 20.36 2.46
N THR A 19 24.70 19.65 1.61
CA THR A 19 24.67 19.88 0.20
C THR A 19 24.40 18.55 -0.55
N THR A 20 24.20 18.64 -1.84
CA THR A 20 23.90 17.51 -2.69
C THR A 20 25.00 16.44 -2.61
N GLU A 21 26.19 16.91 -2.41
CA GLU A 21 27.38 16.11 -2.36
C GLU A 21 27.34 15.17 -1.15
N ASP A 22 26.81 15.67 -0.02
CA ASP A 22 26.65 14.86 1.21
C ASP A 22 25.72 13.73 0.92
N ILE A 23 24.60 14.05 0.26
CA ILE A 23 23.59 13.06 -0.10
C ILE A 23 24.19 11.97 -0.99
N LYS A 24 24.98 12.37 -1.97
CA LYS A 24 25.59 11.42 -2.89
C LYS A 24 26.45 10.41 -2.12
N ALA A 25 27.24 10.91 -1.19
CA ALA A 25 28.08 10.08 -0.36
C ALA A 25 27.27 9.24 0.64
N ALA A 26 26.29 9.86 1.27
CA ALA A 26 25.48 9.23 2.32
C ALA A 26 24.62 8.10 1.80
N PHE A 27 24.00 8.29 0.65
CA PHE A 27 23.11 7.31 0.10
C PHE A 27 23.85 6.21 -0.68
N ALA A 28 25.09 6.51 -1.09
CA ALA A 28 25.91 5.57 -1.90
C ALA A 28 26.06 4.14 -1.29
N PRO A 29 26.43 3.98 0.03
CA PRO A 29 26.58 2.64 0.64
C PRO A 29 25.26 1.86 0.73
N PHE A 30 24.15 2.53 0.48
CA PHE A 30 22.87 1.88 0.60
C PHE A 30 22.34 1.44 -0.76
N GLY A 31 22.73 2.13 -1.81
CA GLY A 31 22.27 1.78 -3.11
C GLY A 31 23.01 2.54 -4.18
N ARG A 32 22.97 2.02 -5.38
CA ARG A 32 23.64 2.63 -6.50
C ARG A 32 22.81 3.81 -7.00
N ILE A 33 23.40 4.96 -6.98
CA ILE A 33 22.75 6.18 -7.34
C ILE A 33 23.15 6.51 -8.75
N SER A 34 22.19 6.85 -9.57
CA SER A 34 22.49 7.28 -10.89
C SER A 34 22.80 8.76 -10.82
N ASP A 35 22.03 9.44 -9.99
CA ASP A 35 22.20 10.87 -9.71
C ASP A 35 21.40 11.24 -8.48
N ALA A 36 21.75 12.33 -7.87
CA ALA A 36 21.10 12.84 -6.71
C ALA A 36 21.24 14.31 -6.81
N ARG A 37 20.22 15.03 -6.46
CA ARG A 37 20.25 16.45 -6.63
C ARG A 37 19.32 17.13 -5.66
N VAL A 38 19.77 18.23 -5.14
CA VAL A 38 19.04 18.98 -4.16
C VAL A 38 18.80 20.35 -4.70
N VAL A 39 17.69 20.93 -4.35
CA VAL A 39 17.50 22.30 -4.66
C VAL A 39 18.26 23.02 -3.58
N LYS A 40 19.39 23.53 -3.95
CA LYS A 40 20.28 24.14 -3.06
C LYS A 40 20.64 25.49 -3.60
N ASP A 41 21.23 26.29 -2.78
CA ASP A 41 21.65 27.59 -3.18
C ASP A 41 22.83 27.52 -4.12
N MET A 42 22.70 28.24 -5.20
CA MET A 42 23.68 28.29 -6.26
C MET A 42 25.03 28.83 -5.81
N ALA A 43 25.02 29.82 -4.93
CA ALA A 43 26.24 30.50 -4.54
C ALA A 43 26.89 29.89 -3.32
N THR A 44 26.08 29.54 -2.34
CA THR A 44 26.61 29.01 -1.11
C THR A 44 26.64 27.48 -1.10
N GLY A 45 25.93 26.89 -2.05
CA GLY A 45 25.88 25.44 -2.14
C GLY A 45 25.13 24.83 -0.98
N LYS A 46 24.30 25.61 -0.34
CA LYS A 46 23.57 25.16 0.84
C LYS A 46 22.15 24.83 0.45
N SER A 47 21.71 23.67 0.87
CA SER A 47 20.38 23.14 0.54
C SER A 47 19.23 24.08 0.93
N LYS A 48 18.22 24.15 0.08
CA LYS A 48 17.07 25.00 0.32
C LYS A 48 15.89 24.23 0.93
N GLY A 49 16.12 22.99 1.31
CA GLY A 49 15.07 22.29 2.02
C GLY A 49 14.69 20.93 1.48
N TYR A 50 14.92 20.67 0.21
CA TYR A 50 14.45 19.38 -0.35
C TYR A 50 15.27 18.95 -1.54
N GLY A 51 15.19 17.68 -1.87
CA GLY A 51 15.95 17.13 -2.97
C GLY A 51 15.42 15.79 -3.39
N PHE A 52 16.10 15.19 -4.35
CA PHE A 52 15.71 13.89 -4.91
C PHE A 52 16.94 13.05 -5.19
N VAL A 53 16.81 11.76 -5.05
CA VAL A 53 17.88 10.84 -5.38
C VAL A 53 17.32 9.79 -6.33
N SER A 54 17.99 9.55 -7.41
CA SER A 54 17.53 8.57 -8.36
C SER A 54 18.50 7.39 -8.35
N PHE A 55 18.00 6.25 -7.97
CA PHE A 55 18.80 5.06 -7.90
C PHE A 55 18.69 4.27 -9.15
N PHE A 56 19.66 3.40 -9.36
CA PHE A 56 19.72 2.54 -10.52
C PHE A 56 18.60 1.50 -10.48
N ASN A 57 18.25 1.10 -9.30
CA ASN A 57 17.25 0.08 -9.10
C ASN A 57 16.33 0.40 -7.93
N LYS A 58 15.12 -0.13 -8.01
CA LYS A 58 14.08 0.05 -7.01
C LYS A 58 14.53 -0.42 -5.62
N TRP A 59 15.16 -1.58 -5.56
CA TRP A 59 15.60 -2.14 -4.29
C TRP A 59 16.75 -1.35 -3.72
N ASP A 60 17.59 -0.81 -4.63
CA ASP A 60 18.68 0.09 -4.23
C ASP A 60 18.10 1.30 -3.53
N ALA A 61 17.03 1.81 -4.10
CA ALA A 61 16.34 2.95 -3.57
C ALA A 61 15.68 2.63 -2.25
N GLU A 62 14.99 1.51 -2.19
CA GLU A 62 14.23 1.08 -1.02
C GLU A 62 15.15 0.89 0.19
N ASN A 63 16.31 0.28 -0.04
CA ASN A 63 17.27 0.04 1.03
C ASN A 63 17.74 1.39 1.61
N ALA A 64 17.97 2.32 0.72
CA ALA A 64 18.37 3.66 1.12
C ALA A 64 17.24 4.38 1.84
N ILE A 65 16.01 4.23 1.36
CA ILE A 65 14.84 4.86 1.97
C ILE A 65 14.68 4.42 3.41
N GLN A 66 14.81 3.13 3.65
CA GLN A 66 14.68 2.58 4.98
C GLN A 66 15.80 3.05 5.94
N GLN A 67 17.05 2.90 5.50
CA GLN A 67 18.20 3.25 6.36
C GLN A 67 18.42 4.76 6.52
N MET A 68 18.02 5.51 5.52
CA MET A 68 18.10 6.96 5.58
C MET A 68 16.75 7.53 5.95
N GLY A 69 15.87 6.67 6.45
CA GLY A 69 14.51 7.05 6.80
C GLY A 69 14.44 7.84 8.08
N GLY A 70 15.18 8.91 8.13
CA GLY A 70 15.21 9.75 9.26
C GLY A 70 16.45 9.55 10.05
N GLN A 71 17.53 9.95 9.47
CA GLN A 71 18.80 9.87 10.11
C GLN A 71 19.34 11.27 10.26
N TRP A 72 19.97 11.54 11.36
CA TRP A 72 20.51 12.85 11.65
C TRP A 72 21.78 13.06 10.83
N LEU A 73 21.60 13.64 9.69
CA LEU A 73 22.71 13.89 8.81
C LEU A 73 23.11 15.34 8.91
N GLY A 74 24.26 15.57 9.50
CA GLY A 74 24.83 16.90 9.62
C GLY A 74 24.22 17.71 10.74
N GLY A 75 22.95 18.00 10.63
CA GLY A 75 22.28 18.81 11.61
C GLY A 75 20.91 18.29 11.93
N ARG A 76 20.08 18.18 10.93
CA ARG A 76 18.74 17.68 11.14
C ARG A 76 18.56 16.27 10.66
N GLN A 77 17.36 15.80 10.81
CA GLN A 77 16.99 14.48 10.46
C GLN A 77 16.33 14.54 9.10
N ILE A 78 17.02 14.06 8.11
CA ILE A 78 16.50 14.14 6.77
C ILE A 78 15.55 12.99 6.54
N ARG A 79 14.56 13.20 5.73
CA ARG A 79 13.58 12.17 5.49
C ARG A 79 13.57 11.70 4.07
N THR A 80 13.06 10.55 3.92
CA THR A 80 12.96 9.89 2.65
C THR A 80 11.50 9.59 2.35
N ASN A 81 11.14 9.57 1.09
CA ASN A 81 9.78 9.26 0.68
C ASN A 81 9.82 8.67 -0.73
N TRP A 82 8.86 7.82 -1.01
CA TRP A 82 8.75 7.16 -2.29
C TRP A 82 8.11 8.08 -3.32
N ALA A 83 8.71 8.19 -4.49
CA ALA A 83 8.12 8.96 -5.55
C ALA A 83 7.18 8.08 -6.37
N THR A 84 6.00 7.92 -5.85
CA THR A 84 4.98 7.09 -6.47
C THR A 84 3.94 7.94 -7.19
N ARG A 85 3.39 8.93 -6.47
CA ARG A 85 2.35 9.86 -6.95
C ARG A 85 0.97 9.20 -7.03
N LYS A 86 0.91 8.07 -7.67
CA LYS A 86 -0.31 7.32 -7.77
C LYS A 86 -0.19 6.05 -6.95
N PRO A 87 -0.97 5.92 -5.84
CA PRO A 87 -0.98 4.69 -5.07
C PRO A 87 -1.43 3.51 -5.94
N PRO A 88 -0.86 2.31 -5.73
CA PRO A 88 -1.16 1.13 -6.55
C PRO A 88 -2.62 0.76 -6.57
N ALA A 89 -3.07 0.37 -7.71
CA ALA A 89 -4.41 -0.07 -7.92
C ALA A 89 -4.40 -1.58 -8.02
N PRO A 90 -5.46 -2.27 -7.57
CA PRO A 90 -5.60 -3.72 -7.79
C PRO A 90 -5.47 -4.00 -9.30
N LYS A 91 -4.53 -4.85 -9.64
CA LYS A 91 -4.18 -5.07 -11.03
C LYS A 91 -5.10 -6.11 -11.72
N SER A 92 -6.24 -6.40 -11.11
CA SER A 92 -7.26 -7.29 -11.66
C SER A 92 -7.58 -6.82 -13.09
N THR A 93 -7.78 -5.54 -13.21
CA THR A 93 -7.86 -4.90 -14.47
C THR A 93 -7.09 -3.59 -14.31
N TYR A 94 -7.68 -2.75 -13.52
CA TYR A 94 -7.14 -1.45 -13.08
C TYR A 94 -8.19 -0.83 -12.17
N GLU A 95 -8.13 -1.21 -10.93
CA GLU A 95 -9.19 -0.88 -10.05
C GLU A 95 -8.99 0.45 -9.32
N SER A 96 -9.47 1.44 -9.97
CA SER A 96 -9.59 2.80 -9.53
C SER A 96 -10.76 3.35 -10.33
N ASN A 97 -11.66 2.43 -10.62
CA ASN A 97 -12.80 2.59 -11.48
C ASN A 97 -13.64 1.34 -11.33
N THR A 98 -14.93 1.51 -11.19
CA THR A 98 -15.85 0.44 -10.92
C THR A 98 -15.84 -0.71 -11.98
N LYS A 99 -15.33 -1.84 -11.54
CA LYS A 99 -15.33 -3.14 -12.23
C LYS A 99 -15.33 -4.13 -11.12
N GLN A 100 -14.28 -4.03 -10.37
CA GLN A 100 -14.26 -4.55 -9.07
C GLN A 100 -14.51 -3.37 -8.20
N LEU A 101 -14.52 -3.55 -6.94
CA LEU A 101 -14.77 -2.47 -6.08
C LEU A 101 -13.45 -1.90 -5.63
N SER A 102 -13.20 -0.67 -6.00
CA SER A 102 -11.96 -0.01 -5.70
C SER A 102 -11.85 0.16 -4.19
N TYR A 103 -10.64 0.01 -3.64
CA TYR A 103 -10.42 0.11 -2.20
C TYR A 103 -11.05 1.37 -1.60
N ASP A 104 -10.84 2.49 -2.26
CA ASP A 104 -11.39 3.78 -1.80
C ASP A 104 -12.92 3.76 -1.84
N GLU A 105 -13.41 3.23 -2.94
CA GLU A 105 -14.83 3.09 -3.22
C GLU A 105 -15.48 2.21 -2.14
N VAL A 106 -14.79 1.18 -1.73
CA VAL A 106 -15.26 0.28 -0.68
C VAL A 106 -15.20 0.93 0.70
N VAL A 107 -14.05 1.51 1.04
CA VAL A 107 -13.81 2.02 2.40
C VAL A 107 -14.74 3.18 2.75
N ASN A 108 -15.08 4.00 1.75
CA ASN A 108 -15.98 5.14 1.95
C ASN A 108 -17.43 4.71 2.13
N GLN A 109 -17.70 3.42 2.00
CA GLN A 109 -19.05 2.90 2.18
C GLN A 109 -19.34 2.47 3.62
N SER A 110 -18.38 2.66 4.49
CA SER A 110 -18.56 2.37 5.90
C SER A 110 -17.71 3.25 6.78
N SER A 111 -17.94 3.14 8.07
CA SER A 111 -17.16 3.82 9.04
C SER A 111 -16.02 2.87 9.42
N PRO A 112 -14.81 3.38 9.73
CA PRO A 112 -13.60 2.55 10.03
C PRO A 112 -13.78 1.50 11.15
N SER A 113 -14.85 1.60 11.89
CA SER A 113 -15.14 0.66 12.94
C SER A 113 -15.88 -0.58 12.41
N ASN A 114 -16.39 -0.49 11.18
CA ASN A 114 -17.14 -1.59 10.62
C ASN A 114 -16.21 -2.70 10.13
N CYS A 115 -16.44 -3.88 10.64
CA CYS A 115 -15.65 -5.04 10.30
C CYS A 115 -16.49 -6.15 9.65
N THR A 116 -17.70 -5.83 9.21
CA THR A 116 -18.58 -6.86 8.68
C THR A 116 -18.62 -6.88 7.14
N VAL A 117 -18.25 -8.00 6.57
CA VAL A 117 -18.24 -8.20 5.13
C VAL A 117 -19.30 -9.24 4.72
N TYR A 118 -20.01 -8.98 3.66
CA TYR A 118 -21.01 -9.89 3.14
C TYR A 118 -20.44 -10.68 1.99
N CYS A 119 -20.48 -11.98 2.11
CA CYS A 119 -20.09 -12.85 1.03
C CYS A 119 -21.29 -13.69 0.64
N GLY A 120 -21.71 -13.60 -0.58
CA GLY A 120 -22.86 -14.37 -1.01
C GLY A 120 -22.59 -15.13 -2.27
N GLY A 121 -23.24 -16.28 -2.43
CA GLY A 121 -23.09 -17.06 -3.63
C GLY A 121 -22.56 -18.46 -3.39
N VAL A 122 -22.81 -19.03 -2.22
CA VAL A 122 -22.36 -20.40 -1.93
C VAL A 122 -23.46 -21.13 -1.19
N THR A 123 -24.02 -22.13 -1.81
CA THR A 123 -25.10 -22.88 -1.21
C THR A 123 -24.62 -24.02 -0.28
N SER A 124 -23.54 -24.64 -0.63
CA SER A 124 -23.06 -25.76 0.09
C SER A 124 -21.56 -25.65 0.35
N GLY A 125 -21.15 -26.14 1.51
CA GLY A 125 -19.76 -26.12 1.90
C GLY A 125 -19.35 -24.77 2.46
N LEU A 126 -20.31 -23.88 2.56
CA LEU A 126 -20.11 -22.57 3.11
C LEU A 126 -19.92 -22.75 4.61
N THR A 127 -18.69 -22.75 5.03
CA THR A 127 -18.38 -23.01 6.40
C THR A 127 -17.47 -21.95 6.92
N GLU A 128 -17.42 -21.81 8.23
CA GLU A 128 -16.53 -20.86 8.86
C GLU A 128 -15.09 -21.11 8.40
N GLN A 129 -14.69 -22.36 8.42
CA GLN A 129 -13.33 -22.74 8.06
C GLN A 129 -13.01 -22.43 6.60
N LEU A 130 -13.89 -22.82 5.67
CA LEU A 130 -13.64 -22.58 4.25
C LEU A 130 -13.57 -21.08 3.95
N MET A 131 -14.44 -20.34 4.56
CA MET A 131 -14.50 -18.91 4.37
C MET A 131 -13.30 -18.23 4.99
N ARG A 132 -12.95 -18.62 6.21
CA ARG A 132 -11.79 -18.05 6.89
C ARG A 132 -10.53 -18.32 6.08
N GLN A 133 -10.44 -19.53 5.56
CA GLN A 133 -9.31 -19.95 4.72
C GLN A 133 -9.19 -19.05 3.48
N THR A 134 -10.32 -18.63 2.94
CA THR A 134 -10.34 -17.82 1.76
C THR A 134 -10.04 -16.33 2.09
N PHE A 135 -10.75 -15.80 3.06
CA PHE A 135 -10.63 -14.41 3.49
C PHE A 135 -9.32 -14.04 4.19
N SER A 136 -8.76 -14.99 4.94
CA SER A 136 -7.56 -14.77 5.76
C SER A 136 -6.34 -14.16 5.00
N PRO A 137 -5.98 -14.63 3.76
CA PRO A 137 -4.87 -14.00 2.99
C PRO A 137 -5.18 -12.54 2.60
N PHE A 138 -6.44 -12.13 2.71
CA PHE A 138 -6.82 -10.78 2.39
C PHE A 138 -6.88 -9.95 3.66
N GLY A 139 -7.26 -10.57 4.76
CA GLY A 139 -7.29 -9.88 6.02
C GLY A 139 -7.48 -10.82 7.20
N GLN A 140 -7.29 -10.31 8.40
CA GLN A 140 -7.42 -11.12 9.60
C GLN A 140 -8.86 -11.29 9.98
N ILE A 141 -9.22 -12.52 10.19
CA ILE A 141 -10.59 -12.91 10.44
C ILE A 141 -10.86 -13.08 11.92
N MET A 142 -11.98 -12.56 12.39
CA MET A 142 -12.39 -12.77 13.77
C MET A 142 -13.38 -13.90 13.83
N GLU A 143 -14.30 -13.92 12.87
CA GLU A 143 -15.43 -14.82 12.92
C GLU A 143 -16.00 -14.96 11.54
N ILE A 144 -16.51 -16.11 11.24
CA ILE A 144 -17.26 -16.30 10.04
C ILE A 144 -18.68 -16.69 10.42
N ARG A 145 -19.62 -15.93 10.01
CA ARG A 145 -20.99 -16.26 10.25
C ARG A 145 -21.53 -16.76 8.94
N VAL A 146 -22.00 -17.98 8.89
CA VAL A 146 -22.42 -18.58 7.63
C VAL A 146 -23.84 -19.08 7.68
N PHE A 147 -24.51 -18.94 6.56
CA PHE A 147 -25.86 -19.42 6.37
C PHE A 147 -25.94 -20.06 4.99
N PRO A 148 -25.53 -21.35 4.87
CA PRO A 148 -25.49 -22.05 3.57
C PRO A 148 -26.89 -22.26 3.01
N ASP A 149 -27.86 -22.26 3.88
CA ASP A 149 -29.25 -22.51 3.53
C ASP A 149 -29.82 -21.33 2.75
N LYS A 150 -29.26 -20.15 2.98
CA LYS A 150 -29.69 -18.96 2.29
C LYS A 150 -28.60 -18.54 1.28
N GLY A 151 -27.49 -19.26 1.35
CA GLY A 151 -26.39 -19.09 0.42
C GLY A 151 -25.53 -17.84 0.64
N TYR A 152 -25.39 -17.40 1.88
CA TYR A 152 -24.57 -16.20 2.14
C TYR A 152 -23.88 -16.29 3.50
N SER A 153 -22.90 -15.46 3.69
CA SER A 153 -22.13 -15.43 4.90
C SER A 153 -21.69 -14.00 5.24
N PHE A 154 -21.33 -13.81 6.49
CA PHE A 154 -20.79 -12.57 6.97
C PHE A 154 -19.43 -12.85 7.56
N VAL A 155 -18.45 -12.18 7.08
CA VAL A 155 -17.10 -12.36 7.54
C VAL A 155 -16.71 -11.16 8.36
N ARG A 156 -16.21 -11.40 9.55
CA ARG A 156 -15.79 -10.36 10.43
C ARG A 156 -14.27 -10.26 10.43
N PHE A 157 -13.76 -9.10 10.15
CA PHE A 157 -12.33 -8.87 10.13
C PHE A 157 -11.87 -8.14 11.36
N ASN A 158 -10.57 -8.14 11.58
CA ASN A 158 -9.99 -7.47 12.77
C ASN A 158 -9.71 -6.02 12.43
N SER A 159 -9.56 -5.76 11.14
CA SER A 159 -9.15 -4.47 10.68
C SER A 159 -10.06 -4.03 9.52
N HIS A 160 -10.26 -2.72 9.37
CA HIS A 160 -11.20 -2.16 8.40
C HIS A 160 -10.65 -2.22 6.99
N GLU A 161 -9.39 -1.86 6.85
CA GLU A 161 -8.68 -1.88 5.56
C GLU A 161 -8.69 -3.30 5.03
N SER A 162 -8.38 -4.22 5.92
CA SER A 162 -8.38 -5.63 5.63
C SER A 162 -9.77 -6.10 5.14
N ALA A 163 -10.82 -5.56 5.75
CA ALA A 163 -12.18 -5.91 5.40
C ALA A 163 -12.53 -5.36 4.03
N ALA A 164 -12.13 -4.12 3.78
CA ALA A 164 -12.36 -3.48 2.50
C ALA A 164 -11.61 -4.20 1.40
N HIS A 165 -10.36 -4.57 1.70
CA HIS A 165 -9.48 -5.27 0.77
C HIS A 165 -10.10 -6.59 0.32
N ALA A 166 -10.65 -7.33 1.26
CA ALA A 166 -11.28 -8.60 0.95
C ALA A 166 -12.40 -8.40 -0.04
N ILE A 167 -13.25 -7.42 0.22
CA ILE A 167 -14.36 -7.09 -0.65
C ILE A 167 -13.86 -6.76 -2.05
N VAL A 168 -12.84 -5.92 -2.12
CA VAL A 168 -12.20 -5.50 -3.38
C VAL A 168 -11.80 -6.71 -4.23
N SER A 169 -11.12 -7.64 -3.62
CA SER A 169 -10.54 -8.74 -4.33
C SER A 169 -11.55 -9.89 -4.55
N VAL A 170 -12.40 -10.12 -3.56
CA VAL A 170 -13.39 -11.19 -3.64
C VAL A 170 -14.53 -10.81 -4.60
N ASN A 171 -14.65 -9.52 -4.88
CA ASN A 171 -15.65 -9.02 -5.83
C ASN A 171 -15.41 -9.61 -7.21
N GLY A 172 -16.10 -10.68 -7.50
CA GLY A 172 -15.98 -11.30 -8.78
C GLY A 172 -15.14 -12.55 -8.74
N THR A 173 -15.09 -13.20 -7.59
CA THR A 173 -14.33 -14.44 -7.49
C THR A 173 -15.27 -15.64 -7.59
N THR A 174 -14.76 -16.84 -7.45
CA THR A 174 -15.59 -17.99 -7.65
C THR A 174 -15.38 -19.04 -6.53
N ILE A 175 -16.48 -19.40 -5.89
CA ILE A 175 -16.51 -20.44 -4.87
C ILE A 175 -17.70 -21.31 -5.19
N GLU A 176 -17.56 -22.63 -5.00
CA GLU A 176 -18.59 -23.63 -5.34
C GLU A 176 -19.01 -23.49 -6.83
N GLY A 177 -18.06 -23.14 -7.68
CA GLY A 177 -18.34 -22.95 -9.10
C GLY A 177 -19.20 -21.71 -9.39
N HIS A 178 -19.68 -21.06 -8.35
CA HIS A 178 -20.51 -19.90 -8.47
C HIS A 178 -19.69 -18.65 -8.27
N VAL A 179 -20.06 -17.62 -8.98
CA VAL A 179 -19.39 -16.35 -8.83
C VAL A 179 -19.87 -15.73 -7.55
N VAL A 180 -18.95 -15.41 -6.68
CA VAL A 180 -19.32 -14.88 -5.39
C VAL A 180 -19.23 -13.37 -5.37
N LYS A 181 -20.05 -12.81 -4.56
CA LYS A 181 -20.28 -11.40 -4.50
C LYS A 181 -20.03 -10.89 -3.10
N CYS A 182 -19.23 -9.86 -2.97
CA CYS A 182 -18.99 -9.24 -1.69
C CYS A 182 -19.28 -7.76 -1.68
N TYR A 183 -19.73 -7.31 -0.51
CA TYR A 183 -20.00 -5.92 -0.14
C TYR A 183 -19.88 -5.88 1.37
N TRP A 184 -20.23 -4.78 1.97
CA TRP A 184 -20.29 -4.71 3.41
C TRP A 184 -21.52 -5.47 3.87
N GLY A 185 -21.43 -6.07 5.02
CA GLY A 185 -22.55 -6.87 5.50
C GLY A 185 -23.59 -6.07 6.21
N LYS A 186 -23.14 -5.15 7.00
CA LYS A 186 -23.92 -4.27 7.80
C LYS A 186 -22.87 -3.43 8.42
N GLY A 1 19.93 4.77 -6.45
CA GLY A 1 21.32 5.21 -6.58
C GLY A 1 22.22 4.11 -6.14
N ALA A 2 23.29 4.45 -5.49
CA ALA A 2 24.23 3.47 -5.01
C ALA A 2 24.30 3.53 -3.50
N MET A 3 24.55 2.42 -2.87
CA MET A 3 24.68 2.36 -1.45
C MET A 3 25.63 1.22 -1.15
N ALA A 4 26.83 1.55 -0.72
CA ALA A 4 27.82 0.55 -0.37
C ALA A 4 28.84 1.17 0.55
N ASN A 5 29.88 1.73 -0.01
CA ASN A 5 30.85 2.47 0.80
C ASN A 5 30.40 3.89 0.86
N HIS A 6 29.88 4.32 -0.25
CA HIS A 6 29.44 5.68 -0.46
C HIS A 6 27.95 5.78 -0.17
N PHE A 7 27.48 6.98 0.00
CA PHE A 7 26.09 7.22 0.23
C PHE A 7 25.62 8.24 -0.83
N HIS A 8 24.56 7.90 -1.51
CA HIS A 8 24.06 8.69 -2.62
C HIS A 8 22.83 9.52 -2.19
N VAL A 9 22.94 10.83 -2.38
CA VAL A 9 21.91 11.78 -1.99
C VAL A 9 21.41 12.54 -3.22
N PHE A 10 20.11 12.72 -3.30
CA PHE A 10 19.47 13.45 -4.39
C PHE A 10 19.21 14.87 -3.96
N VAL A 11 19.67 15.81 -4.74
CA VAL A 11 19.49 17.20 -4.42
C VAL A 11 18.43 17.79 -5.35
N GLY A 12 17.45 18.44 -4.79
CA GLY A 12 16.38 19.01 -5.55
C GLY A 12 16.18 20.45 -5.22
N ASP A 13 15.27 21.10 -5.95
CA ASP A 13 14.94 22.54 -5.76
C ASP A 13 16.13 23.42 -6.10
N LEU A 14 17.00 22.88 -6.93
CA LEU A 14 18.19 23.55 -7.35
C LEU A 14 17.87 24.70 -8.24
N SER A 15 17.94 25.86 -7.67
CA SER A 15 17.65 27.07 -8.34
C SER A 15 18.65 27.32 -9.48
N PRO A 16 18.22 27.94 -10.61
CA PRO A 16 19.12 28.25 -11.76
C PRO A 16 20.28 29.16 -11.32
N GLU A 17 20.08 29.78 -10.19
CA GLU A 17 21.03 30.64 -9.55
C GLU A 17 22.22 29.81 -9.04
N ILE A 18 21.97 28.52 -8.84
CA ILE A 18 22.91 27.55 -8.32
C ILE A 18 23.50 26.74 -9.49
N THR A 19 24.68 26.26 -9.33
CA THR A 19 25.33 25.37 -10.25
C THR A 19 25.98 24.21 -9.46
N THR A 20 26.49 23.22 -10.17
CA THR A 20 27.13 22.05 -9.58
C THR A 20 28.30 22.45 -8.66
N GLU A 21 28.98 23.48 -9.09
CA GLU A 21 30.13 24.01 -8.42
C GLU A 21 29.76 24.54 -7.02
N ASP A 22 28.56 25.16 -6.92
CA ASP A 22 28.07 25.67 -5.63
C ASP A 22 27.90 24.52 -4.67
N ILE A 23 27.26 23.45 -5.17
CA ILE A 23 27.02 22.27 -4.36
C ILE A 23 28.32 21.66 -3.86
N LYS A 24 29.29 21.55 -4.76
CA LYS A 24 30.57 20.96 -4.40
C LYS A 24 31.23 21.72 -3.26
N ALA A 25 31.24 23.03 -3.36
CA ALA A 25 31.81 23.87 -2.33
C ALA A 25 30.97 23.90 -1.05
N ALA A 26 29.67 24.00 -1.20
CA ALA A 26 28.74 24.15 -0.08
C ALA A 26 28.66 22.91 0.77
N PHE A 27 28.61 21.77 0.12
CA PHE A 27 28.43 20.53 0.83
C PHE A 27 29.76 19.97 1.35
N ALA A 28 30.89 20.43 0.79
CA ALA A 28 32.22 19.94 1.20
C ALA A 28 32.52 20.02 2.74
N PRO A 29 32.20 21.16 3.45
CA PRO A 29 32.39 21.24 4.89
C PRO A 29 31.49 20.27 5.65
N PHE A 30 30.32 20.01 5.10
CA PHE A 30 29.34 19.16 5.77
C PHE A 30 29.66 17.70 5.55
N GLY A 31 30.03 17.36 4.34
CA GLY A 31 30.32 16.02 4.01
C GLY A 31 31.34 15.90 2.92
N ARG A 32 32.16 14.89 3.00
CA ARG A 32 33.17 14.63 2.02
C ARG A 32 32.51 14.05 0.78
N ILE A 33 32.69 14.73 -0.30
CA ILE A 33 32.05 14.44 -1.53
C ILE A 33 33.05 13.81 -2.45
N SER A 34 32.74 12.64 -2.95
CA SER A 34 33.57 12.02 -3.93
C SER A 34 33.27 12.69 -5.27
N ASP A 35 31.98 12.97 -5.47
CA ASP A 35 31.51 13.69 -6.65
C ASP A 35 30.08 14.17 -6.44
N ALA A 36 29.73 15.20 -7.16
CA ALA A 36 28.45 15.83 -7.09
C ALA A 36 28.20 16.36 -8.46
N ARG A 37 27.00 16.26 -8.94
CA ARG A 37 26.69 16.71 -10.27
C ARG A 37 25.25 17.08 -10.38
N VAL A 38 24.99 18.11 -11.13
CA VAL A 38 23.66 18.62 -11.30
C VAL A 38 23.34 18.56 -12.76
N VAL A 39 22.09 18.33 -13.07
CA VAL A 39 21.66 18.46 -14.42
C VAL A 39 21.50 19.94 -14.63
N LYS A 40 22.43 20.49 -15.35
CA LYS A 40 22.48 21.87 -15.54
C LYS A 40 22.39 22.19 -17.01
N ASP A 41 22.12 23.43 -17.29
CA ASP A 41 21.86 23.92 -18.62
C ASP A 41 23.11 23.93 -19.46
N MET A 42 22.99 23.43 -20.66
CA MET A 42 24.09 23.36 -21.62
C MET A 42 24.64 24.73 -22.03
N ALA A 43 23.78 25.73 -22.10
CA ALA A 43 24.17 27.03 -22.60
C ALA A 43 24.61 27.97 -21.48
N THR A 44 23.87 27.99 -20.40
CA THR A 44 24.18 28.89 -19.31
C THR A 44 25.04 28.23 -18.22
N GLY A 45 25.07 26.91 -18.22
CA GLY A 45 25.85 26.17 -17.25
C GLY A 45 25.24 26.18 -15.86
N LYS A 46 24.01 26.62 -15.75
CA LYS A 46 23.36 26.72 -14.46
C LYS A 46 22.32 25.62 -14.30
N SER A 47 22.04 25.24 -13.06
CA SER A 47 21.15 24.12 -12.72
C SER A 47 19.76 24.18 -13.39
N LYS A 48 19.26 23.00 -13.76
CA LYS A 48 17.93 22.89 -14.35
C LYS A 48 16.89 22.62 -13.28
N GLY A 49 17.34 22.31 -12.07
CA GLY A 49 16.40 22.09 -11.00
C GLY A 49 16.77 20.95 -10.06
N TYR A 50 17.62 20.05 -10.50
CA TYR A 50 17.93 18.89 -9.68
C TYR A 50 19.31 18.31 -9.98
N GLY A 51 19.82 17.54 -9.05
CA GLY A 51 21.12 16.93 -9.18
C GLY A 51 21.31 15.90 -8.09
N PHE A 52 22.52 15.44 -7.92
CA PHE A 52 22.81 14.44 -6.90
C PHE A 52 24.26 14.51 -6.44
N VAL A 53 24.50 14.03 -5.23
CA VAL A 53 25.81 14.05 -4.60
C VAL A 53 26.10 12.67 -4.00
N SER A 54 27.29 12.18 -4.18
CA SER A 54 27.68 10.94 -3.57
C SER A 54 28.79 11.21 -2.56
N PHE A 55 28.51 10.93 -1.31
CA PHE A 55 29.42 11.18 -0.21
C PHE A 55 30.23 9.96 0.10
N PHE A 56 31.44 10.17 0.55
CA PHE A 56 32.34 9.10 0.90
C PHE A 56 31.92 8.49 2.23
N ASN A 57 31.49 9.33 3.14
CA ASN A 57 31.06 8.84 4.41
C ASN A 57 29.56 8.98 4.59
N LYS A 58 28.99 7.96 5.20
CA LYS A 58 27.58 7.89 5.44
C LYS A 58 27.03 9.02 6.33
N TRP A 59 27.73 9.31 7.42
CA TRP A 59 27.30 10.36 8.34
C TRP A 59 27.48 11.73 7.69
N ASP A 60 28.46 11.81 6.79
CA ASP A 60 28.72 13.03 6.02
C ASP A 60 27.50 13.37 5.20
N ALA A 61 26.89 12.35 4.64
CA ALA A 61 25.71 12.50 3.85
C ALA A 61 24.54 12.94 4.71
N GLU A 62 24.37 12.26 5.84
CA GLU A 62 23.28 12.59 6.79
C GLU A 62 23.41 14.00 7.33
N ASN A 63 24.63 14.41 7.65
CA ASN A 63 24.88 15.75 8.16
C ASN A 63 24.44 16.78 7.12
N ALA A 64 24.76 16.49 5.87
CA ALA A 64 24.36 17.33 4.79
C ALA A 64 22.85 17.32 4.57
N ILE A 65 22.25 16.13 4.56
CA ILE A 65 20.79 15.99 4.35
C ILE A 65 20.02 16.70 5.46
N GLN A 66 20.43 16.51 6.68
CA GLN A 66 19.75 17.11 7.81
C GLN A 66 19.86 18.64 7.82
N GLN A 67 21.04 19.18 7.52
CA GLN A 67 21.18 20.64 7.56
C GLN A 67 20.78 21.31 6.22
N MET A 68 21.03 20.63 5.13
CA MET A 68 20.75 21.17 3.81
C MET A 68 19.50 20.61 3.19
N GLY A 69 18.67 20.00 3.99
CA GLY A 69 17.39 19.50 3.54
C GLY A 69 16.37 20.62 3.43
N GLY A 70 16.79 21.70 2.84
CA GLY A 70 16.00 22.87 2.73
C GLY A 70 16.68 24.03 3.36
N GLN A 71 17.83 24.34 2.84
CA GLN A 71 18.64 25.40 3.36
C GLN A 71 18.88 26.40 2.27
N TRP A 72 19.02 27.63 2.67
CA TRP A 72 19.18 28.73 1.78
C TRP A 72 20.59 28.77 1.20
N LEU A 73 20.74 28.20 0.05
CA LEU A 73 21.96 28.25 -0.70
C LEU A 73 21.74 29.12 -1.90
N GLY A 74 22.69 29.98 -2.19
CA GLY A 74 22.52 30.94 -3.24
C GLY A 74 21.64 32.02 -2.74
N GLY A 75 20.41 32.03 -3.20
CA GLY A 75 19.48 32.96 -2.63
C GLY A 75 18.16 32.30 -2.37
N ARG A 76 18.11 30.99 -2.58
CA ARG A 76 16.84 30.28 -2.46
C ARG A 76 17.05 29.06 -1.58
N GLN A 77 16.02 28.29 -1.45
CA GLN A 77 16.04 27.11 -0.62
C GLN A 77 16.15 25.86 -1.49
N ILE A 78 17.23 25.11 -1.33
CA ILE A 78 17.39 23.85 -2.05
C ILE A 78 17.16 22.73 -1.05
N ARG A 79 16.79 21.55 -1.51
CA ARG A 79 16.49 20.46 -0.60
C ARG A 79 17.23 19.19 -1.00
N THR A 80 17.39 18.28 -0.07
CA THR A 80 18.10 17.04 -0.31
C THR A 80 17.28 15.88 0.24
N ASN A 81 17.48 14.69 -0.31
CA ASN A 81 16.75 13.49 0.12
C ASN A 81 17.57 12.23 -0.20
N TRP A 82 17.22 11.13 0.45
CA TRP A 82 17.84 9.83 0.23
C TRP A 82 17.57 9.34 -1.18
N ALA A 83 18.61 8.89 -1.86
CA ALA A 83 18.46 8.38 -3.20
C ALA A 83 19.24 7.09 -3.35
N THR A 84 19.49 6.45 -2.24
CA THR A 84 20.24 5.24 -2.20
C THR A 84 19.44 4.07 -2.78
N ARG A 85 18.47 3.60 -2.03
CA ARG A 85 17.66 2.47 -2.43
C ARG A 85 16.24 2.95 -2.69
N LYS A 86 15.64 2.44 -3.73
CA LYS A 86 14.29 2.82 -4.08
C LYS A 86 13.34 1.79 -3.42
N PRO A 87 12.46 2.25 -2.51
CA PRO A 87 11.54 1.37 -1.73
C PRO A 87 10.56 0.54 -2.58
N PRO A 88 10.14 -0.63 -2.08
CA PRO A 88 9.19 -1.49 -2.78
C PRO A 88 7.75 -0.96 -2.66
N ALA A 89 6.96 -1.23 -3.67
CA ALA A 89 5.58 -0.79 -3.70
C ALA A 89 4.67 -1.98 -3.36
N PRO A 90 3.44 -1.73 -2.85
CA PRO A 90 2.46 -2.79 -2.58
C PRO A 90 2.12 -3.56 -3.86
N LYS A 91 1.85 -4.85 -3.72
CA LYS A 91 1.54 -5.78 -4.82
C LYS A 91 2.68 -5.91 -5.86
N SER A 92 3.79 -5.25 -5.61
CA SER A 92 4.88 -5.22 -6.56
C SER A 92 6.01 -6.16 -6.15
N THR A 93 5.76 -7.01 -5.18
CA THR A 93 6.78 -7.90 -4.75
C THR A 93 6.19 -9.18 -4.20
N TYR A 94 5.38 -9.04 -3.20
CA TYR A 94 4.68 -10.16 -2.56
C TYR A 94 3.77 -9.65 -1.47
N GLU A 95 2.66 -10.33 -1.28
CA GLU A 95 1.67 -10.06 -0.25
C GLU A 95 0.83 -11.30 -0.08
N SER A 96 0.09 -11.36 1.00
CA SER A 96 -0.81 -12.46 1.25
C SER A 96 -2.19 -12.11 0.68
N ASN A 97 -2.43 -10.82 0.52
CA ASN A 97 -3.69 -10.32 0.01
C ASN A 97 -3.77 -10.53 -1.50
N THR A 98 -4.50 -11.54 -1.87
CA THR A 98 -4.72 -11.85 -3.26
C THR A 98 -5.95 -11.13 -3.77
N LYS A 99 -6.08 -10.99 -5.07
CA LYS A 99 -7.25 -10.36 -5.58
C LYS A 99 -8.32 -11.38 -5.91
N GLN A 100 -8.86 -11.86 -4.85
CA GLN A 100 -9.99 -12.73 -4.78
C GLN A 100 -10.61 -12.38 -3.46
N LEU A 101 -11.54 -13.13 -2.98
CA LEU A 101 -12.06 -12.82 -1.67
C LEU A 101 -11.17 -13.38 -0.60
N SER A 102 -10.07 -12.70 -0.37
CA SER A 102 -9.12 -13.06 0.63
C SER A 102 -9.74 -12.80 2.00
N TYR A 103 -9.58 -13.75 2.93
CA TYR A 103 -10.15 -13.66 4.28
C TYR A 103 -9.86 -12.31 4.93
N ASP A 104 -8.63 -11.86 4.78
CA ASP A 104 -8.17 -10.58 5.30
C ASP A 104 -8.99 -9.43 4.73
N GLU A 105 -9.17 -9.44 3.44
CA GLU A 105 -9.90 -8.40 2.76
C GLU A 105 -11.39 -8.49 3.10
N VAL A 106 -11.91 -9.70 3.16
CA VAL A 106 -13.33 -9.94 3.46
C VAL A 106 -13.69 -9.52 4.88
N VAL A 107 -12.88 -9.92 5.84
CA VAL A 107 -13.16 -9.65 7.25
C VAL A 107 -13.14 -8.13 7.54
N ASN A 108 -12.36 -7.40 6.75
CA ASN A 108 -12.27 -5.94 6.91
C ASN A 108 -13.40 -5.21 6.19
N GLN A 109 -14.26 -5.96 5.51
CA GLN A 109 -15.39 -5.37 4.77
C GLN A 109 -16.58 -5.08 5.66
N SER A 110 -16.48 -5.42 6.91
CA SER A 110 -17.52 -5.15 7.87
C SER A 110 -16.94 -4.96 9.24
N SER A 111 -17.74 -4.39 10.11
CA SER A 111 -17.39 -4.27 11.49
C SER A 111 -17.51 -5.68 12.08
N PRO A 112 -16.61 -6.05 13.03
CA PRO A 112 -16.57 -7.41 13.64
C PRO A 112 -17.90 -7.87 14.28
N SER A 113 -18.83 -6.95 14.45
CA SER A 113 -20.11 -7.29 15.00
C SER A 113 -21.10 -7.75 13.91
N ASN A 114 -20.77 -7.49 12.63
CA ASN A 114 -21.64 -7.96 11.56
C ASN A 114 -21.35 -9.42 11.32
N CYS A 115 -22.34 -10.25 11.44
CA CYS A 115 -22.14 -11.67 11.20
C CYS A 115 -23.04 -12.18 10.08
N THR A 116 -23.58 -11.29 9.29
CA THR A 116 -24.52 -11.68 8.28
C THR A 116 -23.87 -11.83 6.90
N VAL A 117 -24.11 -12.97 6.29
CA VAL A 117 -23.62 -13.29 4.97
C VAL A 117 -24.77 -13.16 3.97
N TYR A 118 -24.48 -12.58 2.83
CA TYR A 118 -25.43 -12.44 1.77
C TYR A 118 -25.11 -13.49 0.72
N CYS A 119 -26.04 -14.35 0.45
CA CYS A 119 -25.90 -15.34 -0.58
C CYS A 119 -26.95 -15.13 -1.66
N GLY A 120 -26.54 -15.14 -2.89
CA GLY A 120 -27.47 -14.96 -3.98
C GLY A 120 -27.21 -15.95 -5.07
N GLY A 121 -28.26 -16.32 -5.80
CA GLY A 121 -28.10 -17.25 -6.90
C GLY A 121 -29.20 -18.30 -6.93
N VAL A 122 -29.76 -18.61 -5.78
CA VAL A 122 -30.78 -19.64 -5.70
C VAL A 122 -32.16 -19.02 -5.85
N THR A 123 -32.68 -19.03 -7.05
CA THR A 123 -33.98 -18.46 -7.33
C THR A 123 -35.10 -19.47 -7.07
N SER A 124 -34.76 -20.72 -6.98
CA SER A 124 -35.74 -21.73 -6.77
C SER A 124 -35.20 -22.80 -5.85
N GLY A 125 -36.05 -23.26 -4.93
CA GLY A 125 -35.65 -24.29 -3.99
C GLY A 125 -34.95 -23.71 -2.79
N LEU A 126 -34.91 -22.38 -2.73
CA LEU A 126 -34.26 -21.68 -1.66
C LEU A 126 -35.11 -21.71 -0.41
N THR A 127 -34.81 -22.65 0.43
CA THR A 127 -35.47 -22.78 1.68
C THR A 127 -34.54 -22.38 2.78
N GLU A 128 -35.05 -22.20 3.96
CA GLU A 128 -34.25 -21.84 5.08
C GLU A 128 -33.38 -23.02 5.52
N GLN A 129 -33.91 -24.23 5.38
CA GLN A 129 -33.18 -25.44 5.66
C GLN A 129 -32.01 -25.62 4.69
N LEU A 130 -32.22 -25.25 3.41
CA LEU A 130 -31.19 -25.38 2.38
C LEU A 130 -29.94 -24.61 2.77
N MET A 131 -30.14 -23.39 3.23
CA MET A 131 -29.02 -22.53 3.62
C MET A 131 -28.30 -23.08 4.84
N ARG A 132 -29.03 -23.69 5.74
CA ARG A 132 -28.40 -24.28 6.92
C ARG A 132 -27.53 -25.44 6.52
N GLN A 133 -28.00 -26.20 5.54
CA GLN A 133 -27.29 -27.38 5.02
C GLN A 133 -25.92 -26.93 4.54
N THR A 134 -25.90 -25.88 3.77
CA THR A 134 -24.69 -25.41 3.21
C THR A 134 -23.83 -24.65 4.25
N PHE A 135 -24.42 -23.70 4.94
CA PHE A 135 -23.70 -22.82 5.84
C PHE A 135 -23.16 -23.43 7.13
N SER A 136 -23.88 -24.40 7.67
CA SER A 136 -23.54 -25.01 8.95
C SER A 136 -22.08 -25.60 9.01
N PRO A 137 -21.59 -26.36 7.98
CA PRO A 137 -20.19 -26.83 7.97
C PRO A 137 -19.16 -25.69 7.90
N PHE A 138 -19.61 -24.48 7.56
CA PHE A 138 -18.70 -23.35 7.48
C PHE A 138 -18.70 -22.56 8.77
N GLY A 139 -19.81 -22.59 9.49
CA GLY A 139 -19.87 -21.94 10.77
C GLY A 139 -21.19 -22.12 11.49
N GLN A 140 -21.31 -21.54 12.67
CA GLN A 140 -22.50 -21.69 13.47
C GLN A 140 -23.57 -20.74 12.97
N ILE A 141 -24.72 -21.27 12.72
CA ILE A 141 -25.83 -20.50 12.20
C ILE A 141 -26.54 -19.74 13.32
N MET A 142 -26.85 -18.50 13.05
CA MET A 142 -27.54 -17.65 13.99
C MET A 142 -28.95 -17.34 13.45
N GLU A 143 -29.07 -17.15 12.12
CA GLU A 143 -30.36 -16.82 11.51
C GLU A 143 -30.30 -17.13 10.01
N ILE A 144 -31.45 -17.45 9.44
CA ILE A 144 -31.57 -17.75 8.02
C ILE A 144 -32.78 -16.99 7.48
N ARG A 145 -32.57 -16.08 6.57
CA ARG A 145 -33.67 -15.40 5.92
C ARG A 145 -33.56 -15.64 4.46
N VAL A 146 -34.61 -16.05 3.86
CA VAL A 146 -34.57 -16.42 2.45
C VAL A 146 -35.60 -15.66 1.65
N PHE A 147 -35.24 -15.32 0.43
CA PHE A 147 -36.10 -14.62 -0.50
C PHE A 147 -35.88 -15.22 -1.89
N PRO A 148 -36.58 -16.33 -2.20
CA PRO A 148 -36.41 -17.04 -3.47
C PRO A 148 -36.92 -16.24 -4.66
N ASP A 149 -37.75 -15.26 -4.38
CA ASP A 149 -38.39 -14.46 -5.40
C ASP A 149 -37.40 -13.52 -6.08
N LYS A 150 -36.34 -13.14 -5.36
CA LYS A 150 -35.26 -12.39 -5.99
C LYS A 150 -34.03 -13.28 -6.09
N GLY A 151 -34.13 -14.44 -5.46
CA GLY A 151 -33.06 -15.41 -5.46
C GLY A 151 -31.89 -15.07 -4.54
N TYR A 152 -32.17 -14.60 -3.34
CA TYR A 152 -31.11 -14.31 -2.38
C TYR A 152 -31.52 -14.68 -0.99
N SER A 153 -30.57 -14.79 -0.12
CA SER A 153 -30.77 -15.14 1.23
C SER A 153 -29.76 -14.40 2.12
N PHE A 154 -30.13 -14.23 3.37
CA PHE A 154 -29.26 -13.68 4.37
C PHE A 154 -29.04 -14.73 5.41
N VAL A 155 -27.83 -15.13 5.57
CA VAL A 155 -27.47 -16.11 6.53
C VAL A 155 -26.60 -15.47 7.57
N ARG A 156 -27.09 -15.39 8.77
CA ARG A 156 -26.30 -14.80 9.80
C ARG A 156 -25.66 -15.89 10.60
N PHE A 157 -24.43 -15.69 10.91
CA PHE A 157 -23.66 -16.59 11.69
C PHE A 157 -23.55 -16.06 13.08
N ASN A 158 -23.09 -16.88 13.95
CA ASN A 158 -22.86 -16.50 15.31
C ASN A 158 -21.52 -15.80 15.42
N SER A 159 -20.59 -16.25 14.63
CA SER A 159 -19.26 -15.82 14.68
C SER A 159 -18.86 -15.05 13.39
N HIS A 160 -18.03 -14.02 13.54
CA HIS A 160 -17.65 -13.11 12.44
C HIS A 160 -16.65 -13.78 11.52
N GLU A 161 -15.69 -14.45 12.11
CA GLU A 161 -14.66 -15.19 11.37
C GLU A 161 -15.31 -16.25 10.50
N SER A 162 -16.25 -16.98 11.11
CA SER A 162 -16.97 -18.02 10.42
C SER A 162 -17.82 -17.43 9.28
N ALA A 163 -18.31 -16.22 9.47
CA ALA A 163 -19.12 -15.55 8.46
C ALA A 163 -18.25 -15.16 7.28
N ALA A 164 -17.06 -14.64 7.57
CA ALA A 164 -16.12 -14.27 6.53
C ALA A 164 -15.66 -15.51 5.78
N HIS A 165 -15.45 -16.59 6.54
CA HIS A 165 -15.07 -17.90 6.00
C HIS A 165 -16.13 -18.39 5.01
N ALA A 166 -17.38 -18.26 5.38
CA ALA A 166 -18.48 -18.71 4.55
C ALA A 166 -18.45 -17.99 3.22
N ILE A 167 -18.30 -16.68 3.28
CA ILE A 167 -18.25 -15.85 2.08
C ILE A 167 -17.14 -16.30 1.14
N VAL A 168 -15.95 -16.48 1.70
CA VAL A 168 -14.78 -16.89 0.92
C VAL A 168 -14.98 -18.27 0.28
N SER A 169 -15.50 -19.19 1.06
CA SER A 169 -15.62 -20.56 0.62
C SER A 169 -16.82 -20.77 -0.31
N VAL A 170 -17.90 -20.07 -0.04
CA VAL A 170 -19.11 -20.17 -0.83
C VAL A 170 -18.98 -19.37 -2.14
N ASN A 171 -18.00 -18.49 -2.19
CA ASN A 171 -17.72 -17.65 -3.34
C ASN A 171 -17.45 -18.47 -4.61
N GLY A 172 -18.49 -18.63 -5.40
CA GLY A 172 -18.36 -19.30 -6.66
C GLY A 172 -18.76 -20.75 -6.59
N THR A 173 -19.50 -21.11 -5.56
CA THR A 173 -19.92 -22.48 -5.43
C THR A 173 -21.31 -22.67 -6.01
N THR A 174 -21.86 -23.84 -5.84
CA THR A 174 -23.14 -24.14 -6.37
C THR A 174 -23.95 -24.85 -5.30
N ILE A 175 -25.06 -24.27 -4.92
CA ILE A 175 -25.91 -24.84 -3.91
C ILE A 175 -27.06 -25.52 -4.54
N GLU A 176 -27.02 -26.80 -4.43
CA GLU A 176 -28.01 -27.75 -4.93
C GLU A 176 -28.50 -27.46 -6.37
N GLY A 177 -27.58 -27.01 -7.21
CA GLY A 177 -27.91 -26.74 -8.60
C GLY A 177 -27.76 -25.27 -8.96
N HIS A 178 -27.92 -24.40 -8.00
CA HIS A 178 -27.83 -22.96 -8.26
C HIS A 178 -26.47 -22.41 -7.90
N VAL A 179 -25.82 -21.77 -8.85
CA VAL A 179 -24.51 -21.15 -8.64
C VAL A 179 -24.70 -19.95 -7.73
N VAL A 180 -23.92 -19.87 -6.68
CA VAL A 180 -24.10 -18.84 -5.70
C VAL A 180 -22.91 -17.88 -5.55
N LYS A 181 -23.25 -16.70 -5.13
CA LYS A 181 -22.32 -15.63 -4.91
C LYS A 181 -22.51 -15.11 -3.51
N CYS A 182 -21.44 -14.95 -2.75
CA CYS A 182 -21.58 -14.36 -1.44
C CYS A 182 -20.77 -13.09 -1.24
N TYR A 183 -21.27 -12.29 -0.29
CA TYR A 183 -20.69 -11.03 0.23
C TYR A 183 -21.30 -10.85 1.62
N TRP A 184 -21.10 -9.70 2.22
CA TRP A 184 -21.70 -9.42 3.52
C TRP A 184 -23.14 -8.98 3.37
N GLY A 185 -23.92 -9.24 4.38
CA GLY A 185 -25.28 -8.83 4.41
C GLY A 185 -25.57 -8.16 5.73
N LYS A 186 -26.82 -7.86 5.99
CA LYS A 186 -27.18 -7.22 7.21
C LYS A 186 -28.21 -8.04 7.94
N GLY A 1 -15.92 1.54 16.94
CA GLY A 1 -15.42 0.80 18.11
C GLY A 1 -15.75 -0.65 17.92
N ALA A 2 -16.03 -1.35 19.00
CA ALA A 2 -16.46 -2.73 18.89
C ALA A 2 -17.92 -2.70 18.47
N MET A 3 -18.14 -2.83 17.19
CA MET A 3 -19.47 -2.69 16.65
C MET A 3 -20.24 -3.99 16.81
N ALA A 4 -20.86 -4.14 17.99
CA ALA A 4 -21.71 -5.29 18.37
C ALA A 4 -20.91 -6.59 18.46
N ASN A 5 -21.58 -7.67 18.79
CA ASN A 5 -20.93 -8.97 18.89
C ASN A 5 -21.09 -9.71 17.57
N HIS A 6 -21.96 -9.19 16.73
CA HIS A 6 -22.37 -9.89 15.52
C HIS A 6 -21.51 -9.47 14.35
N PHE A 7 -21.39 -10.34 13.38
CA PHE A 7 -20.64 -10.06 12.20
C PHE A 7 -21.49 -10.46 11.00
N HIS A 8 -21.46 -9.66 9.97
CA HIS A 8 -22.21 -9.96 8.78
C HIS A 8 -21.25 -10.41 7.70
N VAL A 9 -21.61 -11.45 7.01
CA VAL A 9 -20.82 -12.03 5.97
C VAL A 9 -21.61 -11.97 4.67
N PHE A 10 -20.95 -11.62 3.60
CA PHE A 10 -21.57 -11.59 2.31
C PHE A 10 -21.19 -12.86 1.58
N VAL A 11 -22.16 -13.59 1.11
CA VAL A 11 -21.89 -14.83 0.46
C VAL A 11 -22.08 -14.66 -1.05
N GLY A 12 -21.19 -15.22 -1.82
CA GLY A 12 -21.25 -15.07 -3.25
C GLY A 12 -20.87 -16.35 -3.92
N ASP A 13 -20.99 -16.37 -5.25
CA ASP A 13 -20.68 -17.55 -6.09
C ASP A 13 -21.59 -18.70 -5.65
N LEU A 14 -22.82 -18.36 -5.40
CA LEU A 14 -23.78 -19.33 -4.97
C LEU A 14 -24.38 -20.01 -6.16
N SER A 15 -24.36 -21.30 -6.11
CA SER A 15 -24.93 -22.10 -7.13
C SER A 15 -26.48 -22.01 -7.03
N PRO A 16 -27.20 -22.13 -8.17
CA PRO A 16 -28.67 -21.97 -8.21
C PRO A 16 -29.45 -22.94 -7.30
N GLU A 17 -28.88 -24.08 -7.01
CA GLU A 17 -29.52 -25.07 -6.18
C GLU A 17 -29.39 -24.73 -4.70
N ILE A 18 -28.49 -23.81 -4.40
CA ILE A 18 -28.26 -23.39 -3.04
C ILE A 18 -29.29 -22.35 -2.67
N THR A 19 -29.78 -22.45 -1.49
CA THR A 19 -30.84 -21.62 -1.06
C THR A 19 -30.58 -21.14 0.38
N THR A 20 -31.42 -20.23 0.86
CA THR A 20 -31.34 -19.66 2.19
C THR A 20 -31.34 -20.78 3.24
N GLU A 21 -32.23 -21.72 3.03
CA GLU A 21 -32.40 -22.88 3.88
C GLU A 21 -31.12 -23.72 3.92
N ASP A 22 -30.44 -23.81 2.76
CA ASP A 22 -29.21 -24.59 2.63
C ASP A 22 -28.08 -23.94 3.38
N ILE A 23 -27.92 -22.63 3.19
CA ILE A 23 -26.87 -21.88 3.87
C ILE A 23 -27.04 -21.92 5.38
N LYS A 24 -28.30 -21.82 5.84
CA LYS A 24 -28.60 -21.91 7.26
C LYS A 24 -28.05 -23.19 7.86
N ALA A 25 -28.32 -24.30 7.19
CA ALA A 25 -27.85 -25.59 7.64
C ALA A 25 -26.33 -25.75 7.47
N ALA A 26 -25.83 -25.35 6.31
CA ALA A 26 -24.42 -25.51 5.96
C ALA A 26 -23.48 -24.71 6.86
N PHE A 27 -23.85 -23.50 7.18
CA PHE A 27 -22.99 -22.64 7.98
C PHE A 27 -23.19 -22.83 9.48
N ALA A 28 -24.29 -23.48 9.87
CA ALA A 28 -24.62 -23.73 11.30
C ALA A 28 -23.48 -24.44 12.11
N PRO A 29 -22.78 -25.49 11.56
CA PRO A 29 -21.66 -26.13 12.27
C PRO A 29 -20.49 -25.17 12.50
N PHE A 30 -20.33 -24.20 11.61
CA PHE A 30 -19.20 -23.28 11.69
C PHE A 30 -19.52 -22.11 12.61
N GLY A 31 -20.71 -21.57 12.47
CA GLY A 31 -21.05 -20.43 13.25
C GLY A 31 -22.51 -20.38 13.62
N ARG A 32 -22.79 -19.82 14.78
CA ARG A 32 -24.13 -19.61 15.20
C ARG A 32 -24.71 -18.47 14.38
N ILE A 33 -25.77 -18.75 13.68
CA ILE A 33 -26.33 -17.86 12.73
C ILE A 33 -27.58 -17.22 13.29
N SER A 34 -27.67 -15.92 13.23
CA SER A 34 -28.88 -15.23 13.64
C SER A 34 -29.86 -15.33 12.47
N ASP A 35 -29.30 -15.19 11.28
CA ASP A 35 -30.05 -15.31 10.03
C ASP A 35 -29.08 -15.45 8.89
N ALA A 36 -29.49 -16.15 7.89
CA ALA A 36 -28.71 -16.42 6.72
C ALA A 36 -29.67 -16.32 5.62
N ARG A 37 -29.28 -15.77 4.53
CA ARG A 37 -30.20 -15.53 3.48
C ARG A 37 -29.52 -15.51 2.16
N VAL A 38 -30.24 -15.97 1.21
CA VAL A 38 -29.83 -15.97 -0.16
C VAL A 38 -30.86 -15.21 -0.91
N VAL A 39 -30.47 -14.30 -1.75
CA VAL A 39 -31.45 -13.64 -2.50
C VAL A 39 -31.62 -14.41 -3.79
N LYS A 40 -32.67 -15.15 -3.81
CA LYS A 40 -33.00 -16.07 -4.83
C LYS A 40 -34.10 -15.53 -5.70
N ASP A 41 -34.31 -16.13 -6.82
CA ASP A 41 -35.36 -15.75 -7.74
C ASP A 41 -36.73 -16.23 -7.24
N MET A 42 -37.70 -15.37 -7.35
CA MET A 42 -39.07 -15.63 -6.94
C MET A 42 -39.75 -16.76 -7.71
N ALA A 43 -39.41 -16.91 -8.97
CA ALA A 43 -40.10 -17.85 -9.86
C ALA A 43 -39.61 -19.28 -9.72
N THR A 44 -38.32 -19.46 -9.80
CA THR A 44 -37.78 -20.78 -9.74
C THR A 44 -37.29 -21.12 -8.32
N GLY A 45 -37.25 -20.09 -7.47
CA GLY A 45 -36.81 -20.27 -6.09
C GLY A 45 -35.33 -20.56 -5.98
N LYS A 46 -34.61 -20.22 -7.03
CA LYS A 46 -33.21 -20.56 -7.12
C LYS A 46 -32.33 -19.38 -6.91
N SER A 47 -31.18 -19.60 -6.30
CA SER A 47 -30.23 -18.56 -6.00
C SER A 47 -29.82 -17.81 -7.24
N LYS A 48 -29.63 -16.51 -7.09
CA LYS A 48 -29.16 -15.72 -8.20
C LYS A 48 -27.67 -15.50 -8.05
N GLY A 49 -27.08 -16.25 -7.12
CA GLY A 49 -25.64 -16.26 -7.00
C GLY A 49 -25.07 -15.51 -5.81
N TYR A 50 -25.91 -14.93 -4.99
CA TYR A 50 -25.42 -14.11 -3.88
C TYR A 50 -26.38 -14.17 -2.68
N GLY A 51 -25.86 -13.83 -1.53
CA GLY A 51 -26.62 -13.85 -0.30
C GLY A 51 -25.80 -13.27 0.83
N PHE A 52 -26.26 -13.41 2.05
CA PHE A 52 -25.55 -12.89 3.20
C PHE A 52 -25.90 -13.69 4.45
N VAL A 53 -25.03 -13.69 5.43
CA VAL A 53 -25.27 -14.38 6.69
C VAL A 53 -24.87 -13.47 7.84
N SER A 54 -25.67 -13.43 8.86
CA SER A 54 -25.37 -12.67 10.03
C SER A 54 -25.21 -13.62 11.21
N PHE A 55 -24.04 -13.64 11.80
CA PHE A 55 -23.75 -14.53 12.90
C PHE A 55 -23.90 -13.80 14.22
N PHE A 56 -24.08 -14.56 15.30
CA PHE A 56 -24.23 -13.96 16.62
C PHE A 56 -22.92 -13.41 17.12
N ASN A 57 -21.87 -14.10 16.83
CA ASN A 57 -20.57 -13.68 17.23
C ASN A 57 -19.60 -13.56 16.05
N LYS A 58 -18.66 -12.65 16.18
CA LYS A 58 -17.66 -12.39 15.18
C LYS A 58 -16.78 -13.59 14.87
N TRP A 59 -16.44 -14.36 15.89
CA TRP A 59 -15.59 -15.52 15.70
C TRP A 59 -16.34 -16.62 14.97
N ASP A 60 -17.68 -16.64 15.13
CA ASP A 60 -18.53 -17.59 14.36
C ASP A 60 -18.35 -17.31 12.88
N ALA A 61 -18.39 -16.03 12.56
CA ALA A 61 -18.26 -15.56 11.20
C ALA A 61 -16.85 -15.76 10.69
N GLU A 62 -15.90 -15.51 11.56
CA GLU A 62 -14.47 -15.59 11.26
C GLU A 62 -14.14 -17.03 10.81
N ASN A 63 -14.65 -17.99 11.56
CA ASN A 63 -14.46 -19.40 11.23
C ASN A 63 -15.12 -19.74 9.90
N ALA A 64 -16.35 -19.28 9.74
CA ALA A 64 -17.13 -19.58 8.56
C ALA A 64 -16.54 -19.00 7.28
N ILE A 65 -16.10 -17.75 7.31
CA ILE A 65 -15.54 -17.10 6.11
C ILE A 65 -14.29 -17.82 5.65
N GLN A 66 -13.43 -18.16 6.60
CA GLN A 66 -12.18 -18.82 6.30
C GLN A 66 -12.36 -20.22 5.71
N GLN A 67 -13.28 -20.99 6.24
CA GLN A 67 -13.49 -22.34 5.73
C GLN A 67 -14.43 -22.40 4.54
N MET A 68 -15.50 -21.63 4.57
CA MET A 68 -16.49 -21.69 3.51
C MET A 68 -16.16 -20.81 2.33
N GLY A 69 -14.91 -20.38 2.25
CA GLY A 69 -14.45 -19.54 1.16
C GLY A 69 -14.33 -20.30 -0.16
N GLY A 70 -14.73 -21.55 -0.15
CA GLY A 70 -14.69 -22.33 -1.33
C GLY A 70 -14.87 -23.79 -1.09
N GLN A 71 -15.85 -24.14 -0.31
CA GLN A 71 -16.15 -25.53 -0.10
C GLN A 71 -17.18 -25.94 -1.08
N TRP A 72 -17.21 -27.20 -1.39
CA TRP A 72 -18.14 -27.74 -2.34
C TRP A 72 -19.51 -27.83 -1.72
N LEU A 73 -20.26 -26.78 -1.88
CA LEU A 73 -21.61 -26.73 -1.42
C LEU A 73 -22.49 -26.71 -2.63
N GLY A 74 -23.19 -27.79 -2.84
CA GLY A 74 -24.00 -27.94 -4.00
C GLY A 74 -23.23 -28.72 -5.03
N GLY A 75 -23.33 -28.32 -6.27
CA GLY A 75 -22.59 -28.96 -7.32
C GLY A 75 -21.29 -28.24 -7.64
N ARG A 76 -21.00 -27.19 -6.89
CA ARG A 76 -19.79 -26.40 -7.10
C ARG A 76 -19.31 -25.86 -5.75
N GLN A 77 -18.44 -24.88 -5.81
CA GLN A 77 -17.95 -24.22 -4.62
C GLN A 77 -18.67 -22.89 -4.50
N ILE A 78 -18.68 -22.34 -3.33
CA ILE A 78 -19.24 -21.00 -3.09
C ILE A 78 -18.14 -20.14 -2.52
N ARG A 79 -18.35 -18.84 -2.41
CA ARG A 79 -17.33 -17.97 -1.83
C ARG A 79 -17.93 -17.15 -0.73
N THR A 80 -17.08 -16.49 -0.04
CA THR A 80 -17.43 -15.66 1.08
C THR A 80 -16.71 -14.32 0.97
N ASN A 81 -17.31 -13.27 1.49
CA ASN A 81 -16.68 -11.97 1.49
C ASN A 81 -17.01 -11.30 2.83
N TRP A 82 -16.10 -10.50 3.30
CA TRP A 82 -16.21 -9.87 4.60
C TRP A 82 -17.12 -8.65 4.47
N ALA A 83 -18.09 -8.50 5.33
CA ALA A 83 -18.97 -7.34 5.27
C ALA A 83 -18.67 -6.36 6.39
N THR A 84 -18.64 -6.84 7.61
CA THR A 84 -18.38 -6.00 8.79
C THR A 84 -16.85 -5.77 9.00
N ARG A 85 -16.10 -5.93 7.93
CA ARG A 85 -14.68 -5.72 7.92
C ARG A 85 -14.26 -5.56 6.48
N LYS A 86 -13.72 -4.44 6.14
CA LYS A 86 -13.25 -4.26 4.79
C LYS A 86 -11.73 -4.16 4.82
N PRO A 87 -11.05 -4.70 3.79
CA PRO A 87 -9.59 -4.61 3.72
C PRO A 87 -9.14 -3.18 3.39
N PRO A 88 -7.95 -2.76 3.88
CA PRO A 88 -7.40 -1.43 3.60
C PRO A 88 -7.11 -1.24 2.11
N ALA A 89 -7.24 -0.02 1.67
CA ALA A 89 -7.01 0.33 0.28
C ALA A 89 -5.54 0.18 -0.09
N PRO A 90 -5.24 -0.62 -1.13
CA PRO A 90 -3.88 -0.88 -1.58
C PRO A 90 -3.29 0.34 -2.34
N LYS A 91 -2.20 0.12 -3.03
CA LYS A 91 -1.54 1.18 -3.80
C LYS A 91 -1.20 0.62 -5.17
N SER A 92 -1.94 -0.43 -5.56
CA SER A 92 -1.72 -1.15 -6.82
C SER A 92 -0.33 -1.80 -6.82
N THR A 93 0.13 -2.26 -7.96
CA THR A 93 1.41 -2.89 -8.03
C THR A 93 2.50 -1.99 -8.55
N TYR A 94 3.05 -1.28 -7.62
CA TYR A 94 4.16 -0.37 -7.82
C TYR A 94 4.57 0.18 -6.48
N GLU A 95 5.71 0.81 -6.42
CA GLU A 95 6.19 1.40 -5.21
C GLU A 95 5.71 2.84 -5.15
N SER A 96 5.35 3.29 -3.97
CA SER A 96 4.81 4.62 -3.75
C SER A 96 5.93 5.68 -3.63
N ASN A 97 7.09 5.37 -4.14
CA ASN A 97 8.22 6.25 -4.13
C ASN A 97 9.06 5.96 -5.33
N THR A 98 9.66 6.96 -5.89
CA THR A 98 10.51 6.76 -7.00
C THR A 98 11.89 6.26 -6.56
N LYS A 99 12.04 4.92 -6.59
CA LYS A 99 13.30 4.23 -6.29
C LYS A 99 14.40 4.80 -7.19
N GLN A 100 14.05 5.00 -8.42
CA GLN A 100 14.93 5.59 -9.39
C GLN A 100 14.36 6.94 -9.73
N LEU A 101 15.19 7.90 -9.97
CA LEU A 101 14.74 9.23 -10.25
C LEU A 101 15.08 9.58 -11.68
N SER A 102 14.15 10.18 -12.35
CA SER A 102 14.35 10.59 -13.71
C SER A 102 14.39 12.09 -13.73
N TYR A 103 15.17 12.68 -14.62
CA TYR A 103 15.35 14.14 -14.67
C TYR A 103 14.02 14.88 -14.76
N ASP A 104 13.15 14.38 -15.59
CA ASP A 104 11.81 14.96 -15.77
C ASP A 104 10.99 14.84 -14.49
N GLU A 105 11.10 13.70 -13.86
CA GLU A 105 10.41 13.41 -12.63
C GLU A 105 10.96 14.29 -11.49
N VAL A 106 12.28 14.38 -11.42
CA VAL A 106 12.97 15.19 -10.43
C VAL A 106 12.68 16.68 -10.57
N VAL A 107 12.73 17.18 -11.79
CA VAL A 107 12.51 18.61 -12.04
C VAL A 107 11.06 19.01 -11.65
N ASN A 108 10.17 18.03 -11.69
CA ASN A 108 8.76 18.20 -11.35
C ASN A 108 8.49 18.02 -9.85
N GLN A 109 9.54 17.70 -9.09
CA GLN A 109 9.37 17.44 -7.65
C GLN A 109 9.33 18.75 -6.84
N SER A 110 9.68 19.85 -7.47
CA SER A 110 9.70 21.13 -6.80
C SER A 110 9.51 22.24 -7.81
N SER A 111 9.38 23.45 -7.31
CA SER A 111 9.26 24.61 -8.14
C SER A 111 10.64 24.93 -8.75
N PRO A 112 10.67 25.39 -10.02
CA PRO A 112 11.93 25.68 -10.77
C PRO A 112 12.86 26.70 -10.09
N SER A 113 12.36 27.38 -9.08
CA SER A 113 13.15 28.34 -8.38
C SER A 113 13.99 27.67 -7.26
N ASN A 114 13.65 26.45 -6.89
CA ASN A 114 14.42 25.74 -5.89
C ASN A 114 15.68 25.15 -6.51
N CYS A 115 16.82 25.50 -6.00
CA CYS A 115 18.06 24.95 -6.50
C CYS A 115 18.80 24.19 -5.40
N THR A 116 18.07 23.77 -4.38
CA THR A 116 18.66 23.13 -3.24
C THR A 116 18.49 21.60 -3.31
N VAL A 117 19.59 20.89 -3.22
CA VAL A 117 19.61 19.44 -3.23
C VAL A 117 19.85 18.90 -1.82
N TYR A 118 19.10 17.90 -1.48
CA TYR A 118 19.22 17.20 -0.22
C TYR A 118 19.92 15.89 -0.51
N CYS A 119 21.04 15.69 0.09
CA CYS A 119 21.79 14.47 -0.05
C CYS A 119 21.79 13.76 1.28
N GLY A 120 21.43 12.49 1.31
CA GLY A 120 21.48 11.78 2.57
C GLY A 120 22.12 10.43 2.43
N GLY A 121 22.77 9.98 3.50
CA GLY A 121 23.38 8.66 3.51
C GLY A 121 24.87 8.66 3.88
N VAL A 122 25.39 9.80 4.34
CA VAL A 122 26.81 9.87 4.73
C VAL A 122 26.88 10.30 6.17
N THR A 123 27.20 9.40 7.04
CA THR A 123 27.23 9.67 8.45
C THR A 123 28.58 10.26 8.94
N SER A 124 29.64 9.84 8.33
CA SER A 124 30.96 10.12 8.86
C SER A 124 31.91 10.66 7.78
N GLY A 125 32.67 11.68 8.14
CA GLY A 125 33.63 12.24 7.21
C GLY A 125 32.98 13.17 6.23
N LEU A 126 31.70 13.39 6.44
CA LEU A 126 30.90 14.23 5.60
C LEU A 126 31.35 15.68 5.77
N THR A 127 32.14 16.12 4.85
CA THR A 127 32.65 17.44 4.87
C THR A 127 32.04 18.23 3.75
N GLU A 128 32.21 19.54 3.81
CA GLU A 128 31.73 20.40 2.78
C GLU A 128 32.46 20.13 1.46
N GLN A 129 33.73 19.82 1.58
CA GLN A 129 34.57 19.49 0.47
C GLN A 129 34.12 18.21 -0.20
N LEU A 130 33.86 17.17 0.60
CA LEU A 130 33.45 15.87 0.07
C LEU A 130 32.22 15.99 -0.83
N MET A 131 31.24 16.74 -0.38
CA MET A 131 30.03 16.91 -1.18
C MET A 131 30.31 17.80 -2.37
N ARG A 132 31.11 18.82 -2.15
CA ARG A 132 31.49 19.76 -3.20
C ARG A 132 32.17 19.02 -4.36
N GLN A 133 33.12 18.15 -4.03
CA GLN A 133 33.87 17.38 -5.01
C GLN A 133 32.95 16.46 -5.81
N THR A 134 31.95 15.94 -5.15
CA THR A 134 31.02 15.02 -5.77
C THR A 134 30.02 15.77 -6.68
N PHE A 135 29.40 16.80 -6.15
CA PHE A 135 28.40 17.59 -6.85
C PHE A 135 28.92 18.47 -7.99
N SER A 136 30.14 18.97 -7.85
CA SER A 136 30.76 19.90 -8.79
C SER A 136 30.71 19.44 -10.29
N PRO A 137 31.08 18.17 -10.63
CA PRO A 137 30.98 17.69 -12.02
C PRO A 137 29.53 17.63 -12.54
N PHE A 138 28.56 17.72 -11.64
CA PHE A 138 27.17 17.63 -12.04
C PHE A 138 26.57 19.00 -12.25
N GLY A 139 27.01 19.97 -11.47
CA GLY A 139 26.52 21.31 -11.67
C GLY A 139 27.31 22.35 -10.90
N GLN A 140 26.99 23.63 -11.12
CA GLN A 140 27.68 24.71 -10.45
C GLN A 140 27.11 24.87 -9.06
N ILE A 141 27.94 24.71 -8.10
CA ILE A 141 27.54 24.77 -6.73
C ILE A 141 27.76 26.17 -6.18
N MET A 142 26.78 26.67 -5.46
CA MET A 142 26.88 27.99 -4.87
C MET A 142 26.97 27.91 -3.36
N GLU A 143 26.46 26.82 -2.77
CA GLU A 143 26.40 26.71 -1.33
C GLU A 143 26.46 25.23 -0.93
N ILE A 144 27.13 24.96 0.18
CA ILE A 144 27.28 23.62 0.72
C ILE A 144 26.99 23.65 2.23
N ARG A 145 26.04 22.87 2.66
CA ARG A 145 25.74 22.67 4.05
C ARG A 145 25.79 21.20 4.34
N VAL A 146 26.55 20.81 5.33
CA VAL A 146 26.68 19.40 5.65
C VAL A 146 26.35 19.15 7.10
N PHE A 147 25.75 18.02 7.37
CA PHE A 147 25.35 17.63 8.71
C PHE A 147 25.60 16.14 8.89
N PRO A 148 26.83 15.75 9.28
CA PRO A 148 27.19 14.32 9.50
C PRO A 148 26.41 13.71 10.66
N ASP A 149 25.91 14.58 11.53
CA ASP A 149 25.17 14.17 12.74
C ASP A 149 23.90 13.40 12.40
N LYS A 150 23.26 13.80 11.35
CA LYS A 150 22.09 13.10 10.87
C LYS A 150 22.34 12.42 9.53
N GLY A 151 23.55 12.59 9.02
CA GLY A 151 23.94 11.96 7.79
C GLY A 151 23.36 12.57 6.53
N TYR A 152 23.26 13.90 6.47
CA TYR A 152 22.71 14.54 5.28
C TYR A 152 23.42 15.85 4.99
N SER A 153 23.19 16.38 3.81
CA SER A 153 23.75 17.65 3.39
C SER A 153 22.78 18.39 2.46
N PHE A 154 22.96 19.70 2.36
CA PHE A 154 22.22 20.52 1.44
C PHE A 154 23.19 21.14 0.48
N VAL A 155 23.05 20.83 -0.75
CA VAL A 155 23.90 21.37 -1.79
C VAL A 155 23.05 22.25 -2.67
N ARG A 156 23.35 23.50 -2.68
CA ARG A 156 22.59 24.42 -3.44
C ARG A 156 23.36 24.86 -4.67
N PHE A 157 22.68 24.77 -5.79
CA PHE A 157 23.27 25.00 -7.08
C PHE A 157 22.91 26.35 -7.63
N ASN A 158 23.59 26.69 -8.71
CA ASN A 158 23.39 27.93 -9.42
C ASN A 158 22.09 27.89 -10.19
N SER A 159 21.73 26.73 -10.68
CA SER A 159 20.54 26.63 -11.44
C SER A 159 19.77 25.34 -11.12
N HIS A 160 18.52 25.31 -11.54
CA HIS A 160 17.59 24.22 -11.22
C HIS A 160 17.97 22.97 -11.99
N GLU A 161 18.39 23.17 -13.23
CA GLU A 161 18.79 22.08 -14.13
C GLU A 161 19.96 21.34 -13.51
N SER A 162 20.93 22.13 -13.05
CA SER A 162 22.12 21.63 -12.39
C SER A 162 21.75 20.83 -11.15
N ALA A 163 20.79 21.34 -10.41
CA ALA A 163 20.38 20.72 -9.17
C ALA A 163 19.63 19.42 -9.42
N ALA A 164 18.75 19.44 -10.42
CA ALA A 164 17.99 18.26 -10.77
C ALA A 164 18.90 17.18 -11.31
N HIS A 165 19.86 17.60 -12.14
CA HIS A 165 20.86 16.70 -12.71
C HIS A 165 21.65 16.00 -11.61
N ALA A 166 22.07 16.76 -10.62
CA ALA A 166 22.85 16.23 -9.53
C ALA A 166 22.06 15.15 -8.81
N ILE A 167 20.82 15.47 -8.49
CA ILE A 167 19.93 14.54 -7.80
C ILE A 167 19.79 13.24 -8.58
N VAL A 168 19.53 13.36 -9.87
CA VAL A 168 19.35 12.19 -10.75
C VAL A 168 20.62 11.33 -10.78
N SER A 169 21.75 11.98 -10.91
CA SER A 169 23.00 11.27 -11.08
C SER A 169 23.50 10.68 -9.76
N VAL A 170 23.29 11.39 -8.67
CA VAL A 170 23.70 10.93 -7.36
C VAL A 170 22.72 9.87 -6.81
N ASN A 171 21.54 9.82 -7.39
CA ASN A 171 20.51 8.89 -6.98
C ASN A 171 20.95 7.45 -7.19
N GLY A 172 21.37 6.85 -6.12
CA GLY A 172 21.75 5.47 -6.17
C GLY A 172 23.23 5.29 -6.18
N THR A 173 23.96 6.36 -5.91
CA THR A 173 25.40 6.24 -5.86
C THR A 173 25.83 5.73 -4.50
N THR A 174 27.09 5.48 -4.33
CA THR A 174 27.53 4.93 -3.09
C THR A 174 28.67 5.76 -2.50
N ILE A 175 28.42 6.32 -1.35
CA ILE A 175 29.39 7.09 -0.60
C ILE A 175 29.41 6.51 0.78
N GLU A 176 30.60 6.42 1.37
CA GLU A 176 30.81 5.84 2.71
C GLU A 176 30.25 4.38 2.75
N GLY A 177 30.37 3.68 1.63
CA GLY A 177 29.86 2.32 1.55
C GLY A 177 28.32 2.24 1.57
N HIS A 178 27.68 3.37 1.79
CA HIS A 178 26.26 3.47 1.87
C HIS A 178 25.69 3.98 0.57
N VAL A 179 24.56 3.49 0.20
CA VAL A 179 23.89 3.94 -1.00
C VAL A 179 23.23 5.26 -0.68
N VAL A 180 23.68 6.29 -1.31
CA VAL A 180 23.18 7.61 -1.05
C VAL A 180 22.15 8.00 -2.08
N LYS A 181 21.18 8.74 -1.64
CA LYS A 181 20.12 9.18 -2.51
C LYS A 181 19.93 10.65 -2.34
N CYS A 182 19.56 11.31 -3.39
CA CYS A 182 19.28 12.72 -3.33
C CYS A 182 17.83 13.05 -3.64
N TYR A 183 17.42 14.20 -3.18
CA TYR A 183 16.12 14.81 -3.41
C TYR A 183 16.31 16.30 -3.31
N TRP A 184 15.23 17.04 -3.33
CA TRP A 184 15.32 18.47 -3.15
C TRP A 184 15.40 18.80 -1.68
N GLY A 185 16.11 19.84 -1.38
CA GLY A 185 16.26 20.28 -0.02
C GLY A 185 15.85 21.72 0.15
N LYS A 186 16.12 22.26 1.31
CA LYS A 186 15.77 23.61 1.64
C LYS A 186 16.81 24.14 2.64
N GLY A 1 -2.09 -6.04 1.79
CA GLY A 1 -2.34 -6.03 3.22
C GLY A 1 -3.76 -5.66 3.46
N ALA A 2 -4.22 -5.78 4.72
CA ALA A 2 -5.60 -5.50 5.12
C ALA A 2 -6.58 -6.47 4.45
N MET A 3 -7.86 -6.27 4.64
CA MET A 3 -8.87 -7.14 4.05
C MET A 3 -10.24 -6.47 4.07
N ALA A 4 -10.43 -5.55 3.12
CA ALA A 4 -11.71 -4.84 2.82
C ALA A 4 -12.51 -4.34 4.05
N ASN A 5 -13.73 -3.91 3.79
CA ASN A 5 -14.68 -3.58 4.87
C ASN A 5 -15.76 -4.64 4.88
N HIS A 6 -16.10 -5.09 3.70
CA HIS A 6 -17.15 -6.08 3.47
C HIS A 6 -16.53 -7.46 3.40
N PHE A 7 -17.30 -8.46 3.75
CA PHE A 7 -16.78 -9.81 3.82
C PHE A 7 -17.71 -10.76 3.10
N HIS A 8 -17.13 -11.73 2.43
CA HIS A 8 -17.88 -12.72 1.70
C HIS A 8 -17.88 -14.03 2.49
N VAL A 9 -19.04 -14.59 2.67
CA VAL A 9 -19.22 -15.80 3.44
C VAL A 9 -19.67 -16.93 2.52
N PHE A 10 -19.12 -18.12 2.74
CA PHE A 10 -19.53 -19.29 1.99
C PHE A 10 -20.51 -20.07 2.84
N VAL A 11 -21.65 -20.33 2.29
CA VAL A 11 -22.69 -21.04 2.98
C VAL A 11 -22.89 -22.38 2.28
N GLY A 12 -23.03 -23.44 3.02
CA GLY A 12 -23.19 -24.75 2.44
C GLY A 12 -24.14 -25.58 3.24
N ASP A 13 -24.40 -26.81 2.77
CA ASP A 13 -25.30 -27.79 3.45
C ASP A 13 -26.73 -27.22 3.48
N LEU A 14 -26.99 -26.39 2.49
CA LEU A 14 -28.26 -25.72 2.35
C LEU A 14 -29.34 -26.68 1.99
N SER A 15 -30.36 -26.68 2.80
CA SER A 15 -31.50 -27.49 2.59
C SER A 15 -32.22 -27.00 1.33
N PRO A 16 -32.67 -27.91 0.45
CA PRO A 16 -33.33 -27.56 -0.83
C PRO A 16 -34.60 -26.70 -0.66
N GLU A 17 -35.14 -26.69 0.55
CA GLU A 17 -36.34 -25.94 0.83
C GLU A 17 -36.00 -24.48 1.17
N ILE A 18 -34.72 -24.22 1.35
CA ILE A 18 -34.22 -22.91 1.65
C ILE A 18 -33.91 -22.22 0.33
N THR A 19 -33.98 -20.93 0.30
CA THR A 19 -33.74 -20.20 -0.88
C THR A 19 -32.87 -18.97 -0.57
N THR A 20 -32.45 -18.28 -1.60
CA THR A 20 -31.58 -17.14 -1.51
C THR A 20 -32.15 -16.04 -0.58
N GLU A 21 -33.41 -15.76 -0.78
CA GLU A 21 -34.13 -14.76 -0.02
C GLU A 21 -34.29 -15.17 1.44
N ASP A 22 -34.45 -16.47 1.66
CA ASP A 22 -34.54 -17.03 3.02
C ASP A 22 -33.25 -16.73 3.76
N ILE A 23 -32.13 -16.96 3.09
CA ILE A 23 -30.80 -16.68 3.63
C ILE A 23 -30.67 -15.20 4.00
N LYS A 24 -31.16 -14.34 3.13
CA LYS A 24 -31.12 -12.90 3.36
C LYS A 24 -31.85 -12.54 4.65
N ALA A 25 -33.02 -13.12 4.83
CA ALA A 25 -33.81 -12.89 6.02
C ALA A 25 -33.18 -13.55 7.27
N ALA A 26 -32.69 -14.76 7.10
CA ALA A 26 -32.12 -15.55 8.19
C ALA A 26 -30.84 -14.95 8.74
N PHE A 27 -29.97 -14.52 7.87
CA PHE A 27 -28.69 -13.98 8.30
C PHE A 27 -28.77 -12.51 8.69
N ALA A 28 -29.85 -11.83 8.29
CA ALA A 28 -30.04 -10.39 8.58
C ALA A 28 -29.91 -10.01 10.09
N PRO A 29 -30.55 -10.74 11.05
CA PRO A 29 -30.42 -10.44 12.49
C PRO A 29 -28.99 -10.64 13.02
N PHE A 30 -28.18 -11.34 12.25
CA PHE A 30 -26.82 -11.64 12.68
C PHE A 30 -25.82 -10.69 12.03
N GLY A 31 -26.23 -10.01 10.98
CA GLY A 31 -25.34 -9.10 10.31
C GLY A 31 -26.00 -8.44 9.12
N ARG A 32 -25.51 -7.28 8.77
CA ARG A 32 -26.04 -6.50 7.67
C ARG A 32 -25.54 -7.08 6.35
N ILE A 33 -26.47 -7.47 5.52
CA ILE A 33 -26.19 -8.11 4.27
C ILE A 33 -26.51 -7.13 3.18
N SER A 34 -25.66 -7.00 2.22
CA SER A 34 -25.98 -6.19 1.09
C SER A 34 -26.72 -7.04 0.07
N ASP A 35 -26.28 -8.29 -0.06
CA ASP A 35 -26.90 -9.28 -0.94
C ASP A 35 -26.36 -10.67 -0.61
N ALA A 36 -27.10 -11.67 -0.96
CA ALA A 36 -26.75 -13.04 -0.73
C ALA A 36 -27.14 -13.80 -1.95
N ARG A 37 -26.49 -14.88 -2.26
CA ARG A 37 -26.79 -15.58 -3.47
C ARG A 37 -26.46 -17.04 -3.35
N VAL A 38 -27.33 -17.86 -3.85
CA VAL A 38 -27.21 -19.28 -3.73
C VAL A 38 -27.17 -19.90 -5.09
N VAL A 39 -26.45 -20.99 -5.22
CA VAL A 39 -26.56 -21.79 -6.39
C VAL A 39 -27.88 -22.50 -6.21
N LYS A 40 -28.84 -22.07 -6.94
CA LYS A 40 -30.18 -22.46 -6.75
C LYS A 40 -30.76 -22.81 -8.07
N ASP A 41 -31.86 -23.45 -8.03
CA ASP A 41 -32.59 -23.75 -9.20
C ASP A 41 -33.29 -22.49 -9.61
N MET A 42 -33.03 -22.04 -10.80
CA MET A 42 -33.63 -20.82 -11.28
C MET A 42 -35.14 -20.88 -11.41
N ALA A 43 -35.66 -22.04 -11.76
CA ALA A 43 -37.08 -22.18 -12.02
C ALA A 43 -37.88 -22.38 -10.74
N THR A 44 -37.40 -23.24 -9.88
CA THR A 44 -38.13 -23.55 -8.67
C THR A 44 -37.68 -22.72 -7.46
N GLY A 45 -36.51 -22.10 -7.55
CA GLY A 45 -36.03 -21.27 -6.48
C GLY A 45 -35.32 -22.07 -5.39
N LYS A 46 -35.28 -23.37 -5.57
CA LYS A 46 -34.75 -24.28 -4.58
C LYS A 46 -33.23 -24.32 -4.64
N SER A 47 -32.59 -24.18 -3.51
CA SER A 47 -31.15 -24.22 -3.42
C SER A 47 -30.58 -25.57 -3.86
N LYS A 48 -29.42 -25.54 -4.50
CA LYS A 48 -28.75 -26.75 -4.94
C LYS A 48 -27.84 -27.27 -3.84
N GLY A 49 -27.74 -26.52 -2.75
CA GLY A 49 -26.97 -27.00 -1.63
C GLY A 49 -25.93 -26.01 -1.09
N TYR A 50 -25.60 -24.99 -1.84
CA TYR A 50 -24.56 -24.05 -1.37
C TYR A 50 -24.71 -22.67 -1.98
N GLY A 51 -24.08 -21.70 -1.35
CA GLY A 51 -24.18 -20.33 -1.79
C GLY A 51 -23.17 -19.43 -1.10
N PHE A 52 -23.38 -18.14 -1.23
CA PHE A 52 -22.50 -17.13 -0.67
C PHE A 52 -23.33 -15.97 -0.15
N VAL A 53 -22.83 -15.30 0.86
CA VAL A 53 -23.48 -14.11 1.39
C VAL A 53 -22.46 -12.99 1.44
N SER A 54 -22.85 -11.81 1.06
CA SER A 54 -21.98 -10.69 1.12
C SER A 54 -22.50 -9.70 2.16
N PHE A 55 -21.73 -9.50 3.18
CA PHE A 55 -22.11 -8.61 4.24
C PHE A 55 -21.50 -7.26 4.03
N PHE A 56 -22.17 -6.25 4.56
CA PHE A 56 -21.74 -4.88 4.46
C PHE A 56 -20.44 -4.68 5.25
N ASN A 57 -20.33 -5.41 6.33
CA ASN A 57 -19.17 -5.34 7.15
C ASN A 57 -18.69 -6.72 7.56
N LYS A 58 -17.39 -6.84 7.62
CA LYS A 58 -16.72 -8.06 7.95
C LYS A 58 -17.02 -8.62 9.34
N TRP A 59 -17.22 -7.76 10.32
CA TRP A 59 -17.52 -8.25 11.66
C TRP A 59 -18.92 -8.83 11.65
N ASP A 60 -19.79 -8.21 10.85
CA ASP A 60 -21.18 -8.68 10.67
C ASP A 60 -21.15 -10.08 10.11
N ALA A 61 -20.28 -10.27 9.15
CA ALA A 61 -20.13 -11.53 8.48
C ALA A 61 -19.57 -12.59 9.39
N GLU A 62 -18.53 -12.23 10.12
CA GLU A 62 -17.79 -13.15 10.97
C GLU A 62 -18.75 -13.71 12.05
N ASN A 63 -19.48 -12.82 12.69
CA ASN A 63 -20.37 -13.20 13.76
C ASN A 63 -21.52 -14.03 13.23
N ALA A 64 -21.98 -13.71 12.04
CA ALA A 64 -23.02 -14.46 11.39
C ALA A 64 -22.55 -15.89 11.11
N ILE A 65 -21.29 -16.03 10.68
CA ILE A 65 -20.70 -17.35 10.40
C ILE A 65 -20.73 -18.22 11.64
N GLN A 66 -20.32 -17.67 12.75
CA GLN A 66 -20.33 -18.40 14.01
C GLN A 66 -21.75 -18.73 14.49
N GLN A 67 -22.65 -17.76 14.43
CA GLN A 67 -24.02 -17.95 14.90
C GLN A 67 -24.84 -18.89 14.03
N MET A 68 -24.58 -18.88 12.76
CA MET A 68 -25.27 -19.75 11.83
C MET A 68 -24.46 -20.98 11.54
N GLY A 69 -23.45 -21.23 12.38
CA GLY A 69 -22.56 -22.39 12.22
C GLY A 69 -23.24 -23.73 12.50
N GLY A 70 -24.29 -24.00 11.79
CA GLY A 70 -25.03 -25.21 11.96
C GLY A 70 -26.29 -25.00 12.72
N GLN A 71 -27.00 -23.96 12.38
CA GLN A 71 -28.23 -23.66 13.01
C GLN A 71 -29.35 -24.23 12.17
N TRP A 72 -30.39 -24.69 12.82
CA TRP A 72 -31.51 -25.28 12.17
C TRP A 72 -32.31 -24.22 11.41
N LEU A 73 -31.97 -24.06 10.17
CA LEU A 73 -32.68 -23.18 9.29
C LEU A 73 -33.64 -23.98 8.43
N GLY A 74 -34.90 -23.64 8.51
CA GLY A 74 -35.93 -24.35 7.78
C GLY A 74 -36.33 -25.64 8.46
N GLY A 75 -35.44 -26.61 8.39
CA GLY A 75 -35.70 -27.90 9.01
C GLY A 75 -34.44 -28.73 9.12
N ARG A 76 -33.30 -28.13 8.85
CA ARG A 76 -32.02 -28.80 8.91
C ARG A 76 -30.99 -27.79 9.29
N GLN A 77 -29.80 -28.23 9.54
CA GLN A 77 -28.72 -27.33 9.83
C GLN A 77 -28.06 -26.97 8.52
N ILE A 78 -27.54 -25.79 8.43
CA ILE A 78 -26.75 -25.39 7.28
C ILE A 78 -25.38 -25.06 7.79
N ARG A 79 -24.39 -24.98 6.95
CA ARG A 79 -23.06 -24.68 7.43
C ARG A 79 -22.57 -23.41 6.84
N THR A 80 -21.54 -22.93 7.42
CA THR A 80 -20.95 -21.67 7.09
C THR A 80 -19.44 -21.73 7.29
N ASN A 81 -18.71 -20.92 6.57
CA ASN A 81 -17.27 -20.76 6.77
C ASN A 81 -16.84 -19.47 6.14
N TRP A 82 -15.70 -18.97 6.55
CA TRP A 82 -15.18 -17.72 6.05
C TRP A 82 -14.70 -17.94 4.61
N ALA A 83 -15.14 -17.10 3.69
CA ALA A 83 -14.75 -17.26 2.29
C ALA A 83 -13.62 -16.32 1.97
N THR A 84 -13.75 -15.09 2.44
CA THR A 84 -12.69 -14.14 2.28
C THR A 84 -11.58 -14.58 3.23
N ARG A 85 -10.42 -14.82 2.72
CA ARG A 85 -9.39 -15.46 3.50
C ARG A 85 -8.02 -14.99 3.05
N LYS A 86 -7.82 -15.00 1.76
CA LYS A 86 -6.59 -14.51 1.15
C LYS A 86 -6.63 -12.97 1.05
N PRO A 87 -5.78 -12.26 1.85
CA PRO A 87 -5.72 -10.80 1.81
C PRO A 87 -5.11 -10.26 0.49
N PRO A 88 -5.57 -9.07 0.05
CA PRO A 88 -5.10 -8.43 -1.18
C PRO A 88 -3.64 -7.99 -1.13
N ALA A 89 -3.03 -7.87 -2.30
CA ALA A 89 -1.64 -7.47 -2.46
C ALA A 89 -1.49 -5.95 -2.27
N PRO A 90 -0.29 -5.49 -1.82
CA PRO A 90 -0.02 -4.05 -1.61
C PRO A 90 0.04 -3.27 -2.94
N LYS A 91 0.44 -2.02 -2.87
CA LYS A 91 0.55 -1.20 -4.05
C LYS A 91 1.92 -0.60 -4.20
N SER A 92 2.75 -1.29 -4.94
CA SER A 92 4.12 -0.88 -5.23
C SER A 92 4.57 -1.58 -6.51
N THR A 93 3.68 -1.65 -7.46
CA THR A 93 3.93 -2.40 -8.67
C THR A 93 3.28 -1.69 -9.88
N TYR A 94 2.99 -0.42 -9.73
CA TYR A 94 2.29 0.30 -10.82
C TYR A 94 3.06 1.52 -11.20
N GLU A 95 3.92 1.90 -10.32
CA GLU A 95 4.66 3.10 -10.44
C GLU A 95 5.50 3.10 -11.71
N SER A 96 5.15 3.96 -12.64
CA SER A 96 5.83 4.05 -13.93
C SER A 96 6.98 5.07 -13.83
N ASN A 97 7.36 5.35 -12.62
CA ASN A 97 8.41 6.28 -12.28
C ASN A 97 9.66 5.46 -11.98
N THR A 98 10.58 6.01 -11.21
CA THR A 98 11.82 5.31 -10.89
C THR A 98 11.60 4.40 -9.62
N LYS A 99 10.35 4.01 -9.42
CA LYS A 99 9.87 3.14 -8.31
C LYS A 99 9.93 3.80 -6.92
N GLN A 100 11.05 4.35 -6.60
CA GLN A 100 11.30 5.03 -5.33
C GLN A 100 11.19 6.50 -5.59
N LEU A 101 11.96 7.29 -4.88
CA LEU A 101 12.05 8.66 -5.16
C LEU A 101 12.64 8.76 -6.55
N SER A 102 11.97 9.44 -7.37
CA SER A 102 12.18 9.27 -8.76
C SER A 102 12.94 10.38 -9.43
N TYR A 103 13.83 9.98 -10.31
CA TYR A 103 14.62 10.90 -11.09
C TYR A 103 13.71 11.82 -11.88
N ASP A 104 12.67 11.25 -12.43
CA ASP A 104 11.66 11.97 -13.19
C ASP A 104 10.92 12.97 -12.27
N GLU A 105 10.66 12.54 -11.06
CA GLU A 105 10.02 13.35 -10.04
C GLU A 105 10.95 14.48 -9.57
N VAL A 106 12.19 14.14 -9.32
CA VAL A 106 13.18 15.08 -8.84
C VAL A 106 13.54 16.12 -9.91
N VAL A 107 13.77 15.66 -11.14
CA VAL A 107 14.23 16.54 -12.22
C VAL A 107 13.17 17.61 -12.56
N ASN A 108 11.90 17.24 -12.44
CA ASN A 108 10.78 18.12 -12.76
C ASN A 108 10.53 19.16 -11.67
N GLN A 109 11.29 19.10 -10.59
CA GLN A 109 11.16 20.04 -9.50
C GLN A 109 12.03 21.27 -9.67
N SER A 110 12.74 21.33 -10.76
CA SER A 110 13.54 22.50 -11.08
C SER A 110 13.64 22.72 -12.57
N SER A 111 14.01 23.91 -12.94
CA SER A 111 14.23 24.23 -14.32
C SER A 111 15.60 23.64 -14.71
N PRO A 112 15.78 23.20 -15.97
CA PRO A 112 17.03 22.52 -16.46
C PRO A 112 18.34 23.31 -16.23
N SER A 113 18.24 24.55 -15.86
CA SER A 113 19.39 25.34 -15.60
C SER A 113 19.83 25.25 -14.12
N ASN A 114 18.97 24.73 -13.26
CA ASN A 114 19.32 24.66 -11.84
C ASN A 114 20.26 23.50 -11.60
N CYS A 115 21.41 23.80 -11.07
CA CYS A 115 22.43 22.80 -10.81
C CYS A 115 22.82 22.77 -9.31
N THR A 116 21.96 23.29 -8.45
CA THR A 116 22.30 23.39 -7.04
C THR A 116 21.57 22.32 -6.22
N VAL A 117 22.33 21.53 -5.49
CA VAL A 117 21.81 20.46 -4.64
C VAL A 117 22.07 20.77 -3.16
N TYR A 118 21.07 20.52 -2.34
CA TYR A 118 21.16 20.69 -0.91
C TYR A 118 21.44 19.35 -0.26
N CYS A 119 22.45 19.30 0.53
CA CYS A 119 22.81 18.13 1.29
C CYS A 119 22.70 18.47 2.76
N GLY A 120 22.06 17.64 3.52
CA GLY A 120 21.92 17.93 4.94
C GLY A 120 22.01 16.69 5.79
N GLY A 121 22.38 16.87 7.06
CA GLY A 121 22.42 15.75 7.99
C GLY A 121 23.79 15.51 8.59
N VAL A 122 24.81 16.12 8.03
CA VAL A 122 26.17 15.87 8.48
C VAL A 122 26.69 17.03 9.32
N THR A 123 26.59 16.89 10.60
CA THR A 123 27.08 17.91 11.52
C THR A 123 28.56 17.72 11.83
N SER A 124 29.06 16.52 11.64
CA SER A 124 30.41 16.23 11.99
C SER A 124 31.10 15.52 10.86
N GLY A 125 32.39 15.77 10.72
CA GLY A 125 33.20 15.18 9.67
C GLY A 125 32.92 15.80 8.31
N LEU A 126 32.09 16.82 8.30
CA LEU A 126 31.66 17.44 7.09
C LEU A 126 32.76 18.30 6.49
N THR A 127 33.39 17.78 5.50
CA THR A 127 34.41 18.48 4.79
C THR A 127 33.93 18.68 3.38
N GLU A 128 34.56 19.58 2.67
CA GLU A 128 34.22 19.82 1.31
C GLU A 128 34.67 18.65 0.42
N GLN A 129 35.70 17.95 0.87
CA GLN A 129 36.18 16.75 0.17
C GLN A 129 35.10 15.69 0.24
N LEU A 130 34.62 15.45 1.47
CA LEU A 130 33.68 14.37 1.75
C LEU A 130 32.46 14.45 0.87
N MET A 131 31.94 15.65 0.72
CA MET A 131 30.75 15.83 -0.08
C MET A 131 31.07 15.60 -1.54
N ARG A 132 32.15 16.19 -2.04
CA ARG A 132 32.45 16.05 -3.44
C ARG A 132 32.76 14.63 -3.81
N GLN A 133 33.50 13.95 -2.96
CA GLN A 133 33.84 12.53 -3.16
C GLN A 133 32.59 11.67 -3.28
N THR A 134 31.57 12.04 -2.53
CA THR A 134 30.32 11.34 -2.56
C THR A 134 29.53 11.69 -3.85
N PHE A 135 29.40 12.98 -4.13
CA PHE A 135 28.61 13.47 -5.25
C PHE A 135 29.21 13.17 -6.64
N SER A 136 30.54 13.18 -6.72
CA SER A 136 31.31 13.00 -7.96
C SER A 136 30.87 11.80 -8.87
N PRO A 137 30.70 10.55 -8.34
CA PRO A 137 30.27 9.42 -9.17
C PRO A 137 28.85 9.61 -9.74
N PHE A 138 28.10 10.54 -9.18
CA PHE A 138 26.75 10.77 -9.61
C PHE A 138 26.68 11.93 -10.59
N GLY A 139 27.53 12.93 -10.38
CA GLY A 139 27.58 14.06 -11.27
C GLY A 139 28.85 14.86 -11.10
N GLN A 140 29.13 15.74 -12.06
CA GLN A 140 30.35 16.51 -12.04
C GLN A 140 30.20 17.70 -11.11
N ILE A 141 31.17 17.87 -10.25
CA ILE A 141 31.13 18.87 -9.22
C ILE A 141 31.83 20.15 -9.66
N MET A 142 31.21 21.28 -9.39
CA MET A 142 31.82 22.57 -9.67
C MET A 142 32.14 23.31 -8.39
N GLU A 143 31.28 23.21 -7.40
CA GLU A 143 31.46 23.96 -6.17
C GLU A 143 30.88 23.17 -4.99
N ILE A 144 31.48 23.32 -3.83
CA ILE A 144 31.04 22.68 -2.61
C ILE A 144 31.04 23.73 -1.50
N ARG A 145 29.94 23.86 -0.83
CA ARG A 145 29.85 24.73 0.33
C ARG A 145 29.37 23.92 1.49
N VAL A 146 30.11 23.94 2.55
CA VAL A 146 29.81 23.11 3.70
C VAL A 146 29.69 23.94 4.97
N PHE A 147 28.81 23.53 5.84
CA PHE A 147 28.57 24.19 7.11
C PHE A 147 28.27 23.12 8.15
N PRO A 148 29.31 22.59 8.83
CA PRO A 148 29.14 21.49 9.80
C PRO A 148 28.38 21.92 11.07
N ASP A 149 28.40 23.20 11.34
CA ASP A 149 27.79 23.75 12.55
C ASP A 149 26.27 23.64 12.49
N LYS A 150 25.74 23.77 11.30
CA LYS A 150 24.32 23.65 11.05
C LYS A 150 24.03 22.30 10.41
N GLY A 151 25.07 21.72 9.93
CA GLY A 151 25.06 20.37 9.40
C GLY A 151 24.44 20.22 8.04
N TYR A 152 24.84 21.07 7.12
CA TYR A 152 24.34 20.99 5.76
C TYR A 152 25.40 21.48 4.80
N SER A 153 25.19 21.20 3.54
CA SER A 153 26.09 21.61 2.49
C SER A 153 25.31 21.91 1.20
N PHE A 154 25.93 22.64 0.33
CA PHE A 154 25.41 22.91 -0.99
C PHE A 154 26.40 22.41 -2.00
N VAL A 155 25.94 21.64 -2.92
CA VAL A 155 26.77 21.09 -3.95
C VAL A 155 26.32 21.64 -5.29
N ARG A 156 27.24 22.17 -6.05
CA ARG A 156 26.93 22.71 -7.34
C ARG A 156 27.46 21.78 -8.40
N PHE A 157 26.60 21.42 -9.30
CA PHE A 157 26.94 20.56 -10.42
C PHE A 157 27.06 21.39 -11.67
N ASN A 158 27.57 20.79 -12.71
CA ASN A 158 27.73 21.48 -13.98
C ASN A 158 26.56 21.17 -14.91
N SER A 159 25.78 20.19 -14.55
CA SER A 159 24.70 19.74 -15.38
C SER A 159 23.48 19.36 -14.51
N HIS A 160 22.30 19.50 -15.09
CA HIS A 160 21.04 19.33 -14.36
C HIS A 160 20.73 17.87 -14.10
N GLU A 161 20.92 17.07 -15.12
CA GLU A 161 20.71 15.62 -15.05
C GLU A 161 21.62 15.03 -13.99
N SER A 162 22.86 15.47 -14.03
CA SER A 162 23.87 15.08 -13.08
C SER A 162 23.44 15.45 -11.64
N ALA A 163 22.84 16.64 -11.50
CA ALA A 163 22.41 17.13 -10.20
C ALA A 163 21.22 16.34 -9.68
N ALA A 164 20.26 16.08 -10.55
CA ALA A 164 19.07 15.34 -10.19
C ALA A 164 19.42 13.91 -9.83
N HIS A 165 20.33 13.32 -10.60
CA HIS A 165 20.80 11.97 -10.36
C HIS A 165 21.42 11.84 -8.97
N ALA A 166 22.26 12.80 -8.62
CA ALA A 166 22.93 12.79 -7.34
C ALA A 166 21.93 12.85 -6.20
N ILE A 167 20.92 13.69 -6.36
CA ILE A 167 19.87 13.80 -5.37
C ILE A 167 19.18 12.46 -5.18
N VAL A 168 18.77 11.84 -6.29
CA VAL A 168 18.02 10.56 -6.21
C VAL A 168 18.80 9.47 -5.47
N SER A 169 20.08 9.41 -5.71
CA SER A 169 20.90 8.38 -5.16
C SER A 169 21.35 8.70 -3.73
N VAL A 170 21.69 9.94 -3.47
CA VAL A 170 22.15 10.36 -2.15
C VAL A 170 20.99 10.52 -1.15
N ASN A 171 19.79 10.73 -1.67
CA ASN A 171 18.60 10.99 -0.83
C ASN A 171 18.24 9.80 0.05
N GLY A 172 18.74 9.83 1.26
CA GLY A 172 18.45 8.79 2.23
C GLY A 172 19.61 7.84 2.44
N THR A 173 20.80 8.22 2.02
CA THR A 173 21.96 7.38 2.26
C THR A 173 22.68 7.81 3.54
N THR A 174 23.73 7.12 3.91
CA THR A 174 24.42 7.43 5.12
C THR A 174 25.94 7.43 4.92
N ILE A 175 26.62 8.49 5.35
CA ILE A 175 28.07 8.54 5.33
C ILE A 175 28.57 8.50 6.75
N GLU A 176 29.19 7.39 7.10
CA GLU A 176 29.83 7.13 8.40
C GLU A 176 29.00 7.50 9.64
N GLY A 177 27.72 7.29 9.55
CA GLY A 177 26.86 7.57 10.67
C GLY A 177 25.88 8.68 10.41
N HIS A 178 26.26 9.58 9.52
CA HIS A 178 25.38 10.69 9.22
C HIS A 178 24.52 10.39 8.03
N VAL A 179 23.24 10.39 8.27
CA VAL A 179 22.25 10.16 7.24
C VAL A 179 22.13 11.42 6.43
N VAL A 180 22.32 11.30 5.16
CA VAL A 180 22.29 12.45 4.30
C VAL A 180 20.97 12.58 3.57
N LYS A 181 20.53 13.78 3.50
CA LYS A 181 19.32 14.13 2.85
C LYS A 181 19.65 15.12 1.75
N CYS A 182 19.18 14.84 0.57
CA CYS A 182 19.40 15.74 -0.53
C CYS A 182 18.15 16.04 -1.30
N TYR A 183 18.06 17.28 -1.72
CA TYR A 183 17.00 17.83 -2.57
C TYR A 183 17.65 18.96 -3.33
N TRP A 184 16.86 19.75 -3.99
CA TRP A 184 17.40 20.91 -4.68
C TRP A 184 17.79 21.98 -3.66
N GLY A 185 18.84 22.72 -3.98
CA GLY A 185 19.34 23.75 -3.08
C GLY A 185 18.42 24.93 -3.00
N LYS A 186 17.93 25.32 -4.14
CA LYS A 186 17.01 26.41 -4.34
C LYS A 186 16.89 26.40 -5.84
#